data_9FHV
#
_entry.id   9FHV
#
_cell.length_a   198.679
_cell.length_b   89.700
_cell.length_c   146.988
_cell.angle_alpha   90.000
_cell.angle_beta   120.561
_cell.angle_gamma   90.000
#
_symmetry.space_group_name_H-M   'C 1 2 1'
#
loop_
_entity.id
_entity.type
_entity.pdbx_description
1 polymer 'Alginate lyase family protein'
2 branched 'beta-D-mannopyranuronic acid-(1-4)-alpha-L-gulopyranuronic acid-(1-4)-beta-D-mannopyranuronic acid-(1-4)-alpha-L-gulopyranuronic acid-(1-4)-beta-D-mannopyranuronic acid'
3 non-polymer 'SULFATE ION'
4 water water
#
_entity_poly.entity_id   1
_entity_poly.type   'polypeptide(L)'
_entity_poly.pdbx_seq_one_letter_code
;MGSSHHHHHHSSGLVPRGSHMASAPLGPFNATLLEQLKNDYQKGEKEVTRYIELQEKVAEKYIKMTPLSVTAKKKLPPSK
DPRDYMTLSPYWWPDSTKIDGLPYIRKDGERNPEVYEYPERENANRFGDAAYCLGVLYYITGKEVYAKACANHLRTWFTD
PKLGMNPNMTYAQAVPGMKKMRGSGFIDSRRFSRALGVAKLIEGSKSWTPSDKKKLDDWATAFCYWMENSTQGQRESHAA
NNHGLWYEAIHLMVLAYLDRTDRIREVAEQSILPKMGAQIADDGSLPQELKRTLSLHYSTFALEALMEANQITSQIGINL
WSTPASNGKVASQAVDYLYPFYLNPEDWKFKQIKPFDQSRAAILLYEAGTALGNQKYVDTAKRIGLKYSTSDVETIPYLV
LKKK
;
_entity_poly.pdbx_strand_id   A,B,C,D
#
# COMPACT_ATOMS: atom_id res chain seq x y z
N ALA A 24 15.81 -47.81 31.57
CA ALA A 24 16.54 -46.65 31.02
C ALA A 24 16.30 -45.46 31.91
N PRO A 25 17.34 -44.65 32.12
CA PRO A 25 17.15 -43.43 32.91
C PRO A 25 16.23 -42.45 32.18
N LEU A 26 15.64 -41.55 32.96
CA LEU A 26 14.81 -40.49 32.43
C LEU A 26 15.67 -39.51 31.61
N GLY A 27 15.31 -39.29 30.34
CA GLY A 27 16.04 -38.36 29.52
C GLY A 27 15.38 -38.04 28.18
N PRO A 28 16.00 -37.15 27.41
CA PRO A 28 15.39 -36.63 26.16
C PRO A 28 15.73 -37.50 24.95
N PHE A 29 14.98 -38.59 24.85
CA PHE A 29 15.16 -39.62 23.84
C PHE A 29 14.01 -40.59 23.98
N ASN A 30 13.79 -41.35 22.91
CA ASN A 30 12.85 -42.46 22.97
C ASN A 30 13.48 -43.59 23.79
N ALA A 31 13.09 -43.69 25.07
CA ALA A 31 13.70 -44.67 25.96
C ALA A 31 13.36 -46.10 25.55
N THR A 32 12.19 -46.32 24.96
CA THR A 32 11.83 -47.64 24.47
C THR A 32 12.80 -48.10 23.39
N LEU A 33 12.99 -47.28 22.35
CA LEU A 33 13.93 -47.65 21.30
C LEU A 33 15.34 -47.81 21.86
N LEU A 34 15.74 -46.97 22.81
CA LEU A 34 17.06 -47.12 23.41
C LEU A 34 17.19 -48.43 24.17
N GLU A 35 16.20 -48.76 25.00
CA GLU A 35 16.24 -50.03 25.73
C GLU A 35 16.30 -51.20 24.76
N GLN A 36 15.43 -51.19 23.76
CA GLN A 36 15.43 -52.23 22.73
C GLN A 36 16.82 -52.42 22.12
N LEU A 37 17.50 -51.31 21.81
CA LEU A 37 18.81 -51.41 21.17
C LEU A 37 19.86 -51.98 22.11
N LYS A 38 19.89 -51.52 23.36
CA LYS A 38 20.86 -52.04 24.31
C LYS A 38 20.59 -53.51 24.60
N ASN A 39 19.32 -53.85 24.76
CA ASN A 39 18.90 -55.23 24.97
C ASN A 39 19.40 -56.12 23.84
N ASP A 40 19.11 -55.75 22.58
CA ASP A 40 19.54 -56.55 21.43
C ASP A 40 21.07 -56.56 21.26
N TYR A 41 21.74 -55.43 21.51
CA TYR A 41 23.20 -55.40 21.39
C TYR A 41 23.85 -56.38 22.36
N GLN A 42 23.35 -56.44 23.59
CA GLN A 42 23.92 -57.35 24.59
C GLN A 42 23.63 -58.81 24.24
N LYS A 43 22.49 -59.09 23.62
CA LYS A 43 22.13 -60.42 23.17
C LYS A 43 22.90 -60.86 21.93
N GLY A 44 23.78 -60.01 21.41
CA GLY A 44 24.56 -60.41 20.27
C GLY A 44 23.83 -60.38 18.95
N GLU A 45 22.59 -59.88 18.93
CA GLU A 45 21.79 -59.89 17.72
C GLU A 45 22.54 -59.25 16.56
N LYS A 46 22.67 -60.02 15.47
CA LYS A 46 23.58 -59.67 14.39
C LYS A 46 23.25 -58.31 13.79
N GLU A 47 21.97 -58.05 13.52
CA GLU A 47 21.63 -56.85 12.76
C GLU A 47 21.88 -55.58 13.58
N VAL A 48 21.48 -55.59 14.85
CA VAL A 48 21.74 -54.44 15.72
C VAL A 48 23.24 -54.27 15.96
N THR A 49 23.95 -55.37 16.19
CA THR A 49 25.39 -55.31 16.47
C THR A 49 26.16 -54.59 15.36
N ARG A 50 25.92 -54.93 14.09
CA ARG A 50 26.65 -54.18 13.08
C ARG A 50 26.19 -52.72 13.03
N TYR A 51 24.91 -52.47 13.31
CA TYR A 51 24.39 -51.11 13.32
C TYR A 51 25.07 -50.28 14.40
N ILE A 52 25.18 -50.81 15.61
CA ILE A 52 25.91 -50.11 16.66
C ILE A 52 27.38 -49.97 16.28
N GLU A 53 27.93 -50.92 15.54
CA GLU A 53 29.33 -50.79 15.12
C GLU A 53 29.53 -49.66 14.12
N LEU A 54 28.59 -49.47 13.21
CA LEU A 54 28.62 -48.30 12.33
C LEU A 54 28.57 -47.00 13.14
N GLN A 55 27.60 -46.90 14.07
CA GLN A 55 27.51 -45.73 14.95
C GLN A 55 28.83 -45.50 15.67
N GLU A 56 29.46 -46.57 16.16
CA GLU A 56 30.76 -46.46 16.78
C GLU A 56 31.78 -45.88 15.80
N LYS A 57 31.69 -46.26 14.54
CA LYS A 57 32.62 -45.73 13.54
C LYS A 57 32.34 -44.26 13.28
N VAL A 58 31.07 -43.86 13.29
CA VAL A 58 30.73 -42.45 13.17
C VAL A 58 31.16 -41.66 14.41
N ALA A 59 31.02 -42.26 15.59
CA ALA A 59 31.31 -41.56 16.83
C ALA A 59 32.78 -41.36 17.08
N GLU A 60 33.66 -41.94 16.28
CA GLU A 60 35.08 -41.84 16.58
CA GLU A 60 35.09 -41.83 16.58
C GLU A 60 35.59 -40.40 16.43
N LYS A 61 34.96 -39.60 15.56
CA LYS A 61 35.41 -38.20 15.43
C LYS A 61 35.11 -37.41 16.69
N TYR A 62 34.11 -37.80 17.45
CA TYR A 62 33.75 -37.10 18.67
C TYR A 62 34.71 -37.41 19.78
N ILE A 63 35.34 -38.58 19.74
CA ILE A 63 36.34 -38.91 20.75
C ILE A 63 37.60 -38.09 20.53
N LYS A 64 37.98 -37.85 19.28
CA LYS A 64 39.16 -37.04 19.02
C LYS A 64 38.87 -35.56 19.21
N MET A 65 37.63 -35.13 18.99
CA MET A 65 37.29 -33.71 18.87
C MET A 65 37.63 -32.96 20.15
N THR A 66 38.26 -31.81 19.97
CA THR A 66 38.56 -30.91 21.08
C THR A 66 37.27 -30.34 21.67
N PRO A 67 37.11 -30.34 22.99
CA PRO A 67 35.89 -29.76 23.58
C PRO A 67 35.74 -28.29 23.23
N LEU A 68 34.52 -27.93 22.85
CA LEU A 68 34.17 -26.55 22.55
C LEU A 68 33.77 -25.83 23.83
N SER A 69 33.92 -24.51 23.82
CA SER A 69 33.56 -23.67 24.94
C SER A 69 32.91 -22.40 24.42
N VAL A 70 31.92 -21.90 25.16
CA VAL A 70 31.21 -20.69 24.74
C VAL A 70 32.15 -19.48 24.71
N THR A 71 33.28 -19.55 25.42
CA THR A 71 34.17 -18.41 25.58
C THR A 71 35.03 -18.17 24.36
N ALA A 72 34.91 -19.00 23.33
CA ALA A 72 35.80 -18.88 22.16
C ALA A 72 35.24 -17.87 21.16
N LYS A 73 35.13 -16.62 21.61
CA LYS A 73 34.62 -15.53 20.79
C LYS A 73 35.44 -14.28 21.03
N LYS A 74 35.52 -13.43 20.01
CA LYS A 74 36.25 -12.16 20.12
C LYS A 74 35.32 -11.03 20.56
N LYS A 75 34.23 -10.82 19.82
CA LYS A 75 33.23 -9.80 20.15
C LYS A 75 32.53 -10.22 21.45
N LEU A 76 32.72 -9.44 22.50
CA LEU A 76 32.06 -9.77 23.76
C LEU A 76 30.62 -9.23 23.77
N PRO A 77 29.76 -9.79 24.63
CA PRO A 77 28.42 -9.21 24.81
C PRO A 77 28.47 -8.04 25.76
N PRO A 78 27.35 -7.32 25.95
CA PRO A 78 27.38 -6.12 26.82
C PRO A 78 27.95 -6.36 28.21
N SER A 79 27.89 -7.57 28.75
CA SER A 79 28.45 -7.82 30.08
C SER A 79 29.97 -7.92 30.08
N LYS A 80 30.60 -7.99 28.91
CA LYS A 80 32.03 -8.15 28.80
C LYS A 80 32.51 -9.50 29.34
N ASP A 81 31.62 -10.49 29.39
CA ASP A 81 31.94 -11.80 29.93
C ASP A 81 31.92 -12.82 28.81
N PRO A 82 33.04 -13.42 28.43
CA PRO A 82 33.01 -14.40 27.33
C PRO A 82 32.22 -15.67 27.69
N ARG A 83 31.95 -15.91 28.97
CA ARG A 83 31.13 -17.05 29.39
C ARG A 83 29.62 -16.83 29.21
N ASP A 84 29.20 -15.64 28.77
CA ASP A 84 27.80 -15.36 28.46
C ASP A 84 27.54 -15.77 27.02
N TYR A 85 26.57 -16.67 26.83
CA TYR A 85 26.15 -17.09 25.50
C TYR A 85 25.51 -15.92 24.77
N MET A 86 25.91 -15.72 23.51
CA MET A 86 25.33 -14.66 22.68
C MET A 86 25.26 -15.10 21.23
N THR A 87 24.09 -14.94 20.62
CA THR A 87 23.92 -15.13 19.18
C THR A 87 23.08 -13.97 18.68
N LEU A 88 22.95 -13.90 17.35
CA LEU A 88 22.14 -12.89 16.70
C LEU A 88 20.82 -13.50 16.25
N SER A 89 19.73 -12.77 16.47
CA SER A 89 18.43 -13.27 16.06
C SER A 89 18.43 -13.43 14.54
N PRO A 90 18.14 -14.61 14.02
CA PRO A 90 18.55 -14.94 12.64
C PRO A 90 17.87 -14.12 11.56
N TYR A 91 16.70 -13.55 11.79
CA TYR A 91 15.96 -12.86 10.74
C TYR A 91 16.12 -11.34 10.83
N TRP A 92 17.13 -10.84 11.53
CA TRP A 92 17.30 -9.40 11.70
C TRP A 92 18.51 -8.91 10.91
N TRP A 93 18.28 -7.92 10.07
CA TRP A 93 19.23 -7.46 9.08
C TRP A 93 19.53 -5.98 9.24
N PRO A 94 20.71 -5.53 8.86
CA PRO A 94 20.98 -4.09 8.86
C PRO A 94 20.05 -3.41 7.86
N ASP A 95 19.68 -2.18 8.19
CA ASP A 95 18.85 -1.35 7.34
C ASP A 95 19.78 -0.53 6.45
N SER A 96 19.80 -0.83 5.14
CA SER A 96 20.74 -0.16 4.24
C SER A 96 20.52 1.35 4.23
N THR A 97 19.29 1.79 4.50
CA THR A 97 18.96 3.22 4.50
C THR A 97 19.35 3.95 5.79
N LYS A 98 20.23 3.41 6.63
CA LYS A 98 20.73 4.11 7.80
C LYS A 98 22.25 4.06 7.74
N ILE A 99 22.89 5.18 8.10
CA ILE A 99 24.33 5.28 7.93
C ILE A 99 25.06 4.16 8.66
N ASP A 100 24.55 3.77 9.84
CA ASP A 100 25.19 2.71 10.61
C ASP A 100 24.39 1.42 10.59
N GLY A 101 23.31 1.37 9.80
CA GLY A 101 22.50 0.18 9.67
C GLY A 101 21.48 -0.04 10.76
N LEU A 102 21.62 0.67 11.93
CA LEU A 102 20.74 0.53 13.08
C LEU A 102 19.48 1.40 12.96
N PRO A 103 18.37 0.93 13.48
CA PRO A 103 18.16 -0.38 14.11
C PRO A 103 17.90 -1.44 13.06
N TYR A 104 18.29 -2.68 13.32
CA TYR A 104 18.07 -3.79 12.40
C TYR A 104 16.60 -3.96 12.12
N ILE A 105 16.30 -4.60 10.99
CA ILE A 105 14.93 -4.85 10.58
C ILE A 105 14.74 -6.34 10.32
N ARG A 106 13.47 -6.77 10.37
CA ARG A 106 13.15 -8.20 10.35
C ARG A 106 12.64 -8.58 8.97
N LYS A 107 13.20 -9.67 8.43
CA LYS A 107 12.79 -10.25 7.16
C LYS A 107 12.53 -11.71 7.53
N ASP A 108 11.31 -12.01 7.92
CA ASP A 108 10.96 -13.33 8.43
C ASP A 108 11.33 -14.41 7.42
N GLY A 109 12.12 -15.39 7.85
CA GLY A 109 12.42 -16.55 7.02
C GLY A 109 13.71 -16.46 6.25
N GLU A 110 14.36 -15.30 6.27
CA GLU A 110 15.61 -15.07 5.57
C GLU A 110 16.70 -14.97 6.63
N ARG A 111 17.55 -16.00 6.72
CA ARG A 111 18.62 -16.04 7.71
C ARG A 111 19.73 -15.06 7.36
N ASN A 112 19.97 -14.06 8.23
CA ASN A 112 21.09 -13.15 8.02
C ASN A 112 22.39 -13.90 8.28
N PRO A 113 23.27 -14.04 7.29
CA PRO A 113 24.52 -14.79 7.50
C PRO A 113 25.42 -14.18 8.55
N GLU A 114 25.08 -12.99 9.08
CA GLU A 114 25.84 -12.46 10.20
C GLU A 114 25.76 -13.38 11.42
N VAL A 115 24.78 -14.30 11.47
CA VAL A 115 24.67 -15.21 12.61
C VAL A 115 25.93 -16.05 12.78
N TYR A 116 26.65 -16.33 11.69
CA TYR A 116 27.83 -17.17 11.80
C TYR A 116 29.03 -16.43 12.34
N GLU A 117 28.89 -15.13 12.61
CA GLU A 117 29.96 -14.40 13.29
C GLU A 117 29.98 -14.65 14.79
N TYR A 118 28.96 -15.32 15.31
CA TYR A 118 28.93 -15.67 16.73
C TYR A 118 29.21 -17.16 16.82
N PRO A 119 30.41 -17.57 17.25
CA PRO A 119 30.78 -19.00 17.17
C PRO A 119 29.84 -19.93 17.93
N GLU A 120 29.17 -19.45 19.00
CA GLU A 120 28.26 -20.30 19.78
C GLU A 120 27.14 -20.87 18.94
N ARG A 121 26.72 -20.16 17.89
CA ARG A 121 25.58 -20.64 17.13
C ARG A 121 25.81 -22.05 16.63
N GLU A 122 26.92 -22.26 15.93
CA GLU A 122 27.23 -23.59 15.42
C GLU A 122 27.93 -24.45 16.47
N ASN A 123 28.64 -23.82 17.41
CA ASN A 123 29.40 -24.59 18.39
C ASN A 123 28.51 -25.26 19.43
N ALA A 124 27.36 -24.66 19.75
CA ALA A 124 26.42 -25.34 20.62
C ALA A 124 25.90 -26.61 19.95
N ASN A 125 25.69 -26.55 18.63
CA ASN A 125 25.28 -27.71 17.85
C ASN A 125 26.37 -28.77 17.81
N ARG A 126 27.60 -28.35 17.56
CA ARG A 126 28.70 -29.29 17.49
C ARG A 126 28.88 -29.99 18.82
N PHE A 127 28.90 -29.22 19.90
CA PHE A 127 28.98 -29.79 21.25
C PHE A 127 27.77 -30.67 21.54
N GLY A 128 26.57 -30.18 21.25
CA GLY A 128 25.36 -30.94 21.56
C GLY A 128 25.34 -32.28 20.87
N ASP A 129 25.67 -32.31 19.57
CA ASP A 129 25.77 -33.58 18.85
C ASP A 129 26.80 -34.51 19.47
N ALA A 130 27.98 -33.99 19.79
CA ALA A 130 29.05 -34.84 20.34
C ALA A 130 28.64 -35.45 21.67
N ALA A 131 28.15 -34.62 22.59
CA ALA A 131 27.78 -35.14 23.91
C ALA A 131 26.64 -36.13 23.80
N TYR A 132 25.64 -35.83 22.95
CA TYR A 132 24.48 -36.72 22.81
C TYR A 132 24.89 -38.06 22.24
N CYS A 133 25.70 -38.05 21.18
CA CYS A 133 26.08 -39.29 20.53
C CYS A 133 26.91 -40.16 21.47
N LEU A 134 27.87 -39.56 22.17
CA LEU A 134 28.71 -40.33 23.06
C LEU A 134 27.90 -40.91 24.22
N GLY A 135 26.99 -40.12 24.79
CA GLY A 135 26.20 -40.60 25.91
C GLY A 135 25.32 -41.79 25.54
N VAL A 136 24.68 -41.71 24.39
CA VAL A 136 23.82 -42.81 23.94
C VAL A 136 24.66 -44.04 23.63
N LEU A 137 25.83 -43.86 23.01
CA LEU A 137 26.69 -45.01 22.76
C LEU A 137 27.20 -45.62 24.05
N TYR A 138 27.50 -44.79 25.05
CA TYR A 138 27.93 -45.36 26.32
C TYR A 138 26.81 -46.14 26.97
N TYR A 139 25.58 -45.61 26.93
CA TYR A 139 24.46 -46.33 27.49
C TYR A 139 24.27 -47.67 26.81
N ILE A 140 24.36 -47.70 25.47
CA ILE A 140 24.05 -48.93 24.75
C ILE A 140 25.14 -49.98 24.96
N THR A 141 26.40 -49.57 24.89
CA THR A 141 27.50 -50.52 24.81
C THR A 141 28.22 -50.72 26.13
N GLY A 142 28.02 -49.84 27.11
CA GLY A 142 28.77 -49.88 28.34
C GLY A 142 30.25 -49.53 28.21
N LYS A 143 30.73 -49.22 27.01
CA LYS A 143 32.14 -48.95 26.82
C LYS A 143 32.54 -47.63 27.47
N GLU A 144 33.53 -47.69 28.36
CA GLU A 144 33.96 -46.52 29.12
C GLU A 144 34.56 -45.43 28.24
N VAL A 145 35.03 -45.76 27.04
CA VAL A 145 35.64 -44.72 26.22
C VAL A 145 34.61 -43.68 25.83
N TYR A 146 33.34 -44.06 25.76
CA TYR A 146 32.31 -43.11 25.37
C TYR A 146 31.94 -42.19 26.54
N ALA A 147 31.89 -42.73 27.76
CA ALA A 147 31.62 -41.87 28.91
C ALA A 147 32.76 -40.88 29.13
N LYS A 148 34.00 -41.35 28.94
CA LYS A 148 35.15 -40.49 29.17
C LYS A 148 35.11 -39.28 28.24
N ALA A 149 34.82 -39.52 26.97
CA ALA A 149 34.79 -38.43 26.00
C ALA A 149 33.56 -37.56 26.21
N CYS A 150 32.39 -38.16 26.45
CA CYS A 150 31.19 -37.37 26.74
C CYS A 150 31.46 -36.40 27.89
N ALA A 151 32.08 -36.90 28.97
CA ALA A 151 32.39 -36.08 30.14
C ALA A 151 33.34 -34.94 29.80
N ASN A 152 34.30 -35.18 28.92
CA ASN A 152 35.18 -34.08 28.54
C ASN A 152 34.40 -32.92 27.92
N HIS A 153 33.41 -33.24 27.10
CA HIS A 153 32.59 -32.18 26.51
C HIS A 153 31.70 -31.51 27.55
N LEU A 154 31.06 -32.30 28.43
CA LEU A 154 30.16 -31.73 29.43
C LEU A 154 30.87 -30.76 30.37
N ARG A 155 31.99 -31.20 30.94
CA ARG A 155 32.78 -30.36 31.86
C ARG A 155 33.12 -29.02 31.20
N THR A 156 33.65 -29.06 29.98
CA THR A 156 34.11 -27.85 29.33
C THR A 156 32.94 -26.92 29.03
N TRP A 157 31.88 -27.45 28.43
CA TRP A 157 30.80 -26.58 28.00
C TRP A 157 30.04 -26.01 29.17
N PHE A 158 29.76 -26.84 30.19
CA PHE A 158 28.84 -26.46 31.26
C PHE A 158 29.54 -25.96 32.52
N THR A 159 30.45 -26.75 33.11
CA THR A 159 30.87 -26.54 34.49
C THR A 159 32.25 -25.94 34.68
N ASP A 160 33.10 -25.91 33.66
CA ASP A 160 34.47 -25.44 33.88
C ASP A 160 34.46 -24.01 34.43
N PRO A 161 35.27 -23.71 35.45
CA PRO A 161 35.23 -22.36 36.07
C PRO A 161 35.74 -21.23 35.18
N LYS A 162 36.41 -21.54 34.06
CA LYS A 162 36.88 -20.57 33.08
C LYS A 162 36.22 -20.74 31.72
N LEU A 163 35.95 -21.97 31.31
CA LEU A 163 35.43 -22.22 29.97
C LEU A 163 33.94 -22.49 29.95
N GLY A 164 33.33 -22.83 31.09
CA GLY A 164 31.91 -23.16 31.10
C GLY A 164 31.03 -21.94 30.91
N MET A 165 29.88 -22.14 30.26
CA MET A 165 28.97 -21.02 30.02
C MET A 165 28.20 -20.69 31.30
N ASN A 166 27.98 -19.40 31.51
CA ASN A 166 27.14 -18.99 32.63
C ASN A 166 25.74 -19.56 32.44
N PRO A 167 25.08 -19.99 33.52
CA PRO A 167 23.71 -20.50 33.41
C PRO A 167 22.67 -19.41 33.19
N ASN A 168 22.62 -18.82 32.00
CA ASN A 168 21.61 -17.84 31.60
C ASN A 168 21.59 -17.83 30.07
N MET A 169 20.56 -17.21 29.50
CA MET A 169 20.49 -16.97 28.05
C MET A 169 20.18 -15.51 27.79
N THR A 170 20.77 -14.65 28.62
CA THR A 170 20.45 -13.23 28.57
C THR A 170 20.68 -12.65 27.18
N TYR A 171 21.81 -12.98 26.55
CA TYR A 171 22.19 -12.37 25.28
C TYR A 171 21.97 -13.28 24.09
N ALA A 172 21.12 -14.30 24.25
CA ALA A 172 20.76 -15.14 23.11
C ALA A 172 19.86 -14.38 22.15
N GLN A 173 20.12 -14.55 20.86
CA GLN A 173 19.38 -13.89 19.77
C GLN A 173 19.19 -12.41 20.03
N ALA A 174 20.27 -11.75 20.43
CA ALA A 174 20.25 -10.29 20.50
C ALA A 174 20.00 -9.68 19.12
N VAL A 175 19.48 -8.47 19.10
CA VAL A 175 19.28 -7.70 17.88
C VAL A 175 19.90 -6.33 18.06
N PRO A 176 20.89 -5.95 17.25
CA PRO A 176 21.54 -4.65 17.46
C PRO A 176 20.55 -3.50 17.28
N GLY A 177 20.64 -2.52 18.18
CA GLY A 177 19.73 -1.40 18.16
C GLY A 177 18.29 -1.71 18.52
N MET A 178 17.99 -2.89 19.07
CA MET A 178 16.67 -3.13 19.62
C MET A 178 16.69 -2.65 21.06
N LYS A 179 15.62 -1.93 21.45
CA LYS A 179 15.58 -1.21 22.72
C LYS A 179 15.28 -2.15 23.91
N LYS A 180 14.41 -3.11 23.69
CA LYS A 180 13.92 -4.00 24.74
C LYS A 180 14.70 -5.32 24.76
N MET A 181 14.81 -5.89 25.95
CA MET A 181 15.29 -7.26 26.09
C MET A 181 14.17 -8.21 25.68
N ARG A 182 14.53 -9.27 24.99
CA ARG A 182 13.55 -10.24 24.55
C ARG A 182 13.90 -11.62 25.06
N GLY A 183 12.91 -12.49 25.11
CA GLY A 183 13.17 -13.85 25.53
C GLY A 183 13.29 -14.84 24.41
N SER A 184 13.13 -14.39 23.16
CA SER A 184 13.03 -15.30 22.03
C SER A 184 14.27 -16.14 21.87
N GLY A 185 15.41 -15.64 22.30
CA GLY A 185 16.61 -16.42 22.10
C GLY A 185 16.68 -17.66 22.95
N PHE A 186 15.81 -17.78 23.96
CA PHE A 186 15.86 -18.95 24.82
C PHE A 186 15.74 -20.23 24.01
N ILE A 187 15.00 -20.19 22.88
CA ILE A 187 14.86 -21.37 22.05
C ILE A 187 16.21 -21.94 21.60
N ASP A 188 17.29 -21.13 21.61
CA ASP A 188 18.61 -21.66 21.27
C ASP A 188 19.01 -22.78 22.22
N SER A 189 18.49 -22.75 23.45
CA SER A 189 18.92 -23.69 24.49
C SER A 189 18.74 -25.14 24.11
N ARG A 190 17.83 -25.46 23.18
CA ARG A 190 17.59 -26.85 22.84
C ARG A 190 18.83 -27.53 22.32
N ARG A 191 19.80 -26.76 21.81
CA ARG A 191 21.03 -27.35 21.29
C ARG A 191 21.88 -27.97 22.41
N PHE A 192 22.10 -27.24 23.49
CA PHE A 192 22.89 -27.86 24.55
C PHE A 192 22.05 -28.55 25.64
N SER A 193 20.73 -28.36 25.68
CA SER A 193 19.96 -28.97 26.76
C SER A 193 19.70 -30.46 26.52
N ARG A 194 19.65 -30.90 25.27
CA ARG A 194 19.67 -32.34 25.02
C ARG A 194 20.90 -32.98 25.60
N ALA A 195 22.05 -32.31 25.52
CA ALA A 195 23.28 -32.86 26.08
C ALA A 195 23.23 -32.88 27.61
N LEU A 196 22.63 -31.87 28.23
CA LEU A 196 22.46 -31.90 29.68
C LEU A 196 21.76 -33.18 30.11
N GLY A 197 20.67 -33.53 29.42
CA GLY A 197 19.90 -34.69 29.83
C GLY A 197 20.66 -35.99 29.64
N VAL A 198 21.39 -36.10 28.53
CA VAL A 198 22.23 -37.27 28.24
C VAL A 198 23.30 -37.47 29.30
N ALA A 199 23.67 -36.42 30.04
CA ALA A 199 24.57 -36.61 31.17
C ALA A 199 24.05 -37.67 32.13
N LYS A 200 22.72 -37.81 32.24
CA LYS A 200 22.18 -38.86 33.11
C LYS A 200 22.73 -40.23 32.71
N LEU A 201 22.91 -40.46 31.41
CA LEU A 201 23.34 -41.77 30.93
C LEU A 201 24.75 -42.15 31.35
N ILE A 202 25.63 -41.19 31.65
CA ILE A 202 27.00 -41.51 32.03
C ILE A 202 27.19 -41.51 33.52
N GLU A 203 26.14 -41.28 34.29
CA GLU A 203 26.26 -41.47 35.73
C GLU A 203 26.58 -42.93 36.00
N GLY A 204 27.52 -43.15 36.93
CA GLY A 204 27.95 -44.49 37.28
C GLY A 204 29.16 -45.01 36.51
N SER A 205 29.60 -44.31 35.49
CA SER A 205 30.86 -44.63 34.84
C SER A 205 32.05 -44.18 35.72
N LYS A 206 33.24 -44.63 35.36
CA LYS A 206 34.42 -44.20 36.10
C LYS A 206 34.76 -42.76 35.80
N SER A 207 34.40 -42.29 34.60
CA SER A 207 34.81 -40.95 34.21
C SER A 207 33.94 -39.87 34.83
N TRP A 208 32.67 -40.15 35.09
CA TRP A 208 31.75 -39.14 35.63
C TRP A 208 31.75 -39.29 37.16
N THR A 209 32.61 -38.52 37.82
CA THR A 209 32.79 -38.60 39.27
C THR A 209 31.67 -37.89 40.03
N PRO A 210 31.51 -38.18 41.33
CA PRO A 210 30.45 -37.47 42.09
C PRO A 210 30.62 -35.98 42.08
N SER A 211 31.87 -35.51 42.04
CA SER A 211 32.15 -34.08 41.95
C SER A 211 31.68 -33.50 40.62
N ASP A 212 31.92 -34.20 39.51
CA ASP A 212 31.36 -33.80 38.24
C ASP A 212 29.83 -33.70 38.30
N LYS A 213 29.18 -34.72 38.88
CA LYS A 213 27.73 -34.70 38.90
C LYS A 213 27.22 -33.54 39.74
N LYS A 214 27.91 -33.27 40.85
CA LYS A 214 27.49 -32.16 41.71
C LYS A 214 27.56 -30.83 40.96
N LYS A 215 28.67 -30.56 40.27
CA LYS A 215 28.83 -29.29 39.58
C LYS A 215 27.77 -29.12 38.50
N LEU A 216 27.51 -30.18 37.73
CA LEU A 216 26.51 -30.11 36.67
C LEU A 216 25.10 -29.99 37.24
N ASP A 217 24.82 -30.68 38.36
CA ASP A 217 23.55 -30.49 39.04
C ASP A 217 23.36 -29.04 39.46
N ASP A 218 24.40 -28.43 40.01
CA ASP A 218 24.32 -27.04 40.49
C ASP A 218 24.14 -26.09 39.33
N TRP A 219 24.83 -26.34 38.21
CA TRP A 219 24.64 -25.51 37.02
C TRP A 219 23.20 -25.59 36.55
N ALA A 220 22.68 -26.82 36.44
CA ALA A 220 21.32 -27.02 35.98
C ALA A 220 20.30 -26.40 36.93
N THR A 221 20.54 -26.49 38.24
CA THR A 221 19.71 -25.79 39.19
C THR A 221 19.74 -24.27 38.94
N ALA A 222 20.92 -23.71 38.69
CA ALA A 222 21.01 -22.27 38.39
C ALA A 222 20.36 -21.93 37.06
N PHE A 223 20.55 -22.77 36.03
CA PHE A 223 19.94 -22.49 34.74
C PHE A 223 18.42 -22.56 34.84
N CYS A 224 17.93 -23.56 35.58
CA CYS A 224 16.49 -23.68 35.79
C CYS A 224 15.94 -22.49 36.57
N TYR A 225 16.67 -22.02 37.59
CA TYR A 225 16.22 -20.82 38.29
C TYR A 225 16.11 -19.65 37.33
N TRP A 226 17.13 -19.46 36.49
CA TRP A 226 17.10 -18.37 35.52
C TRP A 226 15.89 -18.51 34.57
N MET A 227 15.62 -19.74 34.05
CA MET A 227 14.47 -19.98 33.14
C MET A 227 13.15 -19.57 33.76
N GLU A 228 13.01 -19.83 35.05
CA GLU A 228 11.72 -19.68 35.67
C GLU A 228 11.54 -18.29 36.25
N ASN A 229 12.62 -17.58 36.60
CA ASN A 229 12.53 -16.32 37.33
C ASN A 229 13.05 -15.09 36.61
N SER A 230 13.95 -15.23 35.65
CA SER A 230 14.37 -14.04 34.91
C SER A 230 13.17 -13.46 34.15
N THR A 231 13.20 -12.15 33.91
CA THR A 231 12.13 -11.56 33.11
C THR A 231 12.04 -12.24 31.75
N GLN A 232 13.19 -12.49 31.12
CA GLN A 232 13.19 -13.12 29.80
C GLN A 232 12.60 -14.53 29.86
N GLY A 233 12.98 -15.30 30.87
CA GLY A 233 12.43 -16.64 30.97
C GLY A 233 10.93 -16.61 31.18
N GLN A 234 10.45 -15.70 32.03
CA GLN A 234 9.01 -15.58 32.25
C GLN A 234 8.29 -15.28 30.94
N ARG A 235 8.77 -14.27 30.19
CA ARG A 235 8.17 -13.96 28.91
C ARG A 235 8.17 -15.17 28.00
N GLU A 236 9.28 -15.91 27.95
CA GLU A 236 9.29 -17.01 27.00
C GLU A 236 8.33 -18.10 27.41
N SER A 237 8.15 -18.32 28.71
CA SER A 237 7.20 -19.32 29.17
C SER A 237 5.76 -18.97 28.82
N HIS A 238 5.49 -17.71 28.47
CA HIS A 238 4.14 -17.32 28.08
C HIS A 238 4.02 -17.07 26.58
N ALA A 239 5.02 -17.43 25.79
CA ALA A 239 4.96 -17.20 24.35
C ALA A 239 3.78 -17.95 23.74
N ALA A 240 3.10 -17.29 22.81
CA ALA A 240 1.87 -17.80 22.25
C ALA A 240 2.08 -18.76 21.08
N ASN A 241 3.33 -18.99 20.67
CA ASN A 241 3.59 -19.85 19.51
C ASN A 241 4.57 -20.93 19.93
N ASN A 242 5.28 -21.49 18.94
CA ASN A 242 6.21 -22.58 19.20
C ASN A 242 7.33 -22.18 20.16
N HIS A 243 7.57 -20.88 20.40
CA HIS A 243 8.55 -20.53 21.42
C HIS A 243 8.12 -21.02 22.79
N GLY A 244 6.81 -20.91 23.08
CA GLY A 244 6.31 -21.39 24.35
C GLY A 244 6.36 -22.90 24.45
N LEU A 245 6.10 -23.60 23.35
CA LEU A 245 6.21 -25.06 23.40
C LEU A 245 7.65 -25.49 23.59
N TRP A 246 8.57 -24.91 22.82
CA TRP A 246 9.98 -25.27 22.96
C TRP A 246 10.53 -24.85 24.30
N TYR A 247 10.02 -23.76 24.85
CA TYR A 247 10.41 -23.41 26.21
C TYR A 247 10.08 -24.54 27.16
N GLU A 248 8.89 -25.15 27.02
CA GLU A 248 8.52 -26.21 27.96
C GLU A 248 9.22 -27.52 27.64
N ALA A 249 9.55 -27.78 26.38
CA ALA A 249 10.39 -28.92 26.08
C ALA A 249 11.76 -28.79 26.75
N ILE A 250 12.37 -27.60 26.68
CA ILE A 250 13.67 -27.40 27.31
C ILE A 250 13.53 -27.51 28.83
N HIS A 251 12.49 -26.88 29.38
CA HIS A 251 12.22 -26.98 30.81
C HIS A 251 12.16 -28.44 31.24
N LEU A 252 11.47 -29.27 30.48
CA LEU A 252 11.37 -30.69 30.87
C LEU A 252 12.74 -31.37 30.84
N MET A 253 13.57 -31.09 29.84
CA MET A 253 14.90 -31.69 29.83
C MET A 253 15.67 -31.33 31.10
N VAL A 254 15.61 -30.06 31.52
CA VAL A 254 16.32 -29.65 32.72
C VAL A 254 15.72 -30.34 33.94
N LEU A 255 14.40 -30.34 34.04
CA LEU A 255 13.72 -30.92 35.19
C LEU A 255 13.95 -32.43 35.26
N ALA A 256 13.94 -33.11 34.11
CA ALA A 256 14.23 -34.54 34.10
C ALA A 256 15.69 -34.81 34.47
N TYR A 257 16.61 -33.94 34.07
CA TYR A 257 17.99 -34.16 34.51
C TYR A 257 18.09 -33.99 36.01
N LEU A 258 17.35 -33.04 36.58
CA LEU A 258 17.35 -32.84 38.02
C LEU A 258 16.43 -33.81 38.75
N ASP A 259 15.80 -34.74 38.02
CA ASP A 259 14.99 -35.81 38.58
C ASP A 259 13.75 -35.30 39.31
N ARG A 260 13.26 -34.12 38.91
CA ARG A 260 12.10 -33.48 39.51
C ARG A 260 10.83 -33.85 38.74
N THR A 261 10.44 -35.12 38.91
CA THR A 261 9.32 -35.70 38.17
C THR A 261 8.00 -35.06 38.54
N ASP A 262 7.85 -34.62 39.78
CA ASP A 262 6.59 -33.99 40.14
C ASP A 262 6.40 -32.69 39.38
N ARG A 263 7.49 -31.95 39.18
CA ARG A 263 7.42 -30.71 38.39
C ARG A 263 7.07 -31.01 36.94
N ILE A 264 7.64 -32.09 36.40
CA ILE A 264 7.30 -32.48 35.03
C ILE A 264 5.79 -32.61 34.85
N ARG A 265 5.11 -33.32 35.77
CA ARG A 265 3.64 -33.44 35.67
C ARG A 265 2.98 -32.08 35.71
N GLU A 266 3.39 -31.25 36.66
CA GLU A 266 2.77 -29.94 36.80
C GLU A 266 2.99 -29.08 35.57
N VAL A 267 4.19 -29.10 34.99
CA VAL A 267 4.44 -28.37 33.75
C VAL A 267 3.56 -28.93 32.63
N ALA A 268 3.47 -30.27 32.56
CA ALA A 268 2.67 -30.93 31.55
C ALA A 268 1.22 -30.48 31.63
N GLU A 269 0.65 -30.45 32.84
CA GLU A 269 -0.77 -30.12 32.99
C GLU A 269 -1.06 -28.63 33.17
N GLN A 270 -0.14 -27.84 33.72
CA GLN A 270 -0.40 -26.41 33.86
C GLN A 270 0.21 -25.55 32.75
N SER A 271 1.08 -26.10 31.91
CA SER A 271 1.67 -25.29 30.85
C SER A 271 1.55 -25.91 29.47
N ILE A 272 2.02 -27.15 29.29
CA ILE A 272 2.05 -27.72 27.95
C ILE A 272 0.63 -27.92 27.44
N LEU A 273 -0.21 -28.59 28.24
CA LEU A 273 -1.58 -28.85 27.80
C LEU A 273 -2.38 -27.59 27.54
N PRO A 274 -2.43 -26.59 28.42
CA PRO A 274 -3.14 -25.34 28.05
C PRO A 274 -2.61 -24.70 26.78
N LYS A 275 -1.28 -24.70 26.58
CA LYS A 275 -0.70 -24.09 25.39
C LYS A 275 -1.10 -24.83 24.14
N MET A 276 -1.01 -26.15 24.19
CA MET A 276 -1.48 -26.96 23.08
C MET A 276 -2.95 -26.71 22.81
N GLY A 277 -3.75 -26.61 23.87
CA GLY A 277 -5.19 -26.41 23.69
C GLY A 277 -5.52 -25.07 23.10
N ALA A 278 -4.69 -24.06 23.32
CA ALA A 278 -4.90 -22.76 22.72
C ALA A 278 -4.31 -22.62 21.32
N GLN A 279 -3.28 -23.39 20.98
CA GLN A 279 -2.56 -23.13 19.73
C GLN A 279 -3.02 -24.02 18.59
N ILE A 280 -3.74 -25.09 18.89
CA ILE A 280 -4.33 -25.93 17.87
C ILE A 280 -5.71 -25.36 17.60
N ALA A 281 -6.01 -25.08 16.34
CA ALA A 281 -7.32 -24.54 16.03
C ALA A 281 -8.31 -25.68 15.94
N ASP A 282 -9.58 -25.33 15.74
CA ASP A 282 -10.62 -26.36 15.76
C ASP A 282 -10.35 -27.40 14.68
N ASP A 283 -9.84 -26.97 13.52
CA ASP A 283 -9.57 -27.91 12.43
C ASP A 283 -8.24 -28.64 12.58
N GLY A 284 -7.44 -28.32 13.59
CA GLY A 284 -6.14 -28.97 13.75
C GLY A 284 -4.95 -28.18 13.24
N SER A 285 -5.18 -27.06 12.57
CA SER A 285 -4.08 -26.24 12.11
C SER A 285 -3.48 -25.47 13.29
N LEU A 286 -2.29 -24.89 13.07
CA LEU A 286 -1.62 -24.10 14.09
C LEU A 286 -1.55 -22.65 13.63
N PRO A 287 -2.62 -21.86 13.84
CA PRO A 287 -2.67 -20.49 13.28
C PRO A 287 -1.45 -19.63 13.57
N GLN A 288 -0.81 -19.79 14.73
CA GLN A 288 0.37 -18.98 15.00
C GLN A 288 1.51 -19.33 14.06
N GLU A 289 1.63 -20.59 13.66
CA GLU A 289 2.66 -20.96 12.71
C GLU A 289 2.21 -20.72 11.28
N LEU A 290 0.90 -20.67 11.02
CA LEU A 290 0.44 -20.44 9.64
C LEU A 290 0.87 -19.07 9.10
N LYS A 291 0.95 -18.05 9.96
CA LYS A 291 1.26 -16.69 9.53
C LYS A 291 2.75 -16.43 9.29
N ARG A 292 3.60 -17.44 9.39
CA ARG A 292 5.03 -17.28 9.18
C ARG A 292 5.42 -17.50 7.73
N THR A 293 6.57 -16.95 7.33
CA THR A 293 7.06 -17.18 5.97
C THR A 293 7.52 -18.61 5.73
N LEU A 294 7.76 -19.39 6.77
CA LEU A 294 8.09 -20.80 6.62
C LEU A 294 7.07 -21.65 7.38
N SER A 295 5.81 -21.60 6.96
CA SER A 295 4.72 -22.05 7.82
C SER A 295 4.63 -23.57 7.88
N LEU A 296 5.09 -24.28 6.86
CA LEU A 296 5.15 -25.73 7.02
C LEU A 296 6.33 -26.14 7.88
N HIS A 297 7.43 -25.37 7.83
CA HIS A 297 8.54 -25.63 8.73
C HIS A 297 8.15 -25.38 10.19
N TYR A 298 7.41 -24.30 10.45
CA TYR A 298 7.04 -23.94 11.81
C TYR A 298 5.86 -24.72 12.37
N SER A 299 4.96 -25.24 11.53
CA SER A 299 3.99 -26.21 12.03
C SER A 299 4.71 -27.46 12.51
N THR A 300 5.65 -27.95 11.70
CA THR A 300 6.45 -29.11 12.09
C THR A 300 7.31 -28.80 13.31
N PHE A 301 7.92 -27.62 13.33
CA PHE A 301 8.79 -27.28 14.45
C PHE A 301 7.99 -27.24 15.75
N ALA A 302 6.76 -26.72 15.70
CA ALA A 302 5.92 -26.67 16.88
C ALA A 302 5.63 -28.08 17.38
N LEU A 303 5.31 -29.01 16.47
CA LEU A 303 5.08 -30.37 16.91
C LEU A 303 6.36 -31.04 17.35
N GLU A 304 7.51 -30.66 16.78
CA GLU A 304 8.75 -31.29 17.24
C GLU A 304 9.00 -30.96 18.70
N ALA A 305 8.65 -29.75 19.15
CA ALA A 305 8.67 -29.43 20.57
C ALA A 305 7.85 -30.43 21.37
N LEU A 306 6.61 -30.69 20.92
CA LEU A 306 5.71 -31.63 21.59
C LEU A 306 6.30 -33.03 21.62
N MET A 307 6.81 -33.50 20.48
CA MET A 307 7.45 -34.81 20.42
C MET A 307 8.58 -34.93 21.44
N GLU A 308 9.42 -33.90 21.56
CA GLU A 308 10.53 -34.03 22.50
C GLU A 308 10.07 -33.86 23.93
N ALA A 309 9.09 -32.99 24.17
CA ALA A 309 8.51 -32.96 25.50
C ALA A 309 7.90 -34.31 25.85
N ASN A 310 7.18 -34.91 24.90
CA ASN A 310 6.46 -36.15 25.15
C ASN A 310 7.40 -37.30 25.49
N GLN A 311 8.58 -37.35 24.88
CA GLN A 311 9.54 -38.39 25.21
C GLN A 311 9.89 -38.38 26.68
N ILE A 312 9.79 -37.23 27.33
CA ILE A 312 10.05 -37.17 28.75
C ILE A 312 8.79 -37.42 29.56
N THR A 313 7.68 -36.79 29.22
CA THR A 313 6.45 -37.00 29.99
C THR A 313 6.00 -38.45 29.91
N SER A 314 6.12 -39.06 28.73
CA SER A 314 5.64 -40.43 28.58
C SER A 314 6.46 -41.42 29.38
N GLN A 315 7.68 -41.08 29.77
CA GLN A 315 8.43 -41.94 30.67
C GLN A 315 7.86 -41.92 32.09
N ILE A 316 6.91 -41.04 32.40
CA ILE A 316 6.27 -41.03 33.71
C ILE A 316 4.75 -41.21 33.59
N GLY A 317 4.29 -41.72 32.44
CA GLY A 317 2.91 -42.13 32.21
C GLY A 317 1.99 -41.09 31.60
N ILE A 318 2.53 -40.00 31.07
CA ILE A 318 1.75 -38.94 30.46
C ILE A 318 2.01 -38.92 28.97
N ASN A 319 0.97 -39.22 28.18
CA ASN A 319 1.05 -39.28 26.73
C ASN A 319 0.53 -37.95 26.22
N LEU A 320 1.44 -37.08 25.77
CA LEU A 320 1.04 -35.74 25.33
C LEU A 320 0.33 -35.76 23.98
N TRP A 321 0.45 -36.84 23.21
CA TRP A 321 -0.22 -36.90 21.93
C TRP A 321 -1.72 -37.11 22.10
N SER A 322 -2.12 -37.90 23.11
CA SER A 322 -3.51 -38.29 23.33
C SER A 322 -4.17 -37.60 24.52
N THR A 323 -3.42 -36.96 25.40
CA THR A 323 -4.02 -36.34 26.57
C THR A 323 -4.68 -35.02 26.18
N PRO A 324 -5.97 -34.83 26.43
CA PRO A 324 -6.62 -33.59 26.02
C PRO A 324 -6.34 -32.41 26.94
N ALA A 325 -6.42 -31.23 26.34
CA ALA A 325 -6.44 -29.99 27.06
C ALA A 325 -7.81 -29.83 27.73
N SER A 326 -7.95 -28.81 28.56
CA SER A 326 -9.25 -28.57 29.20
C SER A 326 -10.37 -28.42 28.18
N ASN A 327 -10.10 -27.87 27.01
CA ASN A 327 -11.14 -27.70 25.99
C ASN A 327 -11.28 -28.91 25.07
N GLY A 328 -10.67 -30.05 25.40
CA GLY A 328 -10.86 -31.26 24.63
C GLY A 328 -9.97 -31.44 23.42
N LYS A 329 -9.19 -30.43 23.04
CA LYS A 329 -8.26 -30.56 21.92
C LYS A 329 -7.14 -31.54 22.25
N VAL A 330 -6.66 -32.24 21.23
CA VAL A 330 -5.61 -33.23 21.40
C VAL A 330 -4.55 -33.04 20.32
N ALA A 331 -3.29 -33.30 20.69
CA ALA A 331 -2.19 -33.06 19.78
C ALA A 331 -2.32 -33.88 18.51
N SER A 332 -2.95 -35.04 18.59
CA SER A 332 -3.21 -35.83 17.40
C SER A 332 -3.93 -35.01 16.32
N GLN A 333 -4.78 -34.06 16.69
CA GLN A 333 -5.46 -33.29 15.65
C GLN A 333 -4.49 -32.48 14.82
N ALA A 334 -3.40 -32.02 15.43
CA ALA A 334 -2.45 -31.24 14.66
C ALA A 334 -1.67 -32.13 13.70
N VAL A 335 -1.43 -33.39 14.08
CA VAL A 335 -0.77 -34.28 13.14
C VAL A 335 -1.72 -34.66 12.01
N ASP A 336 -3.00 -34.87 12.34
CA ASP A 336 -4.02 -35.13 11.31
C ASP A 336 -4.00 -34.04 10.24
N TYR A 337 -3.99 -32.78 10.68
CA TYR A 337 -4.04 -31.66 9.75
C TYR A 337 -2.86 -31.68 8.80
N LEU A 338 -1.68 -32.05 9.32
CA LEU A 338 -0.45 -31.97 8.57
C LEU A 338 -0.14 -33.20 7.74
N TYR A 339 -0.60 -34.37 8.17
CA TYR A 339 -0.25 -35.62 7.51
C TYR A 339 -0.47 -35.62 6.01
N PRO A 340 -1.60 -35.12 5.47
CA PRO A 340 -1.71 -35.00 4.00
C PRO A 340 -0.51 -34.30 3.39
N PHE A 341 -0.14 -33.14 3.93
CA PHE A 341 0.96 -32.36 3.40
C PHE A 341 2.32 -33.00 3.64
N TYR A 342 2.42 -34.00 4.52
CA TYR A 342 3.70 -34.68 4.61
C TYR A 342 3.87 -35.66 3.47
N LEU A 343 2.77 -36.23 2.99
CA LEU A 343 2.84 -37.08 1.81
C LEU A 343 3.20 -36.25 0.58
N ASN A 344 2.62 -35.06 0.47
CA ASN A 344 2.85 -34.18 -0.68
C ASN A 344 3.05 -32.74 -0.22
N PRO A 345 4.29 -32.36 0.12
CA PRO A 345 4.53 -31.01 0.65
C PRO A 345 4.17 -29.91 -0.32
N GLU A 346 4.13 -30.18 -1.61
CA GLU A 346 3.77 -29.17 -2.58
C GLU A 346 2.27 -28.89 -2.61
N ASP A 347 1.47 -29.65 -1.86
CA ASP A 347 0.06 -29.33 -1.72
C ASP A 347 -0.19 -28.23 -0.68
N TRP A 348 0.87 -27.80 0.02
CA TRP A 348 0.76 -26.82 1.11
C TRP A 348 0.28 -25.46 0.60
N LYS A 349 -0.87 -25.03 1.10
CA LYS A 349 -1.52 -23.82 0.63
C LYS A 349 -1.09 -22.55 1.36
N PHE A 350 -0.13 -22.62 2.28
CA PHE A 350 0.28 -21.44 3.02
C PHE A 350 1.74 -21.11 2.69
N LYS A 351 2.16 -19.93 3.08
CA LYS A 351 3.46 -19.39 2.68
C LYS A 351 4.62 -20.28 3.16
N GLN A 352 5.49 -20.63 2.23
CA GLN A 352 6.66 -21.48 2.54
C GLN A 352 7.76 -21.09 1.54
N ILE A 353 8.47 -20.01 1.87
CA ILE A 353 9.38 -19.37 0.94
C ILE A 353 10.66 -20.17 0.72
N LYS A 354 10.74 -21.38 1.25
CA LYS A 354 11.87 -22.27 1.05
C LYS A 354 11.31 -23.67 1.05
N PRO A 355 11.92 -24.60 0.31
CA PRO A 355 11.34 -25.95 0.22
C PRO A 355 11.43 -26.68 1.56
N PHE A 356 10.38 -27.45 1.86
CA PHE A 356 10.28 -28.18 3.12
C PHE A 356 10.93 -29.56 3.01
N ASP A 357 11.73 -29.91 4.01
CA ASP A 357 12.44 -31.19 4.07
C ASP A 357 11.53 -32.28 4.62
N GLN A 358 11.03 -33.15 3.72
CA GLN A 358 10.10 -34.20 4.12
C GLN A 358 10.73 -35.21 5.09
N SER A 359 12.07 -35.29 5.15
CA SER A 359 12.68 -36.25 6.06
C SER A 359 12.42 -35.90 7.52
N ARG A 360 12.09 -34.63 7.80
CA ARG A 360 11.77 -34.24 9.18
C ARG A 360 10.53 -34.95 9.68
N ALA A 361 9.61 -35.29 8.78
CA ALA A 361 8.40 -35.96 9.19
C ALA A 361 8.63 -37.41 9.57
N ALA A 362 9.76 -38.01 9.19
CA ALA A 362 9.94 -39.43 9.48
C ALA A 362 9.86 -39.67 10.98
N ILE A 363 10.78 -39.08 11.75
CA ILE A 363 10.78 -39.29 13.19
C ILE A 363 9.50 -38.76 13.82
N LEU A 364 9.03 -37.60 13.35
CA LEU A 364 7.83 -37.03 13.92
C LEU A 364 6.66 -37.99 13.77
N LEU A 365 6.47 -38.53 12.57
CA LEU A 365 5.37 -39.45 12.34
C LEU A 365 5.57 -40.77 13.07
N TYR A 366 6.82 -41.22 13.24
CA TYR A 366 7.02 -42.43 14.02
C TYR A 366 6.64 -42.21 15.49
N GLU A 367 7.17 -41.14 16.09
CA GLU A 367 6.90 -40.85 17.49
C GLU A 367 5.41 -40.65 17.75
N ALA A 368 4.77 -39.76 16.99
CA ALA A 368 3.33 -39.56 17.13
C ALA A 368 2.55 -40.83 16.79
N GLY A 369 3.01 -41.56 15.77
CA GLY A 369 2.42 -42.82 15.35
C GLY A 369 2.36 -43.90 16.41
N THR A 370 3.49 -44.29 16.99
CA THR A 370 3.45 -45.34 18.01
C THR A 370 2.67 -44.88 19.23
N ALA A 371 2.76 -43.61 19.58
CA ALA A 371 2.08 -43.13 20.78
C ALA A 371 0.57 -43.15 20.61
N LEU A 372 0.06 -43.04 19.38
CA LEU A 372 -1.37 -42.98 19.11
C LEU A 372 -1.93 -44.30 18.57
N GLY A 373 -1.15 -45.36 18.57
CA GLY A 373 -1.55 -46.60 17.91
C GLY A 373 -2.11 -46.39 16.52
N ASN A 374 -1.44 -45.58 15.72
CA ASN A 374 -1.90 -45.21 14.38
C ASN A 374 -0.91 -45.81 13.38
N GLN A 375 -1.28 -46.94 12.79
CA GLN A 375 -0.34 -47.63 11.90
C GLN A 375 -0.06 -46.81 10.64
N LYS A 376 -1.06 -46.06 10.16
CA LYS A 376 -0.86 -45.26 8.95
C LYS A 376 0.33 -44.33 9.11
N TYR A 377 0.46 -43.68 10.28
CA TYR A 377 1.58 -42.80 10.53
C TYR A 377 2.89 -43.57 10.54
N VAL A 378 2.92 -44.68 11.27
CA VAL A 378 4.15 -45.47 11.37
C VAL A 378 4.54 -46.04 10.02
N ASP A 379 3.55 -46.43 9.20
CA ASP A 379 3.86 -46.98 7.87
C ASP A 379 4.52 -45.94 7.00
N THR A 380 3.92 -44.75 6.91
CA THR A 380 4.53 -43.66 6.18
C THR A 380 5.89 -43.27 6.75
N ALA A 381 6.07 -43.42 8.07
CA ALA A 381 7.35 -43.05 8.68
C ALA A 381 8.48 -43.90 8.12
N LYS A 382 8.25 -45.22 8.00
CA LYS A 382 9.29 -46.07 7.44
C LYS A 382 9.39 -45.94 5.92
N ARG A 383 8.31 -45.62 5.22
CA ARG A 383 8.42 -45.42 3.78
C ARG A 383 9.26 -44.17 3.46
N ILE A 384 9.04 -43.09 4.20
CA ILE A 384 9.95 -41.94 4.11
C ILE A 384 11.35 -42.34 4.56
N GLY A 385 11.44 -43.00 5.72
CA GLY A 385 12.68 -43.58 6.19
C GLY A 385 13.77 -42.60 6.54
N LEU A 386 14.83 -43.09 7.17
CA LEU A 386 16.08 -42.37 7.34
C LEU A 386 17.19 -43.18 6.70
N LYS A 387 18.30 -42.51 6.41
CA LYS A 387 19.44 -43.15 5.79
C LYS A 387 20.11 -44.09 6.79
N TYR A 388 20.34 -45.35 6.39
CA TYR A 388 20.92 -46.31 7.33
C TYR A 388 22.25 -45.81 7.88
N SER A 389 23.07 -45.20 7.03
CA SER A 389 24.42 -44.81 7.40
C SER A 389 24.56 -43.33 7.70
N THR A 390 23.44 -42.61 7.88
CA THR A 390 23.55 -41.20 8.19
C THR A 390 24.23 -41.02 9.53
N SER A 391 24.98 -39.93 9.65
CA SER A 391 25.66 -39.57 10.88
C SER A 391 24.86 -38.57 11.71
N ASP A 392 23.62 -38.26 11.33
CA ASP A 392 22.76 -37.35 12.10
C ASP A 392 22.45 -37.94 13.47
N VAL A 393 22.99 -37.34 14.53
CA VAL A 393 22.94 -38.02 15.83
C VAL A 393 21.51 -38.17 16.32
N GLU A 394 20.61 -37.24 15.98
CA GLU A 394 19.26 -37.41 16.53
C GLU A 394 18.57 -38.65 15.99
N THR A 395 19.09 -39.25 14.92
CA THR A 395 18.51 -40.45 14.34
C THR A 395 19.14 -41.73 14.87
N ILE A 396 20.03 -41.64 15.86
CA ILE A 396 20.65 -42.86 16.40
C ILE A 396 19.62 -43.86 16.91
N PRO A 397 18.63 -43.48 17.72
CA PRO A 397 17.70 -44.49 18.24
C PRO A 397 16.83 -45.16 17.20
N TYR A 398 16.69 -44.58 16.00
CA TYR A 398 15.66 -44.97 15.04
C TYR A 398 16.19 -45.91 13.97
N LEU A 399 16.87 -46.98 14.39
CA LEU A 399 17.14 -48.11 13.50
C LEU A 399 15.86 -48.59 12.84
N VAL A 400 14.76 -48.61 13.60
CA VAL A 400 13.45 -49.04 13.16
C VAL A 400 13.03 -48.25 11.91
N LEU A 401 13.75 -47.19 11.58
CA LEU A 401 13.46 -46.39 10.40
C LEU A 401 14.49 -46.56 9.30
N LYS A 402 15.45 -47.47 9.46
CA LYS A 402 16.57 -47.53 8.52
C LYS A 402 16.74 -48.89 7.81
N SER B 23 36.29 13.87 -18.95
CA SER B 23 36.47 12.60 -19.65
C SER B 23 36.77 11.48 -18.64
N ALA B 24 35.73 10.76 -18.21
CA ALA B 24 35.91 9.77 -17.15
C ALA B 24 36.83 8.66 -17.66
N PRO B 25 37.78 8.20 -16.85
CA PRO B 25 38.66 7.15 -17.33
C PRO B 25 37.88 5.87 -17.60
N LEU B 26 38.47 5.05 -18.47
CA LEU B 26 37.94 3.75 -18.79
C LEU B 26 37.88 2.91 -17.52
N GLY B 27 36.68 2.40 -17.20
CA GLY B 27 36.50 1.59 -16.00
C GLY B 27 35.13 0.97 -15.86
N PRO B 28 34.93 0.16 -14.78
CA PRO B 28 33.68 -0.62 -14.62
C PRO B 28 32.59 0.14 -13.86
N PHE B 29 31.93 1.04 -14.58
CA PHE B 29 30.91 1.92 -14.05
C PHE B 29 30.29 2.63 -15.23
N ASN B 30 29.07 3.10 -15.04
CA ASN B 30 28.41 3.95 -16.03
C ASN B 30 29.17 5.27 -16.08
N ALA B 31 30.04 5.42 -17.08
CA ALA B 31 30.89 6.60 -17.14
C ALA B 31 30.08 7.87 -17.42
N THR B 32 28.96 7.75 -18.15
CA THR B 32 28.12 8.91 -18.38
C THR B 32 27.60 9.48 -17.07
N LEU B 33 26.94 8.63 -16.26
CA LEU B 33 26.41 9.09 -14.98
C LEU B 33 27.52 9.58 -14.06
N LEU B 34 28.68 8.92 -14.09
CA LEU B 34 29.76 9.39 -13.24
C LEU B 34 30.18 10.80 -13.63
N GLU B 35 30.29 11.07 -14.94
CA GLU B 35 30.66 12.40 -15.39
C GLU B 35 29.64 13.46 -14.99
N GLN B 36 28.35 13.19 -15.19
CA GLN B 36 27.34 14.19 -14.79
C GLN B 36 27.48 14.55 -13.32
N LEU B 37 27.73 13.54 -12.48
CA LEU B 37 27.81 13.81 -11.05
C LEU B 37 29.00 14.71 -10.72
N LYS B 38 30.16 14.45 -11.33
CA LYS B 38 31.32 15.28 -11.06
C LYS B 38 31.09 16.71 -11.54
N ASN B 39 30.51 16.87 -12.74
CA ASN B 39 30.20 18.20 -13.27
C ASN B 39 29.24 18.97 -12.36
N ASP B 40 28.09 18.36 -12.04
CA ASP B 40 27.11 19.05 -11.19
C ASP B 40 27.70 19.35 -9.83
N TYR B 41 28.48 18.41 -9.28
CA TYR B 41 29.09 18.64 -7.98
C TYR B 41 30.04 19.82 -8.05
N GLN B 42 30.84 19.90 -9.12
CA GLN B 42 31.80 20.99 -9.23
C GLN B 42 31.07 22.32 -9.48
N LYS B 43 30.01 22.30 -10.28
CA LYS B 43 29.22 23.51 -10.50
C LYS B 43 28.25 23.81 -9.37
N GLY B 44 28.25 23.04 -8.28
CA GLY B 44 27.48 23.40 -7.11
C GLY B 44 26.00 23.11 -7.13
N GLU B 45 25.50 22.39 -8.12
CA GLU B 45 24.07 22.11 -8.18
C GLU B 45 23.60 21.49 -6.87
N LYS B 46 22.56 22.10 -6.28
CA LYS B 46 22.18 21.83 -4.90
C LYS B 46 21.91 20.35 -4.70
N GLU B 47 21.16 19.76 -5.61
CA GLU B 47 20.66 18.40 -5.44
C GLU B 47 21.78 17.36 -5.48
N VAL B 48 22.71 17.48 -6.43
CA VAL B 48 23.85 16.58 -6.46
C VAL B 48 24.71 16.81 -5.22
N THR B 49 24.93 18.08 -4.86
CA THR B 49 25.73 18.37 -3.67
C THR B 49 25.15 17.73 -2.41
N ARG B 50 23.83 17.77 -2.21
CA ARG B 50 23.27 17.08 -1.05
C ARG B 50 23.50 15.57 -1.14
N TYR B 51 23.36 15.01 -2.34
CA TYR B 51 23.52 13.57 -2.50
C TYR B 51 24.97 13.14 -2.29
N ILE B 52 25.94 13.85 -2.85
CA ILE B 52 27.33 13.51 -2.62
C ILE B 52 27.70 13.68 -1.15
N GLU B 53 27.05 14.60 -0.45
CA GLU B 53 27.30 14.73 0.99
C GLU B 53 26.77 13.51 1.73
N LEU B 54 25.62 12.98 1.34
CA LEU B 54 25.20 11.72 1.92
C LEU B 54 26.22 10.61 1.63
N GLN B 55 26.65 10.47 0.37
CA GLN B 55 27.64 9.46 0.00
C GLN B 55 28.91 9.59 0.83
N GLU B 56 29.38 10.81 1.05
CA GLU B 56 30.54 11.04 1.91
C GLU B 56 30.29 10.55 3.34
N LYS B 57 29.07 10.72 3.84
CA LYS B 57 28.79 10.26 5.19
C LYS B 57 28.80 8.74 5.27
N VAL B 58 28.30 8.06 4.22
CA VAL B 58 28.38 6.61 4.14
C VAL B 58 29.83 6.16 4.01
N ALA B 59 30.65 6.90 3.27
CA ALA B 59 32.03 6.53 3.01
C ALA B 59 32.94 6.67 4.20
N GLU B 60 32.44 7.17 5.33
CA GLU B 60 33.33 7.41 6.47
C GLU B 60 33.78 6.09 7.10
N LYS B 61 32.89 5.09 7.16
CA LYS B 61 33.31 3.80 7.68
C LYS B 61 34.43 3.18 6.85
N TYR B 62 34.54 3.52 5.57
CA TYR B 62 35.62 2.95 4.79
C TYR B 62 36.94 3.63 5.05
N ILE B 63 36.91 4.90 5.45
CA ILE B 63 38.15 5.56 5.84
C ILE B 63 38.65 5.01 7.18
N LYS B 64 37.72 4.68 8.09
CA LYS B 64 38.11 4.11 9.38
C LYS B 64 38.51 2.65 9.23
N MET B 65 37.92 1.93 8.26
CA MET B 65 38.10 0.48 8.18
C MET B 65 39.55 0.07 7.95
N THR B 66 39.99 -0.94 8.72
CA THR B 66 41.33 -1.52 8.52
C THR B 66 41.38 -2.30 7.21
N PRO B 67 42.39 -2.09 6.37
CA PRO B 67 42.47 -2.84 5.13
C PRO B 67 42.46 -4.35 5.37
N LEU B 68 41.69 -5.05 4.54
CA LEU B 68 41.56 -6.49 4.57
C LEU B 68 42.62 -7.15 3.69
N SER B 69 42.92 -8.40 4.02
CA SER B 69 43.88 -9.18 3.26
C SER B 69 43.43 -10.64 3.16
N VAL B 70 43.70 -11.25 2.01
CA VAL B 70 43.31 -12.61 1.77
C VAL B 70 43.97 -13.58 2.76
N THR B 71 45.11 -13.17 3.35
CA THR B 71 45.94 -13.99 4.24
C THR B 71 45.37 -14.13 5.65
N ALA B 72 44.20 -13.55 5.93
CA ALA B 72 43.59 -13.62 7.27
C ALA B 72 42.71 -14.86 7.39
N LYS B 73 43.31 -16.02 7.20
CA LYS B 73 42.55 -17.24 7.29
C LYS B 73 43.38 -18.23 8.09
N LYS B 74 42.70 -19.17 8.74
CA LYS B 74 43.42 -20.19 9.48
C LYS B 74 43.63 -21.45 8.63
N LYS B 75 42.56 -22.01 8.08
CA LYS B 75 42.65 -23.20 7.25
C LYS B 75 43.31 -22.82 5.93
N LEU B 76 44.51 -23.35 5.68
CA LEU B 76 45.27 -23.03 4.48
C LEU B 76 44.82 -23.88 3.29
N PRO B 77 45.12 -23.43 2.06
CA PRO B 77 44.84 -24.26 0.85
C PRO B 77 45.94 -25.29 0.60
N PRO B 78 45.72 -26.21 -0.36
CA PRO B 78 46.72 -27.26 -0.63
C PRO B 78 48.14 -26.74 -0.90
N SER B 79 48.27 -25.50 -1.39
CA SER B 79 49.58 -24.93 -1.66
C SER B 79 50.31 -24.47 -0.41
N LYS B 80 49.62 -24.49 0.74
CA LYS B 80 50.14 -24.01 2.01
C LYS B 80 50.38 -22.51 2.01
N ASP B 81 49.78 -21.78 1.08
CA ASP B 81 50.10 -20.37 0.91
C ASP B 81 48.91 -19.50 1.28
N PRO B 82 48.99 -18.73 2.36
CA PRO B 82 47.84 -17.90 2.76
C PRO B 82 47.53 -16.80 1.73
N ARG B 83 48.48 -16.44 0.87
CA ARG B 83 48.22 -15.44 -0.16
C ARG B 83 47.45 -16.01 -1.33
N ASP B 84 47.14 -17.31 -1.31
CA ASP B 84 46.26 -17.93 -2.30
C ASP B 84 44.83 -17.77 -1.84
N TYR B 85 44.01 -17.18 -2.70
CA TYR B 85 42.59 -17.06 -2.46
C TYR B 85 41.92 -18.44 -2.47
N MET B 86 41.11 -18.72 -1.46
CA MET B 86 40.34 -19.96 -1.41
C MET B 86 38.97 -19.75 -0.80
N THR B 87 37.92 -20.25 -1.46
CA THR B 87 36.59 -20.33 -0.89
C THR B 87 36.02 -21.71 -1.19
N LEU B 88 34.86 -22.00 -0.62
CA LEU B 88 34.14 -23.24 -0.88
C LEU B 88 33.02 -23.01 -1.90
N SER B 89 32.85 -23.96 -2.81
CA SER B 89 31.75 -23.84 -3.76
C SER B 89 30.43 -23.90 -3.00
N PRO B 90 29.55 -22.91 -3.15
CA PRO B 90 28.50 -22.70 -2.14
C PRO B 90 27.44 -23.79 -2.05
N TYR B 91 27.23 -24.58 -3.11
CA TYR B 91 26.14 -25.55 -3.16
C TYR B 91 26.60 -26.98 -2.89
N TRP B 92 27.79 -27.14 -2.33
CA TRP B 92 28.35 -28.45 -2.06
C TRP B 92 28.34 -28.67 -0.55
N TRP B 93 27.81 -29.80 -0.12
CA TRP B 93 27.56 -30.14 1.26
C TRP B 93 28.20 -31.47 1.60
N PRO B 94 28.51 -31.72 2.87
CA PRO B 94 28.97 -33.06 3.27
C PRO B 94 27.87 -34.08 3.07
N ASP B 95 28.28 -35.33 2.81
CA ASP B 95 27.36 -36.45 2.65
C ASP B 95 27.21 -37.14 4.01
N SER B 96 26.02 -37.03 4.63
CA SER B 96 25.85 -37.60 5.96
C SER B 96 26.10 -39.10 5.96
N THR B 97 25.82 -39.75 4.84
CA THR B 97 25.94 -41.19 4.67
C THR B 97 27.38 -41.66 4.44
N LYS B 98 28.39 -40.83 4.66
CA LYS B 98 29.77 -41.27 4.53
C LYS B 98 30.51 -40.86 5.80
N ILE B 99 31.38 -41.74 6.32
CA ILE B 99 31.97 -41.54 7.65
C ILE B 99 32.71 -40.19 7.76
N ASP B 100 33.30 -39.74 6.67
CA ASP B 100 34.04 -38.49 6.63
C ASP B 100 33.31 -37.38 5.88
N GLY B 101 32.09 -37.63 5.39
CA GLY B 101 31.36 -36.63 4.65
C GLY B 101 31.78 -36.50 3.20
N LEU B 102 32.97 -36.99 2.87
CA LEU B 102 33.61 -36.94 1.57
C LEU B 102 33.12 -38.08 0.69
N PRO B 103 32.91 -37.83 -0.61
CA PRO B 103 33.02 -36.53 -1.28
C PRO B 103 31.73 -35.73 -1.07
N TYR B 104 31.83 -34.40 -1.10
CA TYR B 104 30.64 -33.56 -1.01
C TYR B 104 29.71 -33.84 -2.18
N ILE B 105 28.45 -33.50 -1.96
CA ILE B 105 27.39 -33.64 -2.94
C ILE B 105 26.73 -32.28 -3.10
N ARG B 106 26.04 -32.10 -4.23
CA ARG B 106 25.52 -30.80 -4.65
C ARG B 106 24.02 -30.71 -4.41
N LYS B 107 23.60 -29.60 -3.83
CA LYS B 107 22.20 -29.24 -3.61
C LYS B 107 22.00 -27.87 -4.25
N ASP B 108 21.70 -27.87 -5.55
CA ASP B 108 21.67 -26.60 -6.28
C ASP B 108 20.76 -25.59 -5.60
N GLY B 109 21.32 -24.41 -5.31
CA GLY B 109 20.56 -23.30 -4.78
C GLY B 109 20.57 -23.17 -3.28
N GLU B 110 21.12 -24.14 -2.58
CA GLU B 110 21.14 -24.16 -1.12
C GLU B 110 22.55 -23.88 -0.68
N ARG B 111 22.79 -22.66 -0.18
CA ARG B 111 24.12 -22.22 0.18
C ARG B 111 24.57 -22.89 1.49
N ASN B 112 25.62 -23.69 1.42
CA ASN B 112 26.17 -24.38 2.59
C ASN B 112 26.83 -23.36 3.52
N PRO B 113 26.36 -23.19 4.74
CA PRO B 113 26.94 -22.16 5.63
C PRO B 113 28.43 -22.34 5.88
N GLU B 114 29.01 -23.47 5.47
CA GLU B 114 30.46 -23.63 5.54
C GLU B 114 31.21 -22.61 4.69
N VAL B 115 30.54 -21.96 3.73
CA VAL B 115 31.21 -20.98 2.90
C VAL B 115 31.76 -19.86 3.74
N TYR B 116 31.11 -19.55 4.88
CA TYR B 116 31.53 -18.45 5.75
C TYR B 116 32.74 -18.79 6.60
N GLU B 117 33.20 -20.03 6.57
CA GLU B 117 34.45 -20.42 7.22
C GLU B 117 35.68 -20.01 6.42
N TYR B 118 35.50 -19.51 5.21
CA TYR B 118 36.62 -18.99 4.44
C TYR B 118 36.48 -17.48 4.43
N PRO B 119 37.32 -16.74 5.18
CA PRO B 119 37.12 -15.29 5.30
C PRO B 119 37.16 -14.51 3.98
N GLU B 120 37.87 -14.99 2.94
CA GLU B 120 37.89 -14.28 1.65
C GLU B 120 36.49 -14.10 1.08
N ARG B 121 35.58 -15.04 1.34
CA ARG B 121 34.27 -14.93 0.73
C ARG B 121 33.64 -13.58 1.05
N GLU B 122 33.58 -13.21 2.31
CA GLU B 122 33.01 -11.91 2.65
C GLU B 122 34.04 -10.79 2.58
N ASN B 123 35.32 -11.09 2.80
CA ASN B 123 36.30 -10.01 2.84
C ASN B 123 36.62 -9.45 1.44
N ALA B 124 36.54 -10.28 0.39
CA ALA B 124 36.66 -9.73 -0.95
C ALA B 124 35.52 -8.78 -1.25
N ASN B 125 34.32 -9.12 -0.76
CA ASN B 125 33.15 -8.27 -0.90
C ASN B 125 33.30 -6.96 -0.13
N ARG B 126 33.76 -7.03 1.13
CA ARG B 126 33.99 -5.81 1.92
C ARG B 126 35.11 -4.97 1.32
N PHE B 127 36.20 -5.61 0.89
CA PHE B 127 37.26 -4.83 0.25
C PHE B 127 36.76 -4.17 -1.02
N GLY B 128 36.12 -4.93 -1.90
CA GLY B 128 35.68 -4.36 -3.16
C GLY B 128 34.73 -3.19 -2.99
N ASP B 129 33.75 -3.34 -2.11
CA ASP B 129 32.86 -2.23 -1.82
C ASP B 129 33.64 -1.01 -1.30
N ALA B 130 34.58 -1.21 -0.39
CA ALA B 130 35.29 -0.06 0.16
C ALA B 130 36.09 0.67 -0.92
N ALA B 131 36.89 -0.08 -1.68
CA ALA B 131 37.73 0.53 -2.70
C ALA B 131 36.89 1.19 -3.78
N TYR B 132 35.80 0.55 -4.20
CA TYR B 132 34.96 1.13 -5.24
C TYR B 132 34.36 2.42 -4.76
N CYS B 133 33.86 2.44 -3.51
CA CYS B 133 33.23 3.66 -2.99
C CYS B 133 34.25 4.78 -2.86
N LEU B 134 35.39 4.52 -2.23
CA LEU B 134 36.39 5.56 -2.06
C LEU B 134 36.90 6.07 -3.40
N GLY B 135 37.15 5.15 -4.34
CA GLY B 135 37.66 5.54 -5.64
C GLY B 135 36.69 6.44 -6.39
N VAL B 136 35.40 6.11 -6.35
CA VAL B 136 34.44 6.95 -7.05
C VAL B 136 34.32 8.30 -6.36
N LEU B 137 34.31 8.33 -5.03
CA LEU B 137 34.17 9.61 -4.36
C LEU B 137 35.33 10.52 -4.67
N TYR B 138 36.53 9.95 -4.83
CA TYR B 138 37.70 10.75 -5.19
C TYR B 138 37.58 11.34 -6.58
N TYR B 139 37.04 10.58 -7.53
CA TYR B 139 36.79 11.11 -8.85
C TYR B 139 35.75 12.23 -8.81
N ILE B 140 34.67 12.05 -8.04
CA ILE B 140 33.62 13.07 -8.04
C ILE B 140 34.09 14.32 -7.32
N THR B 141 34.74 14.17 -6.18
CA THR B 141 35.03 15.30 -5.31
C THR B 141 36.45 15.82 -5.41
N GLY B 142 37.39 15.02 -5.92
CA GLY B 142 38.80 15.38 -5.89
C GLY B 142 39.46 15.40 -4.52
N LYS B 143 38.75 15.07 -3.45
CA LYS B 143 39.33 15.15 -2.10
C LYS B 143 40.38 14.05 -1.90
N GLU B 144 41.62 14.46 -1.57
CA GLU B 144 42.74 13.53 -1.49
C GLU B 144 42.57 12.51 -0.38
N VAL B 145 41.71 12.78 0.60
CA VAL B 145 41.52 11.79 1.66
C VAL B 145 40.87 10.53 1.08
N TYR B 146 40.09 10.65 0.01
CA TYR B 146 39.48 9.45 -0.54
C TYR B 146 40.47 8.62 -1.34
N ALA B 147 41.40 9.27 -2.06
CA ALA B 147 42.44 8.52 -2.75
C ALA B 147 43.36 7.82 -1.77
N LYS B 148 43.66 8.49 -0.65
CA LYS B 148 44.56 7.92 0.34
C LYS B 148 43.99 6.63 0.94
N ALA B 149 42.71 6.64 1.29
CA ALA B 149 42.16 5.44 1.89
C ALA B 149 42.02 4.34 0.83
N CYS B 150 41.55 4.70 -0.37
CA CYS B 150 41.42 3.73 -1.46
C CYS B 150 42.76 3.04 -1.72
N ALA B 151 43.82 3.84 -1.82
CA ALA B 151 45.13 3.27 -2.08
C ALA B 151 45.54 2.31 -0.96
N ASN B 152 45.25 2.66 0.30
CA ASN B 152 45.61 1.76 1.39
CA ASN B 152 45.60 1.77 1.40
C ASN B 152 44.95 0.40 1.22
N HIS B 153 43.66 0.39 0.86
CA HIS B 153 42.95 -0.86 0.60
C HIS B 153 43.52 -1.59 -0.62
N LEU B 154 43.79 -0.87 -1.70
CA LEU B 154 44.31 -1.50 -2.92
C LEU B 154 45.67 -2.14 -2.66
N ARG B 155 46.58 -1.39 -2.05
CA ARG B 155 47.90 -1.93 -1.72
C ARG B 155 47.78 -3.20 -0.89
N THR B 156 46.98 -3.16 0.17
CA THR B 156 46.95 -4.28 1.10
C THR B 156 46.40 -5.52 0.41
N TRP B 157 45.32 -5.35 -0.34
CA TRP B 157 44.66 -6.48 -0.97
C TRP B 157 45.48 -7.06 -2.13
N PHE B 158 46.03 -6.20 -2.98
CA PHE B 158 46.58 -6.65 -4.26
C PHE B 158 48.10 -6.80 -4.26
N THR B 159 48.83 -5.74 -3.92
CA THR B 159 50.24 -5.71 -4.27
C THR B 159 51.19 -5.95 -3.11
N ASP B 160 50.71 -5.88 -1.86
CA ASP B 160 51.63 -5.97 -0.74
C ASP B 160 52.40 -7.29 -0.78
N PRO B 161 53.72 -7.28 -0.58
CA PRO B 161 54.51 -8.52 -0.71
C PRO B 161 54.19 -9.56 0.34
N LYS B 162 53.50 -9.22 1.42
CA LYS B 162 53.10 -10.19 2.43
C LYS B 162 51.60 -10.38 2.52
N LEU B 163 50.82 -9.31 2.38
CA LEU B 163 49.38 -9.41 2.58
C LEU B 163 48.62 -9.51 1.26
N GLY B 164 49.25 -9.19 0.13
CA GLY B 164 48.54 -9.19 -1.16
C GLY B 164 48.30 -10.59 -1.68
N MET B 165 47.18 -10.76 -2.36
CA MET B 165 46.83 -12.08 -2.88
C MET B 165 47.67 -12.40 -4.10
N ASN B 166 48.03 -13.67 -4.22
CA ASN B 166 48.69 -14.15 -5.41
C ASN B 166 47.77 -13.92 -6.61
N PRO B 167 48.32 -13.53 -7.77
CA PRO B 167 47.42 -13.28 -8.93
C PRO B 167 46.91 -14.57 -9.57
N ASN B 168 45.99 -15.26 -8.91
CA ASN B 168 45.39 -16.49 -9.45
C ASN B 168 44.09 -16.80 -8.70
N MET B 169 43.31 -17.72 -9.26
CA MET B 169 42.12 -18.19 -8.57
C MET B 169 42.09 -19.72 -8.51
N THR B 170 43.26 -20.34 -8.34
CA THR B 170 43.37 -21.79 -8.35
C THR B 170 42.43 -22.46 -7.35
N TYR B 171 42.39 -21.95 -6.12
CA TYR B 171 41.60 -22.61 -5.09
C TYR B 171 40.30 -21.88 -4.80
N ALA B 172 39.83 -21.07 -5.75
CA ALA B 172 38.51 -20.47 -5.65
C ALA B 172 37.44 -21.54 -5.79
N GLN B 173 36.42 -21.49 -4.92
CA GLN B 173 35.30 -22.43 -4.90
C GLN B 173 35.76 -23.89 -5.05
N ALA B 174 36.75 -24.25 -4.24
CA ALA B 174 37.12 -25.64 -4.10
C ALA B 174 35.95 -26.46 -3.55
N VAL B 175 35.98 -27.76 -3.82
CA VAL B 175 35.01 -28.70 -3.28
C VAL B 175 35.79 -29.80 -2.59
N PRO B 176 35.59 -30.01 -1.29
CA PRO B 176 36.37 -31.04 -0.58
C PRO B 176 36.09 -32.42 -1.16
N GLY B 177 37.16 -33.20 -1.28
CA GLY B 177 37.07 -34.53 -1.83
C GLY B 177 36.69 -34.59 -3.30
N MET B 178 36.71 -33.48 -4.02
CA MET B 178 36.51 -33.54 -5.45
C MET B 178 37.88 -33.72 -6.10
N LYS B 179 37.97 -34.66 -7.03
CA LYS B 179 39.24 -35.12 -7.57
C LYS B 179 39.79 -34.18 -8.65
N LYS B 180 38.93 -33.59 -9.48
CA LYS B 180 39.34 -32.73 -10.57
C LYS B 180 39.30 -31.25 -10.17
N MET B 181 40.21 -30.47 -10.74
CA MET B 181 40.13 -29.02 -10.64
C MET B 181 39.07 -28.45 -11.58
N ARG B 182 38.34 -27.46 -11.09
CA ARG B 182 37.27 -26.81 -11.83
C ARG B 182 37.58 -25.33 -11.96
N GLY B 183 36.91 -24.70 -12.92
CA GLY B 183 37.04 -23.29 -13.14
C GLY B 183 35.90 -22.48 -12.61
N SER B 184 34.87 -23.12 -12.06
CA SER B 184 33.65 -22.38 -11.72
C SER B 184 33.92 -21.29 -10.69
N GLY B 185 34.94 -21.46 -9.86
CA GLY B 185 35.18 -20.46 -8.81
C GLY B 185 35.68 -19.12 -9.31
N PHE B 186 36.08 -19.04 -10.59
CA PHE B 186 36.60 -17.80 -11.13
C PHE B 186 35.62 -16.65 -10.98
N ILE B 187 34.34 -16.95 -11.04
CA ILE B 187 33.27 -15.98 -10.90
C ILE B 187 33.44 -15.18 -9.61
N ASP B 188 34.18 -15.72 -8.63
CA ASP B 188 34.44 -14.95 -7.41
C ASP B 188 35.20 -13.67 -7.73
N SER B 189 35.98 -13.67 -8.81
CA SER B 189 36.84 -12.54 -9.09
C SER B 189 36.07 -11.23 -9.26
N ARG B 190 34.78 -11.28 -9.60
CA ARG B 190 34.06 -10.04 -9.83
C ARG B 190 34.02 -9.15 -8.60
N ARG B 191 34.21 -9.72 -7.40
CA ARG B 191 34.17 -8.91 -6.18
C ARG B 191 35.37 -7.94 -6.13
N PHE B 192 36.58 -8.40 -6.44
CA PHE B 192 37.73 -7.51 -6.41
C PHE B 192 38.15 -6.95 -7.77
N SER B 193 37.61 -7.44 -8.89
CA SER B 193 38.07 -6.93 -10.17
C SER B 193 37.43 -5.57 -10.49
N ARG B 194 36.22 -5.32 -9.99
CA ARG B 194 35.67 -3.96 -10.00
C ARG B 194 36.56 -2.99 -9.25
N ALA B 195 37.15 -3.42 -8.11
CA ALA B 195 38.04 -2.51 -7.40
C ALA B 195 39.32 -2.31 -8.18
N LEU B 196 39.77 -3.33 -8.88
CA LEU B 196 40.92 -3.15 -9.75
C LEU B 196 40.67 -2.02 -10.74
N GLY B 197 39.48 -1.98 -11.34
CA GLY B 197 39.21 -0.99 -12.37
C GLY B 197 39.17 0.41 -11.82
N VAL B 198 38.57 0.56 -10.63
CA VAL B 198 38.45 1.86 -9.97
C VAL B 198 39.80 2.48 -9.62
N ALA B 199 40.84 1.66 -9.42
CA ALA B 199 42.17 2.22 -9.17
C ALA B 199 42.58 3.22 -10.24
N LYS B 200 42.11 3.01 -11.47
CA LYS B 200 42.36 3.97 -12.53
C LYS B 200 41.95 5.38 -12.11
N LEU B 201 40.86 5.49 -11.34
CA LEU B 201 40.32 6.80 -10.97
C LEU B 201 41.22 7.59 -10.02
N ILE B 202 42.09 6.93 -9.25
CA ILE B 202 42.94 7.62 -8.30
C ILE B 202 44.34 7.84 -8.83
N GLU B 203 44.60 7.47 -10.08
CA GLU B 203 45.86 7.82 -10.70
C GLU B 203 46.02 9.34 -10.73
N GLY B 204 47.21 9.81 -10.42
CA GLY B 204 47.45 11.24 -10.39
C GLY B 204 47.19 11.89 -9.06
N SER B 205 46.60 11.18 -8.11
CA SER B 205 46.51 11.68 -6.76
C SER B 205 47.89 11.67 -6.12
N LYS B 206 48.00 12.31 -4.96
CA LYS B 206 49.26 12.29 -4.23
C LYS B 206 49.51 10.95 -3.57
N SER B 207 48.44 10.22 -3.23
CA SER B 207 48.60 8.97 -2.50
C SER B 207 49.01 7.83 -3.41
N TRP B 208 48.61 7.87 -4.69
CA TRP B 208 48.89 6.79 -5.62
C TRP B 208 50.12 7.15 -6.45
N THR B 209 51.27 6.70 -5.98
CA THR B 209 52.57 6.98 -6.57
C THR B 209 52.81 6.17 -7.83
N PRO B 210 53.77 6.57 -8.67
CA PRO B 210 54.08 5.77 -9.85
C PRO B 210 54.52 4.38 -9.51
N SER B 211 55.14 4.19 -8.35
CA SER B 211 55.52 2.86 -7.93
C SER B 211 54.29 2.02 -7.59
N ASP B 212 53.32 2.60 -6.88
CA ASP B 212 52.06 1.92 -6.63
C ASP B 212 51.40 1.45 -7.92
N LYS B 213 51.28 2.35 -8.90
CA LYS B 213 50.65 1.98 -10.15
C LYS B 213 51.45 0.89 -10.88
N LYS B 214 52.78 0.97 -10.84
CA LYS B 214 53.62 -0.01 -11.49
C LYS B 214 53.36 -1.40 -10.92
N LYS B 215 53.31 -1.50 -9.58
CA LYS B 215 53.07 -2.79 -8.96
C LYS B 215 51.69 -3.33 -9.33
N LEU B 216 50.67 -2.47 -9.29
CA LEU B 216 49.34 -2.98 -9.63
C LEU B 216 49.27 -3.35 -11.10
N ASP B 217 49.94 -2.58 -11.98
CA ASP B 217 49.98 -2.97 -13.39
C ASP B 217 50.59 -4.35 -13.55
N ASP B 218 51.67 -4.62 -12.81
CA ASP B 218 52.34 -5.91 -12.91
C ASP B 218 51.46 -7.03 -12.36
N TRP B 219 50.74 -6.77 -11.25
CA TRP B 219 49.82 -7.77 -10.71
C TRP B 219 48.72 -8.08 -11.70
N ALA B 220 48.07 -7.05 -12.22
CA ALA B 220 46.97 -7.27 -13.16
C ALA B 220 47.46 -8.00 -14.41
N THR B 221 48.65 -7.62 -14.90
CA THR B 221 49.24 -8.36 -16.01
C THR B 221 49.40 -9.84 -15.66
N ALA B 222 49.87 -10.11 -14.44
CA ALA B 222 50.02 -11.49 -14.01
C ALA B 222 48.65 -12.15 -13.88
N PHE B 223 47.67 -11.43 -13.35
CA PHE B 223 46.34 -12.00 -13.22
C PHE B 223 45.74 -12.27 -14.59
N CYS B 224 45.91 -11.33 -15.52
CA CYS B 224 45.41 -11.55 -16.87
C CYS B 224 46.09 -12.76 -17.50
N TYR B 225 47.40 -12.92 -17.30
CA TYR B 225 48.06 -14.09 -17.85
C TYR B 225 47.47 -15.39 -17.29
N TRP B 226 47.22 -15.43 -15.97
CA TRP B 226 46.61 -16.62 -15.37
C TRP B 226 45.23 -16.90 -15.96
N MET B 227 44.40 -15.85 -16.11
CA MET B 227 43.05 -16.02 -16.68
C MET B 227 43.06 -16.66 -18.04
N GLU B 228 44.04 -16.33 -18.87
CA GLU B 228 44.03 -16.73 -20.27
C GLU B 228 44.76 -18.03 -20.55
N ASN B 229 45.71 -18.41 -19.69
CA ASN B 229 46.55 -19.57 -19.97
C ASN B 229 46.41 -20.70 -18.97
N SER B 230 45.95 -20.45 -17.75
CA SER B 230 45.77 -21.56 -16.84
C SER B 230 44.69 -22.48 -17.40
N THR B 231 44.79 -23.76 -17.06
CA THR B 231 43.77 -24.71 -17.47
C THR B 231 42.40 -24.30 -16.95
N GLN B 232 42.33 -23.82 -15.70
CA GLN B 232 41.06 -23.37 -15.13
C GLN B 232 40.51 -22.15 -15.87
N GLY B 233 41.38 -21.19 -16.19
CA GLY B 233 40.92 -20.02 -16.92
C GLY B 233 40.41 -20.38 -18.31
N GLN B 234 41.12 -21.28 -19.01
CA GLN B 234 40.67 -21.73 -20.32
C GLN B 234 39.32 -22.41 -20.23
N ARG B 235 39.15 -23.33 -19.27
CA ARG B 235 37.84 -23.95 -19.11
C ARG B 235 36.78 -22.89 -18.86
N GLU B 236 37.05 -21.97 -17.93
CA GLU B 236 36.02 -21.01 -17.58
C GLU B 236 35.69 -20.10 -18.76
N SER B 237 36.67 -19.79 -19.60
CA SER B 237 36.38 -19.00 -20.78
C SER B 237 35.52 -19.75 -21.79
N HIS B 238 35.35 -21.06 -21.68
CA HIS B 238 34.52 -21.78 -22.63
C HIS B 238 33.16 -22.18 -22.09
N ALA B 239 32.83 -21.76 -20.86
CA ALA B 239 31.59 -22.15 -20.21
C ALA B 239 30.36 -21.72 -20.99
N ALA B 240 29.34 -22.59 -21.01
CA ALA B 240 28.14 -22.39 -21.81
C ALA B 240 27.07 -21.53 -21.13
N ASN B 241 27.29 -21.12 -19.88
CA ASN B 241 26.26 -20.43 -19.11
C ASN B 241 26.75 -19.09 -18.65
N ASN B 242 26.14 -18.55 -17.60
CA ASN B 242 26.54 -17.25 -17.08
C ASN B 242 27.99 -17.21 -16.59
N HIS B 243 28.62 -18.36 -16.34
CA HIS B 243 30.05 -18.33 -15.98
C HIS B 243 30.90 -17.78 -17.12
N GLY B 244 30.52 -18.10 -18.37
CA GLY B 244 31.24 -17.55 -19.50
C GLY B 244 31.04 -16.05 -19.67
N LEU B 245 29.84 -15.56 -19.40
CA LEU B 245 29.61 -14.12 -19.47
C LEU B 245 30.39 -13.40 -18.40
N TRP B 246 30.29 -13.87 -17.16
CA TRP B 246 31.03 -13.24 -16.07
C TRP B 246 32.53 -13.36 -16.25
N TYR B 247 32.99 -14.48 -16.84
CA TYR B 247 34.41 -14.57 -17.14
C TYR B 247 34.86 -13.42 -18.05
N GLU B 248 34.07 -13.11 -19.09
CA GLU B 248 34.49 -12.05 -19.99
C GLU B 248 34.26 -10.67 -19.40
N ALA B 249 33.22 -10.50 -18.59
CA ALA B 249 33.09 -9.22 -17.91
C ALA B 249 34.31 -8.97 -17.03
N ILE B 250 34.73 -9.99 -16.28
CA ILE B 250 35.94 -9.79 -15.49
C ILE B 250 37.13 -9.56 -16.42
N HIS B 251 37.22 -10.35 -17.50
CA HIS B 251 38.30 -10.15 -18.45
C HIS B 251 38.36 -8.69 -18.89
N LEU B 252 37.21 -8.11 -19.24
CA LEU B 252 37.18 -6.72 -19.71
C LEU B 252 37.63 -5.74 -18.63
N MET B 253 37.23 -5.96 -17.38
CA MET B 253 37.69 -5.07 -16.31
C MET B 253 39.21 -5.07 -16.21
N VAL B 254 39.82 -6.24 -16.26
CA VAL B 254 41.27 -6.32 -16.20
C VAL B 254 41.89 -5.64 -17.41
N LEU B 255 41.32 -5.88 -18.60
CA LEU B 255 41.88 -5.28 -19.82
C LEU B 255 41.72 -3.76 -19.84
N ALA B 256 40.58 -3.25 -19.34
CA ALA B 256 40.42 -1.80 -19.30
C ALA B 256 41.36 -1.17 -18.29
N TYR B 257 41.60 -1.83 -17.16
CA TYR B 257 42.57 -1.28 -16.23
C TYR B 257 43.94 -1.24 -16.86
N LEU B 258 44.28 -2.26 -17.66
CA LEU B 258 45.55 -2.29 -18.35
C LEU B 258 45.55 -1.48 -19.64
N ASP B 259 44.46 -0.76 -19.97
CA ASP B 259 44.41 0.09 -21.17
C ASP B 259 44.56 -0.66 -22.48
N ARG B 260 44.23 -1.94 -22.53
CA ARG B 260 44.38 -2.69 -23.77
C ARG B 260 43.05 -2.64 -24.53
N THR B 261 42.79 -1.47 -25.15
CA THR B 261 41.50 -1.28 -25.82
C THR B 261 41.30 -2.18 -27.03
N ASP B 262 42.37 -2.58 -27.72
CA ASP B 262 42.18 -3.53 -28.81
C ASP B 262 41.73 -4.89 -28.31
N ARG B 263 42.29 -5.36 -27.20
CA ARG B 263 41.83 -6.62 -26.61
C ARG B 263 40.37 -6.53 -26.23
N ILE B 264 39.97 -5.40 -25.61
CA ILE B 264 38.57 -5.20 -25.29
C ILE B 264 37.70 -5.39 -26.53
N ARG B 265 38.12 -4.77 -27.63
CA ARG B 265 37.37 -4.87 -28.89
C ARG B 265 37.32 -6.31 -29.35
N GLU B 266 38.47 -7.00 -29.36
CA GLU B 266 38.51 -8.39 -29.80
C GLU B 266 37.64 -9.27 -28.92
N VAL B 267 37.74 -9.09 -27.60
CA VAL B 267 36.93 -9.89 -26.68
C VAL B 267 35.44 -9.64 -26.91
N ALA B 268 35.06 -8.36 -27.11
CA ALA B 268 33.64 -8.05 -27.32
C ALA B 268 33.11 -8.75 -28.57
N GLU B 269 33.86 -8.70 -29.66
CA GLU B 269 33.32 -9.29 -30.88
C GLU B 269 33.63 -10.76 -31.03
N GLN B 270 34.74 -11.26 -30.50
CA GLN B 270 35.02 -12.66 -30.72
C GLN B 270 34.59 -13.55 -29.57
N SER B 271 34.24 -13.01 -28.42
CA SER B 271 33.87 -13.90 -27.34
C SER B 271 32.51 -13.57 -26.71
N ILE B 272 32.30 -12.33 -26.27
CA ILE B 272 31.06 -12.03 -25.54
C ILE B 272 29.85 -12.19 -26.44
N LEU B 273 29.84 -11.51 -27.58
CA LEU B 273 28.68 -11.59 -28.47
C LEU B 273 28.42 -13.03 -28.95
N PRO B 274 29.41 -13.80 -29.43
CA PRO B 274 29.12 -15.21 -29.73
C PRO B 274 28.61 -15.99 -28.53
N LYS B 275 29.16 -15.76 -27.32
CA LYS B 275 28.64 -16.46 -26.15
C LYS B 275 27.23 -16.01 -25.81
N MET B 276 26.99 -14.70 -25.87
CA MET B 276 25.64 -14.16 -25.72
C MET B 276 24.67 -14.78 -26.71
N GLY B 277 25.05 -14.85 -27.98
CA GLY B 277 24.13 -15.34 -28.99
C GLY B 277 23.82 -16.82 -28.88
N ALA B 278 24.77 -17.59 -28.36
CA ALA B 278 24.59 -19.03 -28.22
C ALA B 278 23.69 -19.38 -27.05
N GLN B 279 23.53 -18.46 -26.10
CA GLN B 279 22.78 -18.69 -24.88
C GLN B 279 21.36 -18.12 -24.92
N ILE B 280 21.03 -17.28 -25.89
CA ILE B 280 19.69 -16.70 -25.99
C ILE B 280 18.82 -17.60 -26.87
N ALA B 281 17.68 -18.04 -26.33
CA ALA B 281 16.76 -18.88 -27.09
C ALA B 281 15.88 -18.03 -28.02
N ASP B 282 15.08 -18.72 -28.83
CA ASP B 282 14.28 -18.04 -29.84
C ASP B 282 13.29 -17.07 -29.21
N ASP B 283 12.70 -17.45 -28.08
CA ASP B 283 11.72 -16.61 -27.40
C ASP B 283 12.35 -15.52 -26.53
N GLY B 284 13.68 -15.55 -26.36
CA GLY B 284 14.41 -14.65 -25.50
C GLY B 284 14.85 -15.22 -24.16
N SER B 285 14.38 -16.41 -23.81
CA SER B 285 14.79 -17.01 -22.53
C SER B 285 16.24 -17.47 -22.60
N LEU B 286 16.78 -17.84 -21.43
CA LEU B 286 18.15 -18.33 -21.30
C LEU B 286 18.10 -19.78 -20.82
N PRO B 287 17.99 -20.74 -21.73
CA PRO B 287 17.79 -22.16 -21.33
C PRO B 287 18.79 -22.67 -20.30
N GLN B 288 20.03 -22.20 -20.33
CA GLN B 288 21.02 -22.67 -19.37
C GLN B 288 20.70 -22.22 -17.96
N GLU B 289 20.11 -21.02 -17.80
CA GLU B 289 19.73 -20.56 -16.47
C GLU B 289 18.37 -21.11 -16.06
N LEU B 290 17.52 -21.45 -17.03
CA LEU B 290 16.19 -21.96 -16.72
C LEU B 290 16.26 -23.27 -15.95
N LYS B 291 17.28 -24.08 -16.22
CA LYS B 291 17.37 -25.38 -15.57
C LYS B 291 17.88 -25.28 -14.13
N ARG B 292 18.11 -24.08 -13.61
CA ARG B 292 18.60 -23.92 -12.25
C ARG B 292 17.43 -23.80 -11.28
N THR B 293 17.69 -24.14 -10.02
CA THR B 293 16.68 -24.01 -8.97
C THR B 293 16.38 -22.55 -8.65
N LEU B 294 17.24 -21.63 -9.07
CA LEU B 294 17.05 -20.19 -8.89
C LEU B 294 17.03 -19.50 -10.25
N SER B 295 16.05 -19.86 -11.08
CA SER B 295 16.14 -19.58 -12.51
C SER B 295 15.88 -18.11 -12.87
N LEU B 296 15.04 -17.41 -12.12
CA LEU B 296 14.91 -15.99 -12.40
C LEU B 296 16.10 -15.21 -11.86
N HIS B 297 16.68 -15.66 -10.75
CA HIS B 297 17.91 -15.02 -10.27
C HIS B 297 19.04 -15.20 -11.28
N TYR B 298 19.20 -16.41 -11.82
CA TYR B 298 20.31 -16.67 -12.72
C TYR B 298 20.09 -16.12 -14.11
N SER B 299 18.84 -15.94 -14.53
CA SER B 299 18.59 -15.17 -15.74
C SER B 299 19.08 -13.75 -15.58
N THR B 300 18.75 -13.12 -14.44
CA THR B 300 19.18 -11.76 -14.16
C THR B 300 20.70 -11.68 -13.97
N PHE B 301 21.28 -12.67 -13.32
CA PHE B 301 22.72 -12.69 -13.11
C PHE B 301 23.48 -12.75 -14.45
N ALA B 302 22.93 -13.46 -15.44
CA ALA B 302 23.58 -13.53 -16.75
C ALA B 302 23.62 -12.15 -17.41
N LEU B 303 22.50 -11.43 -17.38
CA LEU B 303 22.46 -10.12 -18.00
C LEU B 303 23.29 -9.11 -17.23
N GLU B 304 23.40 -9.28 -15.91
CA GLU B 304 24.23 -8.36 -15.15
C GLU B 304 25.67 -8.50 -15.60
N ALA B 305 26.11 -9.71 -15.92
CA ALA B 305 27.41 -9.86 -16.55
C ALA B 305 27.48 -9.03 -17.82
N LEU B 306 26.47 -9.18 -18.69
CA LEU B 306 26.46 -8.43 -19.94
C LEU B 306 26.42 -6.96 -19.68
N MET B 307 25.57 -6.53 -18.75
CA MET B 307 25.46 -5.13 -18.38
C MET B 307 26.81 -4.54 -17.96
N GLU B 308 27.58 -5.28 -17.16
CA GLU B 308 28.84 -4.71 -16.72
C GLU B 308 29.90 -4.79 -17.82
N ALA B 309 29.88 -5.84 -18.64
CA ALA B 309 30.75 -5.81 -19.80
C ALA B 309 30.43 -4.62 -20.66
N ASN B 310 29.12 -4.34 -20.84
CA ASN B 310 28.73 -3.25 -21.72
C ASN B 310 29.22 -1.90 -21.21
N GLN B 311 29.23 -1.68 -19.89
CA GLN B 311 29.73 -0.41 -19.40
C GLN B 311 31.13 -0.14 -19.87
N ILE B 312 31.90 -1.19 -20.14
CA ILE B 312 33.25 -1.01 -20.62
C ILE B 312 33.30 -0.93 -22.14
N THR B 313 32.63 -1.84 -22.86
CA THR B 313 32.69 -1.81 -24.30
C THR B 313 32.09 -0.52 -24.86
N SER B 314 30.99 -0.04 -24.27
CA SER B 314 30.33 1.14 -24.81
C SER B 314 31.19 2.39 -24.68
N GLN B 315 32.13 2.39 -23.75
N GLN B 315 32.13 2.44 -23.77
CA GLN B 315 33.09 3.47 -23.56
CA GLN B 315 32.96 3.64 -23.72
C GLN B 315 34.05 3.62 -24.74
C GLN B 315 34.08 3.61 -24.74
N ILE B 316 34.10 2.63 -25.63
CA ILE B 316 34.97 2.64 -26.81
C ILE B 316 34.14 2.32 -28.05
N GLY B 317 32.82 2.47 -27.93
CA GLY B 317 31.88 2.44 -29.03
C GLY B 317 31.21 1.11 -29.35
N ILE B 318 31.26 0.12 -28.48
CA ILE B 318 30.62 -1.15 -28.77
C ILE B 318 29.47 -1.36 -27.79
N ASN B 319 28.25 -1.40 -28.32
CA ASN B 319 27.03 -1.49 -27.53
C ASN B 319 26.60 -2.95 -27.52
N LEU B 320 26.81 -3.62 -26.39
CA LEU B 320 26.50 -5.06 -26.33
C LEU B 320 25.01 -5.31 -26.21
N TRP B 321 24.22 -4.30 -25.85
CA TRP B 321 22.77 -4.51 -25.76
C TRP B 321 22.12 -4.60 -27.13
N SER B 322 22.62 -3.83 -28.09
CA SER B 322 22.01 -3.76 -29.41
C SER B 322 22.78 -4.48 -30.52
N THR B 323 24.04 -4.87 -30.31
CA THR B 323 24.80 -5.49 -31.40
C THR B 323 24.46 -6.96 -31.53
N PRO B 324 23.98 -7.41 -32.70
CA PRO B 324 23.62 -8.83 -32.84
C PRO B 324 24.84 -9.73 -32.97
N ALA B 325 24.67 -10.97 -32.53
CA ALA B 325 25.69 -11.98 -32.74
C ALA B 325 25.63 -12.52 -34.16
N SER B 326 26.63 -13.32 -34.52
CA SER B 326 26.68 -13.93 -35.85
C SER B 326 25.44 -14.75 -36.15
N ASN B 327 24.82 -15.36 -35.15
CA ASN B 327 23.61 -16.14 -35.40
C ASN B 327 22.35 -15.29 -35.38
N GLY B 328 22.46 -13.98 -35.32
CA GLY B 328 21.33 -13.08 -35.31
C GLY B 328 20.70 -12.83 -33.96
N LYS B 329 21.06 -13.58 -32.91
CA LYS B 329 20.59 -13.25 -31.57
C LYS B 329 21.19 -11.94 -31.08
N VAL B 330 20.41 -11.20 -30.31
CA VAL B 330 20.86 -9.93 -29.75
C VAL B 330 20.38 -9.82 -28.31
N ALA B 331 21.22 -9.24 -27.44
CA ALA B 331 20.92 -9.29 -26.01
C ALA B 331 19.60 -8.63 -25.65
N SER B 332 19.16 -7.63 -26.42
CA SER B 332 17.85 -7.02 -26.15
C SER B 332 16.74 -8.07 -26.11
N GLN B 333 16.87 -9.15 -26.87
CA GLN B 333 15.81 -10.15 -26.91
C GLN B 333 15.63 -10.81 -25.55
N ALA B 334 16.72 -10.96 -24.80
CA ALA B 334 16.65 -11.58 -23.50
C ALA B 334 16.03 -10.66 -22.45
N VAL B 335 16.18 -9.34 -22.63
CA VAL B 335 15.50 -8.41 -21.74
C VAL B 335 14.01 -8.43 -22.00
N ASP B 336 13.60 -8.46 -23.28
CA ASP B 336 12.18 -8.55 -23.62
C ASP B 336 11.53 -9.73 -22.91
N TYR B 337 12.17 -10.90 -23.01
CA TYR B 337 11.58 -12.09 -22.39
C TYR B 337 11.37 -11.89 -20.90
N LEU B 338 12.32 -11.25 -20.21
CA LEU B 338 12.28 -11.15 -18.76
C LEU B 338 11.45 -9.98 -18.25
N TYR B 339 11.32 -8.91 -19.04
CA TYR B 339 10.64 -7.70 -18.58
C TYR B 339 9.26 -7.92 -17.97
N PRO B 340 8.34 -8.71 -18.56
CA PRO B 340 7.08 -8.98 -17.86
C PRO B 340 7.28 -9.46 -16.43
N PHE B 341 8.19 -10.43 -16.24
CA PHE B 341 8.49 -10.99 -14.93
C PHE B 341 9.25 -10.03 -14.02
N TYR B 342 9.81 -8.94 -14.53
CA TYR B 342 10.34 -7.93 -13.61
C TYR B 342 9.20 -7.11 -13.05
N LEU B 343 8.15 -6.94 -13.84
CA LEU B 343 6.95 -6.25 -13.37
C LEU B 343 6.25 -7.08 -12.29
N ASN B 344 6.12 -8.38 -12.52
CA ASN B 344 5.38 -9.27 -11.62
C ASN B 344 6.19 -10.54 -11.42
N PRO B 345 7.13 -10.52 -10.46
CA PRO B 345 8.02 -11.66 -10.27
C PRO B 345 7.34 -12.97 -9.92
N GLU B 346 6.09 -12.94 -9.44
CA GLU B 346 5.42 -14.19 -9.09
C GLU B 346 4.89 -14.94 -10.32
N ASP B 347 4.93 -14.33 -11.51
CA ASP B 347 4.46 -15.00 -12.73
C ASP B 347 5.50 -15.96 -13.30
N TRP B 348 6.70 -15.98 -12.73
CA TRP B 348 7.79 -16.80 -13.22
C TRP B 348 7.44 -18.29 -13.08
N LYS B 349 7.39 -19.01 -14.20
CA LYS B 349 6.93 -20.40 -14.14
C LYS B 349 8.04 -21.38 -13.79
N PHE B 350 9.28 -20.95 -13.60
CA PHE B 350 10.35 -21.92 -13.43
C PHE B 350 10.88 -21.87 -11.99
N LYS B 351 11.64 -22.91 -11.64
CA LYS B 351 11.98 -23.15 -10.25
C LYS B 351 12.76 -21.98 -9.66
N GLN B 352 12.29 -21.48 -8.51
CA GLN B 352 12.93 -20.34 -7.85
C GLN B 352 12.69 -20.53 -6.35
N ILE B 353 13.54 -21.37 -5.75
CA ILE B 353 13.38 -21.88 -4.39
C ILE B 353 13.68 -20.83 -3.32
N LYS B 354 13.86 -19.59 -3.73
CA LYS B 354 14.03 -18.45 -2.83
C LYS B 354 13.42 -17.25 -3.52
N PRO B 355 12.90 -16.27 -2.77
CA PRO B 355 12.25 -15.12 -3.40
C PRO B 355 13.23 -14.24 -4.16
N PHE B 356 12.73 -13.70 -5.28
CA PHE B 356 13.52 -12.82 -6.11
C PHE B 356 13.35 -11.36 -5.69
N ASP B 357 14.49 -10.69 -5.46
CA ASP B 357 14.55 -9.29 -5.05
C ASP B 357 14.42 -8.42 -6.28
N GLN B 358 13.30 -7.71 -6.39
CA GLN B 358 13.00 -6.88 -7.57
C GLN B 358 13.91 -5.66 -7.73
N SER B 359 14.60 -5.23 -6.67
CA SER B 359 15.42 -4.04 -6.81
C SER B 359 16.56 -4.24 -7.78
N ARG B 360 16.96 -5.50 -7.99
CA ARG B 360 18.08 -5.75 -8.88
C ARG B 360 17.75 -5.36 -10.32
N ALA B 361 16.47 -5.41 -10.68
CA ALA B 361 16.02 -5.04 -12.00
C ALA B 361 16.07 -3.54 -12.24
N ALA B 362 16.21 -2.73 -11.19
CA ALA B 362 16.23 -1.28 -11.37
C ALA B 362 17.42 -0.87 -12.22
N ILE B 363 18.63 -1.14 -11.73
CA ILE B 363 19.83 -0.76 -12.44
C ILE B 363 19.91 -1.46 -13.79
N LEU B 364 19.56 -2.74 -13.83
CA LEU B 364 19.66 -3.49 -15.09
C LEU B 364 18.79 -2.86 -16.17
N LEU B 365 17.52 -2.58 -15.85
CA LEU B 365 16.63 -1.98 -16.84
C LEU B 365 17.02 -0.56 -17.19
N TYR B 366 17.61 0.20 -16.25
CA TYR B 366 18.08 1.53 -16.62
C TYR B 366 19.24 1.45 -17.62
N GLU B 367 20.21 0.57 -17.36
CA GLU B 367 21.35 0.41 -18.25
C GLU B 367 20.92 -0.01 -19.65
N ALA B 368 20.17 -1.10 -19.75
CA ALA B 368 19.72 -1.56 -21.06
C ALA B 368 18.80 -0.55 -21.71
N GLY B 369 17.91 0.07 -20.92
CA GLY B 369 17.04 1.10 -21.45
C GLY B 369 17.80 2.24 -22.10
N THR B 370 18.74 2.82 -21.36
CA THR B 370 19.51 3.92 -21.92
C THR B 370 20.29 3.46 -23.15
N ALA B 371 20.82 2.22 -23.12
CA ALA B 371 21.59 1.73 -24.25
C ALA B 371 20.72 1.42 -25.47
N LEU B 372 19.47 1.00 -25.25
CA LEU B 372 18.59 0.60 -26.33
C LEU B 372 17.58 1.67 -26.73
N GLY B 373 17.68 2.89 -26.20
CA GLY B 373 16.69 3.92 -26.37
C GLY B 373 15.25 3.48 -26.13
N ASN B 374 15.02 2.75 -25.05
CA ASN B 374 13.71 2.18 -24.78
C ASN B 374 13.18 2.90 -23.54
N GLN B 375 12.29 3.86 -23.75
CA GLN B 375 11.79 4.65 -22.64
C GLN B 375 10.96 3.82 -21.67
N LYS B 376 10.23 2.82 -22.18
CA LYS B 376 9.44 1.98 -21.28
C LYS B 376 10.33 1.36 -20.20
N TYR B 377 11.50 0.85 -20.61
CA TYR B 377 12.40 0.22 -19.66
C TYR B 377 12.92 1.24 -18.64
N VAL B 378 13.33 2.42 -19.12
CA VAL B 378 13.86 3.46 -18.23
C VAL B 378 12.79 3.94 -17.26
N ASP B 379 11.55 4.07 -17.74
CA ASP B 379 10.46 4.46 -16.86
C ASP B 379 10.22 3.41 -15.78
N THR B 380 10.10 2.15 -16.18
CA THR B 380 9.97 1.07 -15.21
C THR B 380 11.16 1.03 -14.26
N ALA B 381 12.34 1.42 -14.74
CA ALA B 381 13.52 1.43 -13.88
C ALA B 381 13.34 2.47 -12.78
N LYS B 382 12.85 3.67 -13.15
CA LYS B 382 12.67 4.70 -12.13
C LYS B 382 11.47 4.42 -11.24
N ARG B 383 10.43 3.79 -11.76
CA ARG B 383 9.31 3.40 -10.92
C ARG B 383 9.73 2.42 -9.83
N ILE B 384 10.47 1.38 -10.19
CA ILE B 384 11.00 0.46 -9.19
C ILE B 384 11.97 1.18 -8.26
N GLY B 385 12.90 1.94 -8.83
CA GLY B 385 13.78 2.80 -8.06
C GLY B 385 14.75 2.12 -7.11
N LEU B 386 15.68 2.91 -6.61
CA LEU B 386 16.54 2.56 -5.51
C LEU B 386 16.27 3.53 -4.37
N LYS B 387 16.61 3.12 -3.16
CA LYS B 387 16.38 3.96 -1.99
C LYS B 387 17.40 5.10 -1.95
N TYR B 388 16.92 6.34 -1.82
CA TYR B 388 17.80 7.50 -1.90
C TYR B 388 18.96 7.40 -0.93
N SER B 389 18.72 6.84 0.25
CA SER B 389 19.72 6.83 1.31
C SER B 389 20.44 5.49 1.45
N THR B 390 20.28 4.58 0.49
CA THR B 390 20.93 3.29 0.61
C THR B 390 22.45 3.44 0.63
N SER B 391 23.11 2.53 1.33
CA SER B 391 24.57 2.51 1.40
C SER B 391 25.19 1.46 0.48
N ASP B 392 24.39 0.84 -0.41
CA ASP B 392 24.86 -0.07 -1.44
C ASP B 392 25.77 0.65 -2.44
N VAL B 393 27.07 0.32 -2.45
CA VAL B 393 28.05 1.13 -3.16
C VAL B 393 27.82 1.10 -4.66
N GLU B 394 27.33 -0.02 -5.17
CA GLU B 394 27.07 -0.17 -6.59
C GLU B 394 25.96 0.75 -7.07
N THR B 395 25.19 1.33 -6.15
CA THR B 395 24.15 2.26 -6.54
C THR B 395 24.61 3.71 -6.48
N ILE B 396 25.89 3.96 -6.16
CA ILE B 396 26.36 5.34 -6.06
C ILE B 396 26.11 6.14 -7.33
N PRO B 397 26.43 5.64 -8.54
CA PRO B 397 26.25 6.46 -9.74
C PRO B 397 24.81 6.80 -10.07
N TYR B 398 23.83 6.09 -9.52
CA TYR B 398 22.45 6.13 -9.99
C TYR B 398 21.56 7.04 -9.15
N LEU B 399 21.98 8.30 -8.95
CA LEU B 399 21.06 9.32 -8.45
C LEU B 399 19.78 9.37 -9.28
N VAL B 400 19.90 9.20 -10.61
CA VAL B 400 18.73 9.20 -11.48
C VAL B 400 17.69 8.16 -11.09
N LEU B 401 18.02 7.22 -10.19
CA LEU B 401 17.08 6.19 -9.79
C LEU B 401 16.58 6.37 -8.36
N LYS B 402 16.94 7.45 -7.69
CA LYS B 402 16.66 7.55 -6.27
C LYS B 402 15.73 8.70 -5.94
N SER C 23 11.82 42.01 0.67
CA SER C 23 10.70 41.47 1.44
C SER C 23 9.42 41.29 0.60
N ALA C 24 8.76 40.14 0.77
CA ALA C 24 7.45 39.95 0.14
C ALA C 24 6.49 40.97 0.73
N PRO C 25 5.64 41.58 -0.07
CA PRO C 25 4.65 42.51 0.48
C PRO C 25 3.72 41.78 1.45
N LEU C 26 3.10 42.57 2.33
CA LEU C 26 2.11 42.05 3.24
C LEU C 26 0.95 41.50 2.42
N GLY C 27 0.61 40.23 2.62
CA GLY C 27 -0.47 39.62 1.88
C GLY C 27 -0.82 38.24 2.41
N PRO C 28 -1.83 37.63 1.82
CA PRO C 28 -2.39 36.36 2.36
C PRO C 28 -1.73 35.09 1.80
N PHE C 29 -0.55 34.81 2.32
CA PHE C 29 0.29 33.72 1.84
C PHE C 29 1.46 33.61 2.82
N ASN C 30 2.08 32.44 2.85
CA ASN C 30 3.30 32.27 3.62
C ASN C 30 4.43 33.06 2.96
N ALA C 31 4.72 34.24 3.50
CA ALA C 31 5.70 35.13 2.87
C ALA C 31 7.11 34.57 2.92
N THR C 32 7.45 33.78 3.94
CA THR C 32 8.77 33.17 4.01
C THR C 32 8.97 32.22 2.82
N LEU C 33 8.06 31.26 2.66
CA LEU C 33 8.15 30.31 1.55
C LEU C 33 8.07 31.03 0.21
N LEU C 34 7.28 32.09 0.13
CA LEU C 34 7.18 32.81 -1.14
C LEU C 34 8.51 33.46 -1.49
N GLU C 35 9.16 34.13 -0.53
CA GLU C 35 10.46 34.76 -0.76
C GLU C 35 11.52 33.73 -1.13
N GLN C 36 11.57 32.63 -0.39
CA GLN C 36 12.52 31.56 -0.70
C GLN C 36 12.35 31.10 -2.14
N LEU C 37 11.10 30.98 -2.60
CA LEU C 37 10.91 30.53 -3.96
C LEU C 37 11.44 31.54 -4.96
N LYS C 38 11.18 32.84 -4.75
CA LYS C 38 11.67 33.85 -5.68
C LYS C 38 13.19 33.88 -5.70
N ASN C 39 13.80 33.82 -4.52
CA ASN C 39 15.25 33.86 -4.42
C ASN C 39 15.88 32.70 -5.17
N ASP C 40 15.44 31.47 -4.89
CA ASP C 40 16.02 30.30 -5.55
C ASP C 40 15.75 30.32 -7.05
N TYR C 41 14.56 30.75 -7.47
CA TYR C 41 14.27 30.85 -8.89
C TYR C 41 15.22 31.83 -9.57
N GLN C 42 15.48 32.96 -8.93
CA GLN C 42 16.40 33.94 -9.51
C GLN C 42 17.82 33.42 -9.50
N LYS C 43 18.22 32.66 -8.48
CA LYS C 43 19.54 32.08 -8.45
C LYS C 43 19.68 30.84 -9.34
N GLY C 44 18.63 30.43 -10.05
CA GLY C 44 18.72 29.36 -11.02
C GLY C 44 18.71 27.93 -10.48
N GLU C 45 18.47 27.76 -9.18
CA GLU C 45 18.50 26.43 -8.56
C GLU C 45 17.60 25.47 -9.33
N LYS C 46 18.16 24.33 -9.71
CA LYS C 46 17.45 23.42 -10.62
C LYS C 46 16.08 23.01 -10.09
N GLU C 47 15.99 22.66 -8.80
CA GLU C 47 14.74 22.08 -8.32
C GLU C 47 13.61 23.10 -8.32
N VAL C 48 13.90 24.31 -7.85
CA VAL C 48 12.89 25.36 -7.86
C VAL C 48 12.52 25.75 -9.28
N THR C 49 13.52 25.89 -10.16
CA THR C 49 13.22 26.20 -11.56
C THR C 49 12.31 25.14 -12.17
N ARG C 50 12.60 23.87 -11.94
CA ARG C 50 11.72 22.83 -12.46
C ARG C 50 10.30 22.97 -11.92
N TYR C 51 10.17 23.33 -10.64
CA TYR C 51 8.84 23.43 -10.03
C TYR C 51 8.05 24.61 -10.58
N ILE C 52 8.68 25.79 -10.68
CA ILE C 52 7.98 26.96 -11.20
C ILE C 52 7.60 26.78 -12.66
N GLU C 53 8.41 26.05 -13.43
CA GLU C 53 8.05 25.82 -14.82
C GLU C 53 6.81 24.95 -14.92
N LEU C 54 6.69 23.97 -14.03
CA LEU C 54 5.44 23.23 -13.95
C LEU C 54 4.30 24.17 -13.58
N GLN C 55 4.48 25.00 -12.54
CA GLN C 55 3.46 25.99 -12.19
C GLN C 55 3.11 26.88 -13.37
N GLU C 56 4.12 27.33 -14.11
CA GLU C 56 3.86 28.14 -15.30
C GLU C 56 3.01 27.38 -16.31
N LYS C 57 3.23 26.07 -16.42
CA LYS C 57 2.42 25.25 -17.33
C LYS C 57 0.99 25.13 -16.84
N VAL C 58 0.81 24.98 -15.53
CA VAL C 58 -0.53 24.93 -14.96
C VAL C 58 -1.25 26.25 -15.13
N ALA C 59 -0.53 27.37 -15.06
CA ALA C 59 -1.13 28.69 -15.13
C ALA C 59 -1.57 29.11 -16.53
N GLU C 60 -1.25 28.32 -17.57
CA GLU C 60 -1.60 28.73 -18.93
C GLU C 60 -3.11 28.85 -19.11
N LYS C 61 -3.89 27.92 -18.53
CA LYS C 61 -5.34 28.04 -18.64
C LYS C 61 -5.84 29.34 -18.03
N TYR C 62 -5.13 29.89 -17.04
CA TYR C 62 -5.62 31.12 -16.43
C TYR C 62 -5.33 32.32 -17.30
N ILE C 63 -4.27 32.26 -18.11
CA ILE C 63 -3.99 33.37 -19.03
C ILE C 63 -5.01 33.40 -20.15
N LYS C 64 -5.47 32.23 -20.60
CA LYS C 64 -6.46 32.16 -21.66
C LYS C 64 -7.87 32.45 -21.17
N MET C 65 -8.18 32.15 -19.91
CA MET C 65 -9.54 32.18 -19.36
C MET C 65 -10.12 33.59 -19.44
N THR C 66 -11.38 33.68 -19.88
CA THR C 66 -12.09 34.96 -19.91
C THR C 66 -12.37 35.43 -18.50
N PRO C 67 -12.08 36.69 -18.17
CA PRO C 67 -12.35 37.19 -16.82
C PRO C 67 -13.83 37.03 -16.46
N LEU C 68 -14.07 36.56 -15.24
CA LEU C 68 -15.41 36.37 -14.72
C LEU C 68 -15.92 37.64 -14.04
N SER C 69 -17.25 37.72 -13.96
CA SER C 69 -17.92 38.86 -13.34
C SER C 69 -19.12 38.37 -12.54
N VAL C 70 -19.37 39.03 -11.41
CA VAL C 70 -20.50 38.65 -10.59
C VAL C 70 -21.83 38.86 -11.33
N THR C 71 -21.84 39.72 -12.37
CA THR C 71 -23.06 40.07 -13.08
C THR C 71 -23.52 38.99 -14.07
N ALA C 72 -22.82 37.87 -14.19
CA ALA C 72 -23.20 36.85 -15.19
C ALA C 72 -24.22 35.88 -14.61
N LYS C 73 -25.36 36.43 -14.21
CA LYS C 73 -26.42 35.62 -13.63
C LYS C 73 -27.74 36.06 -14.23
N LYS C 74 -28.71 35.14 -14.26
CA LYS C 74 -30.05 35.49 -14.73
C LYS C 74 -30.96 35.91 -13.58
N LYS C 75 -31.11 35.04 -12.57
CA LYS C 75 -31.95 35.33 -11.42
C LYS C 75 -31.34 36.48 -10.64
N LEU C 76 -32.02 37.63 -10.60
CA LEU C 76 -31.48 38.79 -9.89
C LEU C 76 -31.74 38.73 -8.39
N PRO C 77 -31.00 39.50 -7.61
CA PRO C 77 -31.26 39.58 -6.17
C PRO C 77 -32.36 40.57 -5.87
N PRO C 78 -32.84 40.61 -4.61
CA PRO C 78 -33.95 41.51 -4.26
C PRO C 78 -33.72 42.97 -4.64
N SER C 79 -32.47 43.40 -4.74
CA SER C 79 -32.17 44.76 -5.16
C SER C 79 -32.30 44.96 -6.67
N LYS C 80 -32.46 43.88 -7.43
CA LYS C 80 -32.50 43.94 -8.89
C LYS C 80 -31.20 44.46 -9.50
N ASP C 81 -30.10 44.34 -8.77
CA ASP C 81 -28.79 44.82 -9.19
C ASP C 81 -27.88 43.62 -9.46
N PRO C 82 -27.47 43.38 -10.71
CA PRO C 82 -26.63 42.20 -11.00
C PRO C 82 -25.23 42.29 -10.40
N ARG C 83 -24.74 43.49 -10.09
CA ARG C 83 -23.44 43.66 -9.45
C ARG C 83 -23.48 43.32 -7.96
N ASP C 84 -24.64 42.96 -7.43
CA ASP C 84 -24.77 42.46 -6.06
C ASP C 84 -24.51 40.97 -6.05
N TYR C 85 -23.50 40.57 -5.30
CA TYR C 85 -23.21 39.16 -5.09
C TYR C 85 -24.37 38.49 -4.34
N MET C 86 -24.79 37.33 -4.83
CA MET C 86 -25.85 36.57 -4.16
C MET C 86 -25.58 35.08 -4.30
N THR C 87 -25.66 34.33 -3.19
CA THR C 87 -25.67 32.87 -3.27
C THR C 87 -26.75 32.37 -2.33
N LEU C 88 -26.98 31.05 -2.37
CA LEU C 88 -27.94 30.38 -1.48
C LEU C 88 -27.21 29.69 -0.34
N SER C 89 -27.74 29.81 0.86
CA SER C 89 -27.08 29.15 1.97
C SER C 89 -27.11 27.65 1.78
N PRO C 90 -25.97 26.96 1.79
CA PRO C 90 -25.90 25.63 1.18
C PRO C 90 -26.75 24.57 1.86
N TYR C 91 -27.09 24.73 3.14
CA TYR C 91 -27.76 23.65 3.85
C TYR C 91 -29.25 23.88 4.00
N TRP C 92 -29.82 24.77 3.20
CA TRP C 92 -31.24 25.11 3.26
C TRP C 92 -31.91 24.58 1.99
N TRP C 93 -33.00 23.84 2.18
CA TRP C 93 -33.71 23.07 1.16
C TRP C 93 -35.19 23.47 1.12
N PRO C 94 -35.86 23.32 -0.02
CA PRO C 94 -37.31 23.54 -0.03
C PRO C 94 -38.01 22.50 0.83
N ASP C 95 -39.12 22.92 1.41
CA ASP C 95 -39.94 22.05 2.26
C ASP C 95 -40.98 21.38 1.38
N SER C 96 -40.85 20.07 1.19
CA SER C 96 -41.74 19.35 0.29
C SER C 96 -43.20 19.44 0.74
N THR C 97 -43.42 19.57 2.06
CA THR C 97 -44.76 19.61 2.63
C THR C 97 -45.43 20.99 2.52
N LYS C 98 -44.88 21.89 1.70
CA LYS C 98 -45.46 23.19 1.42
C LYS C 98 -45.64 23.33 -0.08
N ILE C 99 -46.75 23.96 -0.49
CA ILE C 99 -47.10 24.02 -1.90
C ILE C 99 -45.99 24.68 -2.72
N ASP C 100 -45.34 25.70 -2.14
CA ASP C 100 -44.28 26.45 -2.83
C ASP C 100 -42.89 26.20 -2.25
N GLY C 101 -42.74 25.27 -1.30
CA GLY C 101 -41.43 24.94 -0.74
C GLY C 101 -40.95 25.88 0.34
N LEU C 102 -41.54 27.09 0.44
CA LEU C 102 -41.20 28.16 1.39
C LEU C 102 -41.87 27.91 2.74
N PRO C 103 -41.19 28.22 3.85
CA PRO C 103 -39.80 28.67 3.94
C PRO C 103 -38.90 27.45 3.85
N TYR C 104 -37.67 27.60 3.34
CA TYR C 104 -36.72 26.49 3.31
C TYR C 104 -36.39 26.00 4.71
N ILE C 105 -35.88 24.76 4.80
CA ILE C 105 -35.48 24.16 6.06
C ILE C 105 -34.04 23.70 5.94
N ARG C 106 -33.40 23.51 7.09
CA ARG C 106 -31.97 23.27 7.17
C ARG C 106 -31.66 21.80 7.40
N LYS C 107 -30.74 21.27 6.61
CA LYS C 107 -30.21 19.93 6.78
C LYS C 107 -28.70 20.08 6.92
N ASP C 108 -28.25 20.27 8.16
CA ASP C 108 -26.84 20.58 8.38
C ASP C 108 -25.95 19.56 7.69
N GLY C 109 -25.05 20.03 6.84
CA GLY C 109 -24.08 19.16 6.21
C GLY C 109 -24.50 18.62 4.84
N GLU C 110 -25.73 18.85 4.42
CA GLU C 110 -26.25 18.33 3.16
C GLU C 110 -26.39 19.50 2.19
N ARG C 111 -25.47 19.57 1.23
CA ARG C 111 -25.44 20.70 0.31
C ARG C 111 -26.58 20.58 -0.70
N ASN C 112 -27.47 21.57 -0.69
CA ASN C 112 -28.54 21.63 -1.67
C ASN C 112 -27.97 22.00 -3.04
N PRO C 113 -28.10 21.13 -4.05
CA PRO C 113 -27.54 21.45 -5.37
C PRO C 113 -28.12 22.71 -6.00
N GLU C 114 -29.16 23.31 -5.42
CA GLU C 114 -29.63 24.61 -5.92
C GLU C 114 -28.56 25.69 -5.80
N VAL C 115 -27.55 25.47 -4.96
CA VAL C 115 -26.50 26.47 -4.81
C VAL C 115 -25.83 26.75 -6.15
N TYR C 116 -25.83 25.77 -7.06
CA TYR C 116 -25.17 25.94 -8.37
C TYR C 116 -25.98 26.76 -9.38
N GLU C 117 -27.21 27.16 -9.04
CA GLU C 117 -27.98 28.11 -9.85
C GLU C 117 -27.52 29.54 -9.65
N TYR C 118 -26.62 29.76 -8.70
CA TYR C 118 -26.03 31.07 -8.49
C TYR C 118 -24.61 30.98 -9.03
N PRO C 119 -24.32 31.56 -10.19
CA PRO C 119 -22.99 31.37 -10.80
C PRO C 119 -21.83 31.88 -9.94
N GLU C 120 -22.06 32.90 -9.10
CA GLU C 120 -21.01 33.45 -8.23
C GLU C 120 -20.42 32.40 -7.31
N ARG C 121 -21.19 31.40 -6.91
CA ARG C 121 -20.65 30.39 -6.00
C ARG C 121 -19.39 29.77 -6.59
N GLU C 122 -19.50 29.28 -7.82
CA GLU C 122 -18.31 28.68 -8.44
C GLU C 122 -17.43 29.74 -9.09
N ASN C 123 -18.01 30.85 -9.54
CA ASN C 123 -17.21 31.84 -10.27
C ASN C 123 -16.28 32.65 -9.35
N ALA C 124 -16.69 32.94 -8.11
CA ALA C 124 -15.76 33.56 -7.18
C ALA C 124 -14.60 32.63 -6.89
N ASN C 125 -14.85 31.33 -6.82
CA ASN C 125 -13.78 30.37 -6.66
C ASN C 125 -12.86 30.32 -7.87
N ARG C 126 -13.42 30.32 -9.07
CA ARG C 126 -12.57 30.28 -10.27
C ARG C 126 -11.75 31.55 -10.39
N PHE C 127 -12.36 32.71 -10.11
CA PHE C 127 -11.62 33.98 -10.16
C PHE C 127 -10.50 34.01 -9.13
N GLY C 128 -10.80 33.64 -7.88
CA GLY C 128 -9.80 33.72 -6.84
C GLY C 128 -8.58 32.87 -7.14
N ASP C 129 -8.82 31.62 -7.55
CA ASP C 129 -7.73 30.76 -7.97
C ASP C 129 -6.93 31.40 -9.11
N ALA C 130 -7.63 31.96 -10.09
CA ALA C 130 -6.94 32.53 -11.24
C ALA C 130 -6.06 33.69 -10.82
N ALA C 131 -6.64 34.67 -10.13
CA ALA C 131 -5.86 35.83 -9.73
C ALA C 131 -4.77 35.43 -8.76
N TYR C 132 -5.06 34.50 -7.85
CA TYR C 132 -4.06 34.10 -6.86
C TYR C 132 -2.84 33.49 -7.52
N CYS C 133 -3.06 32.59 -8.47
CA CYS C 133 -1.94 31.94 -9.15
C CYS C 133 -1.13 32.93 -9.99
N LEU C 134 -1.81 33.74 -10.80
CA LEU C 134 -1.09 34.67 -11.66
C LEU C 134 -0.30 35.67 -10.84
N GLY C 135 -0.90 36.19 -9.76
CA GLY C 135 -0.19 37.14 -8.93
C GLY C 135 1.06 36.55 -8.30
N VAL C 136 0.96 35.32 -7.81
CA VAL C 136 2.12 34.72 -7.16
C VAL C 136 3.21 34.44 -8.20
N LEU C 137 2.81 33.97 -9.39
CA LEU C 137 3.80 33.67 -10.42
C LEU C 137 4.54 34.92 -10.86
N TYR C 138 3.82 36.04 -10.94
CA TYR C 138 4.46 37.30 -11.30
C TYR C 138 5.47 37.73 -10.24
N TYR C 139 5.12 37.52 -8.97
CA TYR C 139 6.06 37.85 -7.90
C TYR C 139 7.31 36.98 -7.99
N ILE C 140 7.14 35.69 -8.30
CA ILE C 140 8.28 34.80 -8.32
C ILE C 140 9.15 35.07 -9.56
N THR C 141 8.52 35.20 -10.73
CA THR C 141 9.26 35.24 -11.98
C THR C 141 9.47 36.63 -12.55
N GLY C 142 8.72 37.64 -12.10
CA GLY C 142 8.78 38.96 -12.71
C GLY C 142 8.22 39.04 -14.12
N LYS C 143 7.70 37.94 -14.67
CA LYS C 143 7.21 37.95 -16.04
C LYS C 143 5.92 38.73 -16.18
N GLU C 144 5.94 39.80 -16.97
CA GLU C 144 4.81 40.74 -17.05
C GLU C 144 3.54 40.09 -17.56
N VAL C 145 3.64 38.97 -18.28
CA VAL C 145 2.43 38.36 -18.82
C VAL C 145 1.52 37.91 -17.67
N TYR C 146 2.10 37.60 -16.50
CA TYR C 146 1.27 37.15 -15.39
C TYR C 146 0.59 38.32 -14.70
N ALA C 147 1.29 39.44 -14.57
CA ALA C 147 0.64 40.63 -14.03
C ALA C 147 -0.48 41.10 -14.95
N LYS C 148 -0.26 41.06 -16.27
CA LYS C 148 -1.28 41.52 -17.19
C LYS C 148 -2.55 40.68 -17.07
N ALA C 149 -2.41 39.36 -16.98
CA ALA C 149 -3.58 38.51 -16.84
C ALA C 149 -4.23 38.69 -15.46
N CYS C 150 -3.42 38.74 -14.40
CA CYS C 150 -3.95 38.99 -13.07
C CYS C 150 -4.74 40.28 -13.06
N ALA C 151 -4.18 41.34 -13.64
CA ALA C 151 -4.84 42.63 -13.60
C ALA C 151 -6.19 42.59 -14.33
N ASN C 152 -6.31 41.82 -15.42
CA ASN C 152 -7.59 41.76 -16.12
C ASN C 152 -8.65 41.09 -15.26
N HIS C 153 -8.30 40.00 -14.59
CA HIS C 153 -9.24 39.37 -13.67
C HIS C 153 -9.62 40.33 -12.53
N LEU C 154 -8.65 41.04 -11.95
CA LEU C 154 -8.95 41.95 -10.85
C LEU C 154 -9.88 43.06 -11.29
N ARG C 155 -9.54 43.73 -12.39
CA ARG C 155 -10.38 44.80 -12.93
C ARG C 155 -11.80 44.32 -13.16
N THR C 156 -11.95 43.19 -13.86
CA THR C 156 -13.28 42.74 -14.22
C THR C 156 -14.08 42.35 -12.97
N TRP C 157 -13.43 41.67 -12.03
CA TRP C 157 -14.18 41.23 -10.86
C TRP C 157 -14.51 42.37 -9.90
N PHE C 158 -13.55 43.27 -9.65
CA PHE C 158 -13.67 44.22 -8.56
C PHE C 158 -14.09 45.62 -9.00
N THR C 159 -13.36 46.26 -9.90
CA THR C 159 -13.51 47.70 -10.06
C THR C 159 -14.28 48.12 -11.29
N ASP C 160 -14.51 47.22 -12.23
CA ASP C 160 -15.15 47.64 -13.48
C ASP C 160 -16.54 48.24 -13.19
N PRO C 161 -16.85 49.42 -13.73
CA PRO C 161 -18.12 50.10 -13.38
C PRO C 161 -19.35 49.39 -13.86
N LYS C 162 -19.22 48.41 -14.76
CA LYS C 162 -20.38 47.62 -15.12
C LYS C 162 -20.24 46.17 -14.67
N LEU C 163 -19.04 45.60 -14.71
CA LEU C 163 -18.94 44.19 -14.39
C LEU C 163 -18.47 43.93 -12.96
N GLY C 164 -17.89 44.93 -12.30
CA GLY C 164 -17.34 44.72 -10.96
C GLY C 164 -18.44 44.63 -9.92
N MET C 165 -18.20 43.79 -8.90
CA MET C 165 -19.21 43.58 -7.87
C MET C 165 -19.28 44.77 -6.94
N ASN C 166 -20.49 45.07 -6.47
CA ASN C 166 -20.67 46.09 -5.46
C ASN C 166 -19.94 45.70 -4.18
N PRO C 167 -19.34 46.68 -3.48
CA PRO C 167 -18.56 46.30 -2.27
C PRO C 167 -19.47 45.95 -1.09
N ASN C 168 -20.15 44.81 -1.18
CA ASN C 168 -20.98 44.38 -0.06
C ASN C 168 -21.23 42.89 -0.20
N MET C 169 -21.77 42.30 0.86
CA MET C 169 -22.21 40.91 0.81
C MET C 169 -23.65 40.76 1.32
N THR C 170 -24.49 41.75 1.01
CA THR C 170 -25.87 41.75 1.51
C THR C 170 -26.62 40.46 1.18
N TYR C 171 -26.54 40.00 -0.06
CA TYR C 171 -27.35 38.86 -0.45
C TYR C 171 -26.56 37.56 -0.50
N ALA C 172 -25.41 37.53 0.16
CA ALA C 172 -24.63 36.31 0.27
C ALA C 172 -25.38 35.28 1.11
N GLN C 173 -25.40 34.04 0.64
CA GLN C 173 -26.06 32.92 1.31
C GLN C 173 -27.46 33.29 1.80
N ALA C 174 -28.23 33.91 0.90
CA ALA C 174 -29.64 34.13 1.17
C ALA C 174 -30.36 32.78 1.30
N VAL C 175 -31.50 32.81 1.98
CA VAL C 175 -32.37 31.65 2.13
C VAL C 175 -33.75 32.07 1.69
N PRO C 176 -34.36 31.40 0.71
CA PRO C 176 -35.69 31.80 0.24
C PRO C 176 -36.72 31.67 1.36
N GLY C 177 -37.62 32.66 1.42
CA GLY C 177 -38.64 32.64 2.44
C GLY C 177 -38.16 32.80 3.86
N MET C 178 -36.91 33.16 4.09
CA MET C 178 -36.46 33.54 5.43
C MET C 178 -36.63 35.05 5.58
N LYS C 179 -37.25 35.47 6.67
CA LYS C 179 -37.63 36.87 6.84
C LYS C 179 -36.48 37.72 7.38
N LYS C 180 -35.61 37.16 8.23
CA LYS C 180 -34.60 37.98 8.86
C LYS C 180 -33.34 38.06 8.00
N MET C 181 -32.70 39.21 8.07
CA MET C 181 -31.39 39.44 7.48
C MET C 181 -30.35 38.68 8.28
N ARG C 182 -29.44 37.98 7.59
CA ARG C 182 -28.39 37.24 8.27
C ARG C 182 -27.03 37.61 7.71
N GLY C 183 -26.00 37.38 8.52
CA GLY C 183 -24.62 37.62 8.17
C GLY C 183 -23.80 36.39 7.83
N SER C 184 -24.36 35.19 7.95
CA SER C 184 -23.55 33.98 7.78
C SER C 184 -22.94 33.90 6.38
N GLY C 185 -23.54 34.56 5.40
CA GLY C 185 -22.99 34.46 4.06
C GLY C 185 -21.68 35.19 3.87
N PHE C 186 -21.28 36.02 4.84
CA PHE C 186 -20.04 36.79 4.69
C PHE C 186 -18.83 35.90 4.45
N ILE C 187 -18.83 34.70 5.03
CA ILE C 187 -17.74 33.75 4.91
C ILE C 187 -17.44 33.46 3.44
N ASP C 188 -18.40 33.70 2.53
CA ASP C 188 -18.11 33.52 1.10
C ASP C 188 -16.98 34.43 0.66
N SER C 189 -16.80 35.57 1.32
CA SER C 189 -15.83 36.53 0.85
C SER C 189 -14.42 35.95 0.78
N ARG C 190 -14.15 34.88 1.53
CA ARG C 190 -12.80 34.34 1.54
C ARG C 190 -12.33 33.92 0.15
N ARG C 191 -13.26 33.66 -0.77
CA ARG C 191 -12.88 33.22 -2.12
C ARG C 191 -12.22 34.36 -2.91
N PHE C 192 -12.80 35.56 -2.87
CA PHE C 192 -12.21 36.67 -3.61
C PHE C 192 -11.32 37.58 -2.76
N SER C 193 -11.35 37.48 -1.42
CA SER C 193 -10.54 38.42 -0.64
C SER C 193 -9.07 38.03 -0.62
N ARG C 194 -8.77 36.73 -0.75
CA ARG C 194 -7.39 36.33 -1.01
C ARG C 194 -6.90 36.91 -2.34
N ALA C 195 -7.77 36.96 -3.35
CA ALA C 195 -7.33 37.59 -4.59
C ALA C 195 -7.13 39.07 -4.38
N LEU C 196 -7.92 39.70 -3.52
CA LEU C 196 -7.69 41.11 -3.19
C LEU C 196 -6.26 41.32 -2.67
N GLY C 197 -5.79 40.44 -1.79
CA GLY C 197 -4.47 40.63 -1.20
C GLY C 197 -3.34 40.49 -2.20
N VAL C 198 -3.45 39.51 -3.10
CA VAL C 198 -2.44 39.26 -4.13
C VAL C 198 -2.26 40.44 -5.07
N ALA C 199 -3.28 41.30 -5.22
CA ALA C 199 -3.11 42.47 -6.07
C ALA C 199 -1.89 43.29 -5.67
N LYS C 200 -1.54 43.31 -4.37
CA LYS C 200 -0.32 43.97 -3.95
C LYS C 200 0.91 43.45 -4.68
N LEU C 201 0.93 42.15 -5.02
CA LEU C 201 2.11 41.56 -5.64
C LEU C 201 2.35 42.08 -7.06
N ILE C 202 1.31 42.53 -7.77
CA ILE C 202 1.50 43.02 -9.12
C ILE C 202 1.62 44.53 -9.18
N GLU C 203 1.59 45.19 -8.02
CA GLU C 203 1.90 46.62 -7.98
C GLU C 203 3.32 46.83 -8.47
N GLY C 204 3.51 47.84 -9.31
CA GLY C 204 4.80 48.08 -9.89
C GLY C 204 5.02 47.40 -11.22
N SER C 205 4.13 46.49 -11.62
CA SER C 205 4.16 45.94 -12.96
C SER C 205 3.74 47.01 -13.96
N LYS C 206 3.94 46.70 -15.24
CA LYS C 206 3.50 47.65 -16.26
C LYS C 206 1.98 47.62 -16.41
N SER C 207 1.33 46.48 -16.16
CA SER C 207 -0.10 46.32 -16.44
C SER C 207 -1.00 46.89 -15.34
N TRP C 208 -0.54 46.91 -14.10
CA TRP C 208 -1.32 47.40 -12.95
C TRP C 208 -0.93 48.85 -12.74
N THR C 209 -1.70 49.75 -13.33
CA THR C 209 -1.44 51.19 -13.33
C THR C 209 -1.78 51.82 -12.00
N PRO C 210 -1.26 53.02 -11.72
CA PRO C 210 -1.64 53.69 -10.47
C PRO C 210 -3.14 53.93 -10.39
N SER C 211 -3.79 54.13 -11.54
CA SER C 211 -5.23 54.30 -11.60
C SER C 211 -5.96 53.00 -11.23
N ASP C 212 -5.49 51.86 -11.74
CA ASP C 212 -6.02 50.57 -11.29
C ASP C 212 -5.92 50.46 -9.77
N LYS C 213 -4.76 50.79 -9.22
CA LYS C 213 -4.55 50.67 -7.78
C LYS C 213 -5.47 51.62 -7.01
N LYS C 214 -5.64 52.85 -7.49
CA LYS C 214 -6.54 53.79 -6.83
C LYS C 214 -7.96 53.24 -6.75
N LYS C 215 -8.47 52.67 -7.86
CA LYS C 215 -9.82 52.14 -7.85
C LYS C 215 -9.97 50.97 -6.88
N LEU C 216 -9.02 50.02 -6.90
CA LEU C 216 -9.15 48.86 -6.04
C LEU C 216 -8.99 49.26 -4.58
N ASP C 217 -8.12 50.25 -4.31
CA ASP C 217 -8.04 50.81 -2.97
C ASP C 217 -9.39 51.38 -2.54
N ASP C 218 -10.06 52.12 -3.43
CA ASP C 218 -11.36 52.68 -3.08
C ASP C 218 -12.41 51.60 -2.90
N TRP C 219 -12.37 50.55 -3.74
CA TRP C 219 -13.31 49.44 -3.56
C TRP C 219 -13.11 48.76 -2.22
N ALA C 220 -11.87 48.38 -1.91
CA ALA C 220 -11.60 47.72 -0.65
C ALA C 220 -11.93 48.63 0.55
N THR C 221 -11.61 49.93 0.43
CA THR C 221 -12.05 50.85 1.48
C THR C 221 -13.56 50.79 1.66
N ALA C 222 -14.31 50.76 0.57
CA ALA C 222 -15.75 50.64 0.69
C ALA C 222 -16.15 49.27 1.23
N PHE C 223 -15.46 48.21 0.80
CA PHE C 223 -15.82 46.88 1.30
C PHE C 223 -15.55 46.81 2.80
N CYS C 224 -14.41 47.36 3.24
CA CYS C 224 -14.08 47.36 4.66
C CYS C 224 -15.12 48.15 5.46
N TYR C 225 -15.54 49.31 4.94
CA TYR C 225 -16.59 50.05 5.63
C TYR C 225 -17.86 49.23 5.77
N TRP C 226 -18.27 48.54 4.69
CA TRP C 226 -19.48 47.73 4.78
C TRP C 226 -19.35 46.62 5.82
N MET C 227 -18.26 45.86 5.76
CA MET C 227 -18.09 44.74 6.70
C MET C 227 -18.07 45.21 8.15
N GLU C 228 -17.58 46.42 8.42
CA GLU C 228 -17.49 46.87 9.81
C GLU C 228 -18.74 47.58 10.31
N ASN C 229 -19.54 48.17 9.43
CA ASN C 229 -20.66 49.00 9.86
C ASN C 229 -22.03 48.48 9.45
N SER C 230 -22.12 47.67 8.40
CA SER C 230 -23.43 47.10 8.09
C SER C 230 -23.86 46.23 9.26
N THR C 231 -25.18 46.09 9.42
CA THR C 231 -25.71 45.21 10.46
C THR C 231 -25.24 43.77 10.26
N GLN C 232 -25.24 43.29 9.02
CA GLN C 232 -24.81 41.92 8.77
C GLN C 232 -23.34 41.73 9.18
N GLY C 233 -22.50 42.72 8.86
CA GLY C 233 -21.09 42.63 9.22
C GLY C 233 -20.83 42.69 10.72
N GLN C 234 -21.53 43.57 11.44
CA GLN C 234 -21.40 43.60 12.90
C GLN C 234 -21.80 42.26 13.49
N ARG C 235 -22.92 41.70 13.03
CA ARG C 235 -23.38 40.41 13.53
C ARG C 235 -22.33 39.33 13.28
N GLU C 236 -21.80 39.26 12.06
CA GLU C 236 -20.83 38.22 11.74
C GLU C 236 -19.54 38.42 12.52
N SER C 237 -19.19 39.66 12.79
CA SER C 237 -18.01 39.94 13.61
C SER C 237 -18.19 39.50 15.06
N HIS C 238 -19.41 39.19 15.51
CA HIS C 238 -19.60 38.73 16.89
C HIS C 238 -19.83 37.24 16.98
N ALA C 239 -19.76 36.52 15.85
CA ALA C 239 -20.09 35.10 15.85
C ALA C 239 -19.14 34.30 16.74
N ALA C 240 -19.71 33.34 17.45
CA ALA C 240 -19.03 32.52 18.43
C ALA C 240 -18.33 31.31 17.84
N ASN C 241 -18.41 31.11 16.52
CA ASN C 241 -17.90 29.88 15.92
C ASN C 241 -16.87 30.22 14.85
N ASN C 242 -16.62 29.29 13.92
CA ASN C 242 -15.64 29.54 12.87
C ASN C 242 -16.01 30.74 11.99
N HIS C 243 -17.28 31.18 12.00
CA HIS C 243 -17.64 32.38 11.24
C HIS C 243 -16.92 33.61 11.79
N GLY C 244 -16.79 33.68 13.12
CA GLY C 244 -16.08 34.81 13.69
C GLY C 244 -14.61 34.78 13.33
N LEU C 245 -14.03 33.58 13.29
CA LEU C 245 -12.62 33.48 12.91
C LEU C 245 -12.45 33.86 11.44
N TRP C 246 -13.25 33.26 10.55
CA TRP C 246 -13.13 33.58 9.13
C TRP C 246 -13.46 35.03 8.85
N TYR C 247 -14.41 35.60 9.60
CA TYR C 247 -14.66 37.03 9.48
C TYR C 247 -13.39 37.84 9.73
N GLU C 248 -12.64 37.52 10.79
CA GLU C 248 -11.44 38.33 11.05
C GLU C 248 -10.29 37.99 10.11
N ALA C 249 -10.16 36.75 9.64
CA ALA C 249 -9.15 36.49 8.61
C ALA C 249 -9.43 37.33 7.35
N ILE C 250 -10.69 37.42 6.92
CA ILE C 250 -11.00 38.24 5.75
C ILE C 250 -10.72 39.69 6.07
N HIS C 251 -11.11 40.12 7.26
CA HIS C 251 -10.84 41.48 7.71
C HIS C 251 -9.35 41.80 7.57
N LEU C 252 -8.49 40.90 8.04
CA LEU C 252 -7.05 41.15 7.96
C LEU C 252 -6.57 41.24 6.52
N MET C 253 -7.08 40.38 5.64
CA MET C 253 -6.69 40.48 4.23
C MET C 253 -7.07 41.84 3.66
N VAL C 254 -8.26 42.32 3.96
CA VAL C 254 -8.66 43.63 3.48
C VAL C 254 -7.74 44.68 4.08
N LEU C 255 -7.51 44.60 5.39
CA LEU C 255 -6.66 45.59 6.07
C LEU C 255 -5.22 45.49 5.59
N ALA C 256 -4.72 44.28 5.34
CA ALA C 256 -3.35 44.16 4.84
C ALA C 256 -3.24 44.73 3.43
N TYR C 257 -4.23 44.50 2.58
CA TYR C 257 -4.15 45.08 1.25
C TYR C 257 -4.17 46.62 1.31
N LEU C 258 -4.89 47.18 2.28
CA LEU C 258 -4.93 48.63 2.51
C LEU C 258 -3.78 49.16 3.36
N ASP C 259 -2.81 48.33 3.74
CA ASP C 259 -1.63 48.75 4.50
C ASP C 259 -1.97 49.26 5.90
N ARG C 260 -3.10 48.84 6.48
CA ARG C 260 -3.47 49.34 7.80
C ARG C 260 -2.89 48.40 8.87
N THR C 261 -1.57 48.51 9.05
CA THR C 261 -0.85 47.67 10.01
C THR C 261 -1.28 47.97 11.44
N ASP C 262 -1.56 49.24 11.73
CA ASP C 262 -2.19 49.63 12.99
CA ASP C 262 -2.11 49.54 13.04
C ASP C 262 -3.41 48.77 13.30
N ARG C 263 -4.33 48.70 12.34
CA ARG C 263 -5.58 47.98 12.56
C ARG C 263 -5.34 46.48 12.65
N ILE C 264 -4.47 45.95 11.78
CA ILE C 264 -4.13 44.54 11.87
C ILE C 264 -3.73 44.20 13.32
N ARG C 265 -2.87 45.03 13.92
CA ARG C 265 -2.47 44.78 15.31
C ARG C 265 -3.68 44.81 16.23
N GLU C 266 -4.51 45.84 16.11
CA GLU C 266 -5.67 45.90 16.99
C GLU C 266 -6.60 44.70 16.78
N VAL C 267 -6.88 44.33 15.52
CA VAL C 267 -7.81 43.22 15.29
C VAL C 267 -7.26 41.91 15.88
N ALA C 268 -5.96 41.64 15.68
CA ALA C 268 -5.37 40.43 16.23
C ALA C 268 -5.47 40.40 17.76
N GLU C 269 -5.16 41.52 18.41
CA GLU C 269 -5.05 41.47 19.86
C GLU C 269 -6.38 41.70 20.56
N GLN C 270 -7.29 42.47 19.96
CA GLN C 270 -8.57 42.76 20.58
C GLN C 270 -9.69 41.92 20.01
N SER C 271 -9.47 41.22 18.91
CA SER C 271 -10.60 40.45 18.40
C SER C 271 -10.28 38.99 18.15
N ILE C 272 -9.25 38.69 17.34
CA ILE C 272 -9.02 37.29 16.96
C ILE C 272 -8.64 36.44 18.17
N LEU C 273 -7.60 36.86 18.91
CA LEU C 273 -7.16 36.08 20.06
C LEU C 273 -8.28 35.91 21.08
N PRO C 274 -9.04 36.95 21.46
CA PRO C 274 -10.19 36.68 22.33
C PRO C 274 -11.19 35.71 21.74
N LYS C 275 -11.46 35.76 20.43
CA LYS C 275 -12.40 34.79 19.84
C LYS C 275 -11.82 33.39 19.86
N MET C 276 -10.54 33.25 19.50
CA MET C 276 -9.88 31.97 19.63
C MET C 276 -10.02 31.42 21.05
N GLY C 277 -9.79 32.28 22.05
CA GLY C 277 -9.79 31.81 23.43
C GLY C 277 -11.15 31.38 23.94
N ALA C 278 -12.22 31.97 23.39
CA ALA C 278 -13.56 31.61 23.82
C ALA C 278 -14.01 30.30 23.18
N GLN C 279 -13.40 29.91 22.09
CA GLN C 279 -13.82 28.73 21.34
C GLN C 279 -13.00 27.50 21.65
N ILE C 280 -11.85 27.64 22.31
CA ILE C 280 -11.03 26.49 22.66
C ILE C 280 -11.43 26.00 24.04
N ALA C 281 -11.81 24.73 24.14
CA ALA C 281 -12.18 24.15 25.41
C ALA C 281 -10.94 23.71 26.18
N ASP C 282 -11.18 23.20 27.39
CA ASP C 282 -10.08 22.83 28.27
C ASP C 282 -9.23 21.73 27.66
N ASP C 283 -9.86 20.77 26.97
CA ASP C 283 -9.13 19.65 26.39
C ASP C 283 -8.47 19.98 25.06
N GLY C 284 -8.71 21.17 24.50
CA GLY C 284 -8.22 21.57 23.19
C GLY C 284 -9.27 21.46 22.10
N SER C 285 -10.42 20.87 22.40
CA SER C 285 -11.45 20.71 21.40
C SER C 285 -12.13 22.05 21.12
N LEU C 286 -12.91 22.10 20.04
CA LEU C 286 -13.64 23.29 19.64
C LEU C 286 -15.13 22.95 19.72
N PRO C 287 -15.73 23.12 20.91
CA PRO C 287 -17.13 22.68 21.12
C PRO C 287 -18.15 23.18 20.10
N GLN C 288 -17.98 24.40 19.57
CA GLN C 288 -18.93 24.92 18.58
C GLN C 288 -18.90 24.14 17.28
N GLU C 289 -17.73 23.62 16.90
CA GLU C 289 -17.62 22.80 15.69
C GLU C 289 -17.95 21.34 15.95
N LEU C 290 -17.81 20.86 17.20
CA LEU C 290 -18.08 19.46 17.50
C LEU C 290 -19.56 19.12 17.29
N LYS C 291 -20.46 20.08 17.51
CA LYS C 291 -21.90 19.88 17.38
C LYS C 291 -22.39 19.89 15.95
N ARG C 292 -21.49 20.03 14.97
CA ARG C 292 -21.90 20.00 13.58
C ARG C 292 -21.86 18.58 13.04
N THR C 293 -22.67 18.32 12.02
CA THR C 293 -22.69 17.01 11.37
C THR C 293 -21.40 16.71 10.63
N LEU C 294 -20.59 17.74 10.38
CA LEU C 294 -19.27 17.61 9.77
C LEU C 294 -18.19 18.15 10.72
N SER C 295 -18.05 17.51 11.88
CA SER C 295 -17.35 18.10 13.01
C SER C 295 -15.84 18.05 12.89
N LEU C 296 -15.26 17.04 12.21
CA LEU C 296 -13.81 17.12 11.99
C LEU C 296 -13.48 18.09 10.87
N HIS C 297 -14.35 18.21 9.86
CA HIS C 297 -14.13 19.22 8.84
C HIS C 297 -14.22 20.61 9.43
N TYR C 298 -15.21 20.85 10.28
CA TYR C 298 -15.37 22.20 10.79
C TYR C 298 -14.36 22.52 11.89
N SER C 299 -13.82 21.52 12.58
CA SER C 299 -12.69 21.76 13.47
C SER C 299 -11.48 22.24 12.66
N THR C 300 -11.18 21.55 11.57
CA THR C 300 -10.07 21.94 10.70
C THR C 300 -10.33 23.31 10.07
N PHE C 301 -11.57 23.55 9.65
CA PHE C 301 -11.92 24.80 9.00
C PHE C 301 -11.73 25.98 9.95
N ALA C 302 -12.01 25.79 11.23
CA ALA C 302 -11.80 26.85 12.20
C ALA C 302 -10.32 27.20 12.28
N LEU C 303 -9.46 26.19 12.38
CA LEU C 303 -8.03 26.49 12.46
C LEU C 303 -7.50 27.05 11.14
N GLU C 304 -8.10 26.67 10.00
CA GLU C 304 -7.65 27.26 8.74
C GLU C 304 -7.91 28.76 8.70
N ALA C 305 -9.01 29.24 9.30
CA ALA C 305 -9.17 30.69 9.49
C ALA C 305 -8.00 31.27 10.26
N LEU C 306 -7.66 30.64 11.39
CA LEU C 306 -6.57 31.13 12.21
C LEU C 306 -5.26 31.10 11.46
N MET C 307 -5.00 30.01 10.76
CA MET C 307 -3.78 29.89 9.96
C MET C 307 -3.65 31.02 8.95
N GLU C 308 -4.73 31.37 8.27
CA GLU C 308 -4.59 32.40 7.25
C GLU C 308 -4.51 33.78 7.88
N ALA C 309 -5.21 34.01 8.99
CA ALA C 309 -4.95 35.24 9.73
C ALA C 309 -3.50 35.32 10.18
N ASN C 310 -2.97 34.20 10.71
CA ASN C 310 -1.61 34.24 11.20
C ASN C 310 -0.62 34.56 10.09
N GLN C 311 -0.87 34.10 8.87
CA GLN C 311 0.06 34.45 7.79
C GLN C 311 0.18 35.95 7.66
N ILE C 312 -0.85 36.70 8.05
CA ILE C 312 -0.76 38.15 7.95
C ILE C 312 -0.19 38.74 9.23
N THR C 313 -0.70 38.35 10.41
CA THR C 313 -0.20 38.93 11.65
C THR C 313 1.28 38.64 11.86
N SER C 314 1.72 37.43 11.52
CA SER C 314 3.12 37.09 11.77
C SER C 314 4.07 37.90 10.90
N GLN C 315 3.57 38.46 9.78
N GLN C 315 3.61 38.47 9.79
CA GLN C 315 4.34 39.36 8.93
CA GLN C 315 4.55 39.31 9.05
C GLN C 315 4.61 40.69 9.60
C GLN C 315 4.63 40.73 9.60
N ILE C 316 3.92 41.01 10.69
CA ILE C 316 4.17 42.19 11.50
C ILE C 316 4.52 41.80 12.93
N GLY C 317 4.89 40.54 13.13
CA GLY C 317 5.45 40.08 14.37
C GLY C 317 4.49 39.53 15.40
N ILE C 318 3.25 39.19 15.01
CA ILE C 318 2.28 38.65 15.96
C ILE C 318 2.01 37.20 15.57
N ASN C 319 2.38 36.29 16.46
CA ASN C 319 2.26 34.86 16.22
C ASN C 319 0.97 34.38 16.88
N LEU C 320 -0.07 34.16 16.06
CA LEU C 320 -1.36 33.74 16.61
C LEU C 320 -1.34 32.29 17.07
N TRP C 321 -0.36 31.50 16.64
CA TRP C 321 -0.29 30.12 17.08
C TRP C 321 0.18 30.01 18.53
N SER C 322 1.14 30.85 18.94
CA SER C 322 1.75 30.76 20.27
C SER C 322 1.30 31.85 21.25
N THR C 323 0.61 32.89 20.78
CA THR C 323 0.20 33.96 21.68
C THR C 323 -1.06 33.58 22.45
N PRO C 324 -1.03 33.54 23.77
CA PRO C 324 -2.23 33.16 24.51
C PRO C 324 -3.22 34.31 24.58
N ALA C 325 -4.50 33.93 24.69
CA ALA C 325 -5.56 34.90 24.90
C ALA C 325 -5.60 35.33 26.37
N SER C 326 -6.44 36.32 26.66
CA SER C 326 -6.61 36.82 28.02
C SER C 326 -7.01 35.71 28.99
N ASN C 327 -7.74 34.70 28.55
CA ASN C 327 -8.14 33.62 29.43
C ASN C 327 -7.11 32.50 29.51
N GLY C 328 -5.94 32.68 28.91
CA GLY C 328 -4.90 31.67 28.97
C GLY C 328 -4.99 30.57 27.93
N LYS C 329 -6.10 30.44 27.20
CA LYS C 329 -6.14 29.51 26.09
C LYS C 329 -5.20 29.98 24.98
N VAL C 330 -4.56 29.03 24.31
CA VAL C 330 -3.64 29.33 23.23
C VAL C 330 -3.97 28.37 22.09
N ALA C 331 -3.84 28.84 20.85
CA ALA C 331 -4.33 28.07 19.70
C ALA C 331 -3.62 26.74 19.52
N SER C 332 -2.36 26.64 19.96
CA SER C 332 -1.65 25.36 19.90
C SER C 332 -2.43 24.25 20.59
N GLN C 333 -3.25 24.59 21.60
CA GLN C 333 -3.99 23.55 22.30
C GLN C 333 -4.98 22.88 21.37
N ALA C 334 -5.54 23.65 20.42
CA ALA C 334 -6.48 23.07 19.50
C ALA C 334 -5.79 22.17 18.49
N VAL C 335 -4.52 22.42 18.16
CA VAL C 335 -3.77 21.53 17.28
C VAL C 335 -3.40 20.24 18.00
N ASP C 336 -2.98 20.33 19.27
CA ASP C 336 -2.73 19.11 20.03
C ASP C 336 -3.95 18.21 20.03
N TYR C 337 -5.13 18.76 20.30
CA TYR C 337 -6.33 17.93 20.38
C TYR C 337 -6.58 17.19 19.06
N LEU C 338 -6.37 17.86 17.92
CA LEU C 338 -6.72 17.28 16.63
C LEU C 338 -5.62 16.43 16.03
N TYR C 339 -4.36 16.68 16.38
CA TYR C 339 -3.23 15.98 15.76
C TYR C 339 -3.37 14.46 15.73
N PRO C 340 -3.74 13.76 16.83
CA PRO C 340 -3.96 12.30 16.69
C PRO C 340 -4.93 11.97 15.58
N PHE C 341 -6.06 12.68 15.54
CA PHE C 341 -7.08 12.42 14.53
C PHE C 341 -6.64 12.87 13.14
N TYR C 342 -5.55 13.63 13.02
CA TYR C 342 -5.02 13.86 11.69
C TYR C 342 -4.21 12.68 11.23
N LEU C 343 -3.52 12.00 12.15
CA LEU C 343 -2.82 10.79 11.75
C LEU C 343 -3.80 9.67 11.39
N ASN C 344 -4.87 9.53 12.16
CA ASN C 344 -5.84 8.45 11.98
C ASN C 344 -7.25 9.02 12.04
N PRO C 345 -7.74 9.55 10.91
CA PRO C 345 -9.06 10.23 10.92
C PRO C 345 -10.21 9.32 11.30
N GLU C 346 -10.06 8.01 11.20
CA GLU C 346 -11.18 7.16 11.55
C GLU C 346 -11.37 7.06 13.06
N ASP C 347 -10.45 7.63 13.85
CA ASP C 347 -10.57 7.63 15.31
C ASP C 347 -11.50 8.72 15.83
N TRP C 348 -11.97 9.59 14.95
CA TRP C 348 -12.83 10.70 15.31
C TRP C 348 -14.17 10.21 15.87
N LYS C 349 -14.45 10.56 17.13
CA LYS C 349 -15.64 10.05 17.78
C LYS C 349 -16.90 10.86 17.49
N PHE C 350 -16.83 11.90 16.68
CA PHE C 350 -17.97 12.79 16.52
C PHE C 350 -18.56 12.73 15.11
N LYS C 351 -19.74 13.32 14.98
CA LYS C 351 -20.53 13.18 13.76
C LYS C 351 -19.75 13.74 12.58
N GLN C 352 -19.60 12.92 11.51
CA GLN C 352 -18.85 13.31 10.31
C GLN C 352 -19.46 12.52 9.14
N ILE C 353 -20.56 13.04 8.61
CA ILE C 353 -21.40 12.37 7.61
C ILE C 353 -20.85 12.38 6.18
N LYS C 354 -19.60 12.80 5.99
CA LYS C 354 -18.89 12.70 4.73
C LYS C 354 -17.43 12.45 5.06
N PRO C 355 -16.68 11.79 4.18
CA PRO C 355 -15.27 11.49 4.51
C PRO C 355 -14.42 12.75 4.60
N PHE C 356 -13.49 12.75 5.55
CA PHE C 356 -12.57 13.87 5.75
C PHE C 356 -11.32 13.68 4.90
N ASP C 357 -10.94 14.75 4.20
CA ASP C 357 -9.81 14.77 3.29
C ASP C 357 -8.52 15.03 4.11
N GLN C 358 -7.72 13.98 4.32
CA GLN C 358 -6.51 14.12 5.14
C GLN C 358 -5.46 15.06 4.54
N SER C 359 -5.51 15.36 3.24
CA SER C 359 -4.48 16.25 2.70
C SER C 359 -4.59 17.67 3.25
N ARG C 360 -5.78 18.08 3.71
CA ARG C 360 -5.93 19.44 4.21
C ARG C 360 -5.10 19.72 5.45
N ALA C 361 -4.79 18.68 6.23
CA ALA C 361 -3.94 18.83 7.41
C ALA C 361 -2.47 19.06 7.07
N ALA C 362 -2.03 18.76 5.84
CA ALA C 362 -0.63 18.92 5.49
C ALA C 362 -0.19 20.37 5.63
N ILE C 363 -0.88 21.28 4.93
CA ILE C 363 -0.53 22.69 5.00
C ILE C 363 -0.76 23.22 6.40
N LEU C 364 -1.86 22.83 7.03
CA LEU C 364 -2.17 23.34 8.37
C LEU C 364 -1.08 22.96 9.35
N LEU C 365 -0.72 21.68 9.40
CA LEU C 365 0.32 21.27 10.35
C LEU C 365 1.68 21.83 10.00
N TYR C 366 1.98 22.06 8.72
CA TYR C 366 3.25 22.73 8.41
C TYR C 366 3.25 24.16 8.96
N GLU C 367 2.16 24.90 8.72
CA GLU C 367 2.08 26.28 9.18
C GLU C 367 2.21 26.37 10.70
N ALA C 368 1.38 25.63 11.42
CA ALA C 368 1.42 25.63 12.87
C ALA C 368 2.72 25.03 13.38
N GLY C 369 3.20 23.96 12.74
CA GLY C 369 4.47 23.38 13.13
C GLY C 369 5.59 24.40 13.08
N THR C 370 5.74 25.04 11.93
CA THR C 370 6.78 26.05 11.78
C THR C 370 6.59 27.18 12.76
N ALA C 371 5.33 27.56 13.03
CA ALA C 371 5.06 28.67 13.92
C ALA C 371 5.37 28.34 15.37
N LEU C 372 5.24 27.06 15.74
CA LEU C 372 5.42 26.58 17.11
C LEU C 372 6.76 25.88 17.33
N GLY C 373 7.67 25.93 16.37
CA GLY C 373 8.91 25.16 16.42
C GLY C 373 8.70 23.70 16.82
N ASN C 374 7.72 23.05 16.23
CA ASN C 374 7.31 21.71 16.63
C ASN C 374 7.65 20.78 15.46
N GLN C 375 8.77 20.06 15.58
CA GLN C 375 9.22 19.23 14.47
C GLN C 375 8.26 18.07 14.22
N LYS C 376 7.63 17.54 15.26
CA LYS C 376 6.68 16.44 15.08
C LYS C 376 5.59 16.85 14.10
N TYR C 377 5.07 18.07 14.24
CA TYR C 377 4.04 18.57 13.34
C TYR C 377 4.57 18.74 11.92
N VAL C 378 5.76 19.31 11.77
CA VAL C 378 6.31 19.51 10.43
C VAL C 378 6.62 18.18 9.77
N ASP C 379 7.09 17.20 10.56
CA ASP C 379 7.42 15.88 10.01
C ASP C 379 6.17 15.19 9.46
N THR C 380 5.12 15.10 10.29
CA THR C 380 3.83 14.59 9.85
C THR C 380 3.25 15.38 8.68
N ALA C 381 3.59 16.67 8.60
CA ALA C 381 3.14 17.48 7.46
C ALA C 381 3.77 17.00 6.17
N LYS C 382 5.09 16.75 6.18
CA LYS C 382 5.74 16.28 4.95
C LYS C 382 5.43 14.82 4.67
N ARG C 383 5.22 14.01 5.71
CA ARG C 383 4.84 12.62 5.53
C ARG C 383 3.48 12.49 4.85
N ILE C 384 2.50 13.29 5.27
CA ILE C 384 1.24 13.35 4.55
C ILE C 384 1.46 13.90 3.14
N GLY C 385 2.14 15.04 3.04
CA GLY C 385 2.56 15.65 1.80
C GLY C 385 1.43 16.13 0.90
N LEU C 386 1.82 16.88 -0.13
CA LEU C 386 0.95 17.25 -1.23
C LEU C 386 1.52 16.66 -2.51
N LYS C 387 0.67 16.46 -3.51
CA LYS C 387 1.13 15.87 -4.76
C LYS C 387 1.97 16.89 -5.51
N TYR C 388 3.18 16.48 -5.91
CA TYR C 388 4.12 17.41 -6.52
C TYR C 388 3.51 18.14 -7.71
N SER C 389 2.67 17.45 -8.49
CA SER C 389 2.13 17.98 -9.75
C SER C 389 0.70 18.49 -9.63
N THR C 390 0.16 18.65 -8.44
CA THR C 390 -1.20 19.14 -8.30
C THR C 390 -1.33 20.58 -8.78
N SER C 391 -2.50 20.91 -9.30
CA SER C 391 -2.78 22.26 -9.77
C SER C 391 -3.56 23.10 -8.76
N ASP C 392 -3.78 22.60 -7.54
CA ASP C 392 -4.43 23.37 -6.48
C ASP C 392 -3.64 24.63 -6.12
N VAL C 393 -4.19 25.81 -6.42
CA VAL C 393 -3.39 27.03 -6.35
C VAL C 393 -2.96 27.33 -4.92
N GLU C 394 -3.75 26.96 -3.91
CA GLU C 394 -3.28 27.28 -2.57
C GLU C 394 -2.00 26.52 -2.20
N THR C 395 -1.63 25.49 -2.97
CA THR C 395 -0.42 24.73 -2.68
C THR C 395 0.81 25.24 -3.44
N ILE C 396 0.70 26.35 -4.18
CA ILE C 396 1.85 26.85 -4.94
C ILE C 396 3.05 27.15 -4.04
N PRO C 397 2.91 27.82 -2.89
CA PRO C 397 4.10 28.11 -2.08
C PRO C 397 4.76 26.87 -1.48
N TYR C 398 4.07 25.74 -1.39
CA TYR C 398 4.53 24.64 -0.55
C TYR C 398 5.26 23.56 -1.34
N LEU C 399 6.26 23.97 -2.13
CA LEU C 399 7.21 23.00 -2.66
C LEU C 399 7.77 22.12 -1.54
N VAL C 400 8.00 22.72 -0.36
CA VAL C 400 8.54 22.00 0.79
C VAL C 400 7.71 20.79 1.21
N LEU C 401 6.47 20.67 0.71
CA LEU C 401 5.61 19.54 1.03
C LEU C 401 5.41 18.62 -0.16
N LYS C 402 6.08 18.89 -1.29
CA LYS C 402 5.80 18.21 -2.54
C LYS C 402 7.02 17.46 -3.06
N ALA D 22 -63.10 0.76 -13.78
CA ALA D 22 -62.48 -0.14 -14.76
C ALA D 22 -60.98 -0.28 -14.48
N SER D 23 -60.26 -0.89 -15.42
CA SER D 23 -58.87 -1.30 -15.22
C SER D 23 -57.93 -0.27 -15.84
N ALA D 24 -57.11 0.33 -14.98
CA ALA D 24 -56.05 1.25 -15.42
C ALA D 24 -55.23 0.60 -16.53
N PRO D 25 -54.79 1.39 -17.51
CA PRO D 25 -53.91 0.85 -18.55
C PRO D 25 -52.60 0.35 -17.94
N LEU D 26 -51.88 -0.44 -18.73
CA LEU D 26 -50.56 -0.88 -18.34
C LEU D 26 -49.61 0.32 -18.24
N GLY D 27 -48.95 0.44 -17.11
CA GLY D 27 -48.02 1.54 -16.91
C GLY D 27 -47.17 1.41 -15.66
N PRO D 28 -46.27 2.36 -15.46
CA PRO D 28 -45.29 2.28 -14.37
C PRO D 28 -45.85 2.92 -13.11
N PHE D 29 -46.71 2.16 -12.44
CA PHE D 29 -47.44 2.59 -11.26
C PHE D 29 -48.17 1.40 -10.69
N ASN D 30 -48.48 1.48 -9.41
CA ASN D 30 -49.34 0.52 -8.75
C ASN D 30 -50.77 0.75 -9.23
N ALA D 31 -51.20 -0.07 -10.19
CA ALA D 31 -52.51 0.12 -10.79
C ALA D 31 -53.64 -0.13 -9.81
N THR D 32 -53.43 -1.00 -8.82
CA THR D 32 -54.44 -1.23 -7.79
C THR D 32 -54.73 0.05 -7.03
N LEU D 33 -53.69 0.70 -6.49
CA LEU D 33 -53.87 1.95 -5.75
C LEU D 33 -54.45 3.04 -6.64
N LEU D 34 -54.02 3.11 -7.90
CA LEU D 34 -54.57 4.11 -8.81
C LEU D 34 -56.05 3.88 -9.09
N GLU D 35 -56.45 2.63 -9.32
CA GLU D 35 -57.86 2.35 -9.56
C GLU D 35 -58.69 2.73 -8.33
N GLN D 36 -58.30 2.22 -7.16
CA GLN D 36 -59.04 2.56 -5.95
C GLN D 36 -59.11 4.08 -5.74
N LEU D 37 -58.04 4.81 -6.09
CA LEU D 37 -58.06 6.27 -5.98
C LEU D 37 -59.06 6.88 -6.94
N LYS D 38 -59.09 6.41 -8.19
CA LYS D 38 -60.07 6.90 -9.15
C LYS D 38 -61.46 6.52 -8.73
N ASN D 39 -61.63 5.27 -8.28
CA ASN D 39 -62.92 4.76 -7.85
C ASN D 39 -63.51 5.62 -6.74
N ASP D 40 -62.76 5.78 -5.65
CA ASP D 40 -63.26 6.53 -4.50
C ASP D 40 -63.48 8.01 -4.83
N TYR D 41 -62.60 8.60 -5.64
CA TYR D 41 -62.78 10.01 -6.02
C TYR D 41 -64.09 10.20 -6.77
N GLN D 42 -64.43 9.30 -7.69
CA GLN D 42 -65.67 9.43 -8.42
C GLN D 42 -66.88 9.17 -7.53
N LYS D 43 -66.72 8.30 -6.53
CA LYS D 43 -67.78 7.98 -5.57
C LYS D 43 -68.01 9.06 -4.51
N GLY D 44 -67.28 10.17 -4.56
CA GLY D 44 -67.46 11.31 -3.67
C GLY D 44 -66.85 11.16 -2.29
N GLU D 45 -66.13 10.06 -2.05
CA GLU D 45 -65.56 9.78 -0.74
C GLU D 45 -64.67 10.92 -0.25
N LYS D 46 -64.98 11.45 0.95
CA LYS D 46 -64.37 12.68 1.43
C LYS D 46 -62.85 12.56 1.54
N GLU D 47 -62.36 11.50 2.18
CA GLU D 47 -60.94 11.44 2.49
C GLU D 47 -60.11 11.40 1.22
N VAL D 48 -60.55 10.62 0.23
CA VAL D 48 -59.88 10.60 -1.07
C VAL D 48 -60.07 11.93 -1.79
N THR D 49 -61.28 12.48 -1.80
CA THR D 49 -61.55 13.75 -2.46
C THR D 49 -60.65 14.87 -1.93
N ARG D 50 -60.52 14.97 -0.60
CA ARG D 50 -59.68 16.02 -0.03
C ARG D 50 -58.22 15.84 -0.45
N TYR D 51 -57.77 14.59 -0.56
CA TYR D 51 -56.38 14.30 -0.93
C TYR D 51 -56.07 14.69 -2.37
N ILE D 52 -56.95 14.32 -3.31
CA ILE D 52 -56.73 14.65 -4.71
C ILE D 52 -56.77 16.16 -4.92
N GLU D 53 -57.55 16.88 -4.11
CA GLU D 53 -57.63 18.34 -4.17
C GLU D 53 -56.31 18.96 -3.75
N LEU D 54 -55.68 18.37 -2.73
CA LEU D 54 -54.31 18.76 -2.38
C LEU D 54 -53.36 18.52 -3.54
N GLN D 55 -53.37 17.30 -4.11
CA GLN D 55 -52.57 17.00 -5.28
C GLN D 55 -52.85 17.99 -6.40
N GLU D 56 -54.13 18.33 -6.60
CA GLU D 56 -54.45 19.32 -7.61
C GLU D 56 -53.79 20.65 -7.30
N LYS D 57 -53.74 21.04 -6.02
CA LYS D 57 -53.06 22.29 -5.72
C LYS D 57 -51.57 22.19 -5.97
N VAL D 58 -50.99 21.03 -5.68
CA VAL D 58 -49.58 20.82 -5.99
C VAL D 58 -49.33 20.83 -7.49
N ALA D 59 -50.25 20.25 -8.28
CA ALA D 59 -50.02 20.16 -9.71
C ALA D 59 -50.11 21.51 -10.42
N GLU D 60 -50.58 22.54 -9.72
CA GLU D 60 -50.86 23.81 -10.38
C GLU D 60 -49.59 24.40 -10.98
N LYS D 61 -48.44 24.19 -10.33
CA LYS D 61 -47.18 24.68 -10.86
C LYS D 61 -46.81 23.98 -12.17
N TYR D 62 -47.29 22.75 -12.36
CA TYR D 62 -46.97 22.00 -13.56
C TYR D 62 -47.78 22.47 -14.75
N ILE D 63 -48.98 23.01 -14.51
CA ILE D 63 -49.78 23.53 -15.61
C ILE D 63 -49.16 24.80 -16.15
N LYS D 64 -48.60 25.64 -15.28
CA LYS D 64 -47.97 26.88 -15.72
C LYS D 64 -46.58 26.64 -16.31
N MET D 65 -45.87 25.61 -15.86
CA MET D 65 -44.45 25.46 -16.15
C MET D 65 -44.19 25.41 -17.65
N THR D 66 -43.16 26.14 -18.10
CA THR D 66 -42.75 26.07 -19.50
C THR D 66 -42.18 24.69 -19.81
N PRO D 67 -42.60 24.03 -20.90
CA PRO D 67 -42.05 22.71 -21.24
C PRO D 67 -40.54 22.75 -21.44
N LEU D 68 -39.86 21.78 -20.84
CA LEU D 68 -38.42 21.62 -20.96
C LEU D 68 -38.04 20.78 -22.17
N SER D 69 -36.84 21.01 -22.69
CA SER D 69 -36.32 20.30 -23.84
C SER D 69 -34.84 20.04 -23.65
N VAL D 70 -34.40 18.87 -24.10
CA VAL D 70 -33.01 18.43 -23.98
C VAL D 70 -32.07 19.38 -24.71
N THR D 71 -32.59 20.17 -25.65
CA THR D 71 -31.78 21.04 -26.50
C THR D 71 -31.33 22.33 -25.82
N ALA D 72 -31.74 22.57 -24.57
CA ALA D 72 -31.40 23.80 -23.84
C ALA D 72 -30.05 23.62 -23.15
N LYS D 73 -29.02 23.44 -23.95
CA LYS D 73 -27.71 23.15 -23.44
C LYS D 73 -26.70 24.07 -24.10
N LYS D 74 -25.60 24.32 -23.39
CA LYS D 74 -24.55 25.16 -23.95
C LYS D 74 -23.53 24.30 -24.70
N LYS D 75 -22.90 23.37 -23.97
CA LYS D 75 -21.91 22.45 -24.49
C LYS D 75 -22.59 21.38 -25.34
N LEU D 76 -22.26 21.31 -26.63
CA LEU D 76 -22.89 20.26 -27.42
C LEU D 76 -22.15 18.94 -27.18
N PRO D 77 -22.78 17.80 -27.48
CA PRO D 77 -22.05 16.52 -27.39
C PRO D 77 -21.20 16.32 -28.65
N PRO D 78 -20.35 15.25 -28.71
CA PRO D 78 -19.50 15.06 -29.89
C PRO D 78 -20.24 15.07 -31.21
N SER D 79 -21.54 14.74 -31.20
CA SER D 79 -22.32 14.72 -32.44
C SER D 79 -22.68 16.10 -32.94
N LYS D 80 -22.46 17.14 -32.13
CA LYS D 80 -22.85 18.53 -32.44
C LYS D 80 -24.36 18.69 -32.54
N ASP D 81 -25.12 17.80 -31.92
CA ASP D 81 -26.56 17.77 -32.04
C ASP D 81 -27.21 18.10 -30.70
N PRO D 82 -27.86 19.25 -30.56
CA PRO D 82 -28.43 19.60 -29.26
C PRO D 82 -29.54 18.66 -28.82
N ARG D 83 -30.14 17.91 -29.75
CA ARG D 83 -31.16 16.92 -29.42
C ARG D 83 -30.61 15.61 -28.86
N ASP D 84 -29.29 15.44 -28.76
CA ASP D 84 -28.70 14.26 -28.14
C ASP D 84 -28.58 14.49 -26.63
N TYR D 85 -29.17 13.59 -25.85
CA TYR D 85 -29.06 13.65 -24.39
C TYR D 85 -27.60 13.43 -23.99
N MET D 86 -27.09 14.28 -23.09
CA MET D 86 -25.72 14.15 -22.60
C MET D 86 -25.62 14.57 -21.14
N THR D 87 -25.05 13.71 -20.30
CA THR D 87 -24.74 14.09 -18.93
C THR D 87 -23.35 13.58 -18.58
N LEU D 88 -22.86 13.98 -17.40
CA LEU D 88 -21.56 13.54 -16.91
C LEU D 88 -21.73 12.40 -15.91
N SER D 89 -20.87 11.40 -16.04
CA SER D 89 -20.94 10.32 -15.08
C SER D 89 -20.62 10.88 -13.70
N PRO D 90 -21.49 10.67 -12.71
CA PRO D 90 -21.45 11.51 -11.49
C PRO D 90 -20.21 11.35 -10.63
N TYR D 91 -19.52 10.22 -10.70
CA TYR D 91 -18.40 9.95 -9.81
C TYR D 91 -17.04 10.16 -10.49
N TRP D 92 -16.99 10.90 -11.59
CA TRP D 92 -15.75 11.11 -12.33
C TRP D 92 -15.31 12.56 -12.20
N TRP D 93 -14.06 12.76 -11.81
CA TRP D 93 -13.50 14.05 -11.43
C TRP D 93 -12.23 14.34 -12.21
N PRO D 94 -11.89 15.63 -12.39
CA PRO D 94 -10.59 15.96 -12.99
C PRO D 94 -9.47 15.53 -12.05
N ASP D 95 -8.37 15.11 -12.65
CA ASP D 95 -7.20 14.69 -11.89
C ASP D 95 -6.31 15.91 -11.68
N SER D 96 -6.18 16.37 -10.44
CA SER D 96 -5.42 17.58 -10.18
C SER D 96 -3.96 17.43 -10.61
N THR D 97 -3.43 16.20 -10.59
CA THR D 97 -2.05 15.91 -10.95
C THR D 97 -1.82 15.83 -12.47
N LYS D 98 -2.73 16.36 -13.27
CA LYS D 98 -2.56 16.42 -14.72
C LYS D 98 -2.80 17.87 -15.14
N ILE D 99 -2.01 18.33 -16.11
CA ILE D 99 -2.04 19.75 -16.47
C ILE D 99 -3.44 20.19 -16.91
N ASP D 100 -4.16 19.32 -17.62
CA ASP D 100 -5.51 19.66 -18.06
C ASP D 100 -6.59 18.84 -17.36
N GLY D 101 -6.21 18.04 -16.36
CA GLY D 101 -7.16 17.26 -15.58
C GLY D 101 -7.58 15.95 -16.19
N LEU D 102 -7.34 15.74 -17.52
CA LEU D 102 -7.68 14.54 -18.29
C LEU D 102 -6.61 13.45 -18.11
N PRO D 103 -7.00 12.17 -18.03
CA PRO D 103 -8.37 11.65 -18.00
C PRO D 103 -8.97 11.69 -16.59
N TYR D 104 -10.28 11.82 -16.49
CA TYR D 104 -10.94 11.85 -15.19
C TYR D 104 -10.69 10.56 -14.42
N ILE D 105 -10.84 10.65 -13.11
CA ILE D 105 -10.68 9.50 -12.23
C ILE D 105 -11.94 9.41 -11.38
N ARG D 106 -12.14 8.22 -10.84
CA ARG D 106 -13.38 7.84 -10.20
C ARG D 106 -13.22 7.84 -8.68
N LYS D 107 -14.19 8.43 -8.00
CA LYS D 107 -14.30 8.46 -6.54
C LYS D 107 -15.70 7.92 -6.24
N ASP D 108 -15.86 6.60 -6.09
CA ASP D 108 -17.20 6.05 -5.93
C ASP D 108 -17.94 6.71 -4.77
N GLY D 109 -19.12 7.25 -5.06
CA GLY D 109 -19.98 7.83 -4.05
C GLY D 109 -19.86 9.33 -3.87
N GLU D 110 -18.89 9.97 -4.50
CA GLU D 110 -18.71 11.41 -4.39
C GLU D 110 -19.15 12.07 -5.69
N ARG D 111 -20.30 12.73 -5.65
CA ARG D 111 -20.86 13.32 -6.86
C ARG D 111 -20.11 14.62 -7.22
N ASN D 112 -19.46 14.59 -8.37
CA ASN D 112 -18.77 15.74 -8.91
C ASN D 112 -19.79 16.80 -9.30
N PRO D 113 -19.77 17.98 -8.66
CA PRO D 113 -20.75 19.03 -9.00
C PRO D 113 -20.69 19.49 -10.44
N GLU D 114 -19.71 19.02 -11.22
CA GLU D 114 -19.75 19.31 -12.65
C GLU D 114 -20.99 18.74 -13.32
N VAL D 115 -21.65 17.76 -12.70
CA VAL D 115 -22.85 17.18 -13.31
C VAL D 115 -23.90 18.25 -13.54
N TYR D 116 -23.95 19.27 -12.69
CA TYR D 116 -25.02 20.26 -12.82
C TYR D 116 -24.77 21.24 -13.94
N GLU D 117 -23.63 21.13 -14.64
CA GLU D 117 -23.39 21.90 -15.86
C GLU D 117 -24.07 21.28 -17.07
N TYR D 118 -24.66 20.09 -16.96
CA TYR D 118 -25.39 19.52 -18.09
C TYR D 118 -26.88 19.62 -17.78
N PRO D 119 -27.61 20.57 -18.39
CA PRO D 119 -29.00 20.87 -17.97
C PRO D 119 -29.95 19.67 -18.01
N GLU D 120 -29.73 18.68 -18.89
CA GLU D 120 -30.59 17.49 -18.95
C GLU D 120 -30.66 16.76 -17.64
N ARG D 121 -29.59 16.80 -16.84
CA ARG D 121 -29.57 15.99 -15.62
C ARG D 121 -30.77 16.31 -14.72
N GLU D 122 -30.97 17.59 -14.40
CA GLU D 122 -32.09 17.98 -13.55
C GLU D 122 -33.37 18.16 -14.36
N ASN D 123 -33.23 18.53 -15.63
CA ASN D 123 -34.41 18.84 -16.44
C ASN D 123 -35.19 17.59 -16.81
N ALA D 124 -34.50 16.46 -17.02
CA ALA D 124 -35.21 15.21 -17.24
C ALA D 124 -36.04 14.86 -16.01
N ASN D 125 -35.50 15.11 -14.84
CA ASN D 125 -36.23 14.87 -13.60
C ASN D 125 -37.42 15.80 -13.46
N ARG D 126 -37.22 17.08 -13.79
CA ARG D 126 -38.32 18.04 -13.71
C ARG D 126 -39.39 17.71 -14.74
N PHE D 127 -38.98 17.36 -15.96
CA PHE D 127 -39.95 16.95 -16.97
C PHE D 127 -40.69 15.70 -16.53
N GLY D 128 -39.96 14.69 -16.06
CA GLY D 128 -40.60 13.45 -15.66
C GLY D 128 -41.64 13.66 -14.58
N ASP D 129 -41.28 14.43 -13.54
CA ASP D 129 -42.23 14.75 -12.47
C ASP D 129 -43.46 15.47 -12.98
N ALA D 130 -43.29 16.45 -13.86
CA ALA D 130 -44.46 17.17 -14.36
C ALA D 130 -45.40 16.24 -15.12
N ALA D 131 -44.84 15.51 -16.10
CA ALA D 131 -45.68 14.65 -16.92
C ALA D 131 -46.32 13.57 -16.08
N TYR D 132 -45.57 13.00 -15.15
CA TYR D 132 -46.10 11.91 -14.32
C TYR D 132 -47.26 12.41 -13.47
N CYS D 133 -47.09 13.56 -12.84
CA CYS D 133 -48.12 14.09 -11.96
C CYS D 133 -49.38 14.43 -12.74
N LEU D 134 -49.22 15.17 -13.85
CA LEU D 134 -50.37 15.59 -14.62
C LEU D 134 -51.11 14.38 -15.20
N GLY D 135 -50.37 13.42 -15.75
CA GLY D 135 -51.02 12.24 -16.32
C GLY D 135 -51.79 11.44 -15.31
N VAL D 136 -51.23 11.25 -14.12
CA VAL D 136 -51.95 10.50 -13.10
C VAL D 136 -53.17 11.28 -12.64
N LEU D 137 -53.06 12.60 -12.54
CA LEU D 137 -54.22 13.39 -12.16
C LEU D 137 -55.30 13.30 -13.22
N TYR D 138 -54.92 13.29 -14.50
CA TYR D 138 -55.93 13.17 -15.53
C TYR D 138 -56.65 11.84 -15.42
N TYR D 139 -55.90 10.77 -15.14
CA TYR D 139 -56.54 9.46 -14.96
C TYR D 139 -57.53 9.50 -13.80
N ILE D 140 -57.16 10.15 -12.70
CA ILE D 140 -58.00 10.13 -11.50
C ILE D 140 -59.22 11.01 -11.68
N THR D 141 -59.03 12.22 -12.19
CA THR D 141 -60.06 13.25 -12.18
C THR D 141 -60.79 13.39 -13.51
N GLY D 142 -60.22 12.85 -14.57
CA GLY D 142 -60.78 13.07 -15.88
C GLY D 142 -60.70 14.49 -16.39
N LYS D 143 -60.15 15.42 -15.60
CA LYS D 143 -60.15 16.81 -16.01
C LYS D 143 -59.20 17.05 -17.19
N GLU D 144 -59.74 17.59 -18.28
CA GLU D 144 -58.97 17.75 -19.52
C GLU D 144 -57.79 18.70 -19.37
N VAL D 145 -57.82 19.59 -18.38
CA VAL D 145 -56.74 20.56 -18.23
C VAL D 145 -55.45 19.84 -17.86
N TYR D 146 -55.55 18.70 -17.20
CA TYR D 146 -54.37 17.94 -16.82
C TYR D 146 -53.82 17.19 -18.03
N ALA D 147 -54.71 16.67 -18.87
CA ALA D 147 -54.25 16.01 -20.09
C ALA D 147 -53.60 17.01 -21.03
N LYS D 148 -54.17 18.20 -21.16
CA LYS D 148 -53.61 19.20 -22.05
C LYS D 148 -52.20 19.57 -21.63
N ALA D 149 -51.98 19.78 -20.33
CA ALA D 149 -50.66 20.17 -19.87
C ALA D 149 -49.69 19.01 -19.98
N CYS D 150 -50.14 17.81 -19.62
CA CYS D 150 -49.30 16.63 -19.78
C CYS D 150 -48.83 16.49 -21.22
N ALA D 151 -49.77 16.58 -22.18
CA ALA D 151 -49.42 16.42 -23.58
C ALA D 151 -48.41 17.46 -24.04
N ASN D 152 -48.55 18.68 -23.52
CA ASN D 152 -47.59 19.73 -23.84
C ASN D 152 -46.16 19.36 -23.40
N HIS D 153 -46.01 18.73 -22.24
CA HIS D 153 -44.68 18.30 -21.84
C HIS D 153 -44.18 17.13 -22.68
N LEU D 154 -45.05 16.14 -22.94
CA LEU D 154 -44.66 14.97 -23.74
C LEU D 154 -44.21 15.38 -25.14
N ARG D 155 -45.03 16.17 -25.83
CA ARG D 155 -44.68 16.63 -27.18
C ARG D 155 -43.30 17.30 -27.20
N THR D 156 -43.09 18.24 -26.27
CA THR D 156 -41.86 19.00 -26.29
C THR D 156 -40.65 18.12 -25.97
N TRP D 157 -40.76 17.26 -24.95
CA TRP D 157 -39.59 16.47 -24.55
C TRP D 157 -39.27 15.37 -25.56
N PHE D 158 -40.29 14.69 -26.10
CA PHE D 158 -40.07 13.47 -26.88
C PHE D 158 -40.12 13.70 -28.39
N THR D 159 -41.23 14.23 -28.92
CA THR D 159 -41.51 14.11 -30.36
C THR D 159 -41.33 15.38 -31.18
N ASP D 160 -41.21 16.57 -30.58
CA ASP D 160 -41.14 17.79 -31.37
C ASP D 160 -39.97 17.74 -32.36
N PRO D 161 -40.16 18.19 -33.60
CA PRO D 161 -39.09 18.04 -34.61
C PRO D 161 -37.85 18.89 -34.38
N LYS D 162 -37.91 19.91 -33.53
CA LYS D 162 -36.75 20.73 -33.21
C LYS D 162 -36.30 20.58 -31.77
N LEU D 163 -37.24 20.42 -30.86
CA LEU D 163 -36.94 20.40 -29.43
C LEU D 163 -36.91 19.01 -28.82
N GLY D 164 -37.48 18.01 -29.51
CA GLY D 164 -37.54 16.68 -28.94
C GLY D 164 -36.19 15.98 -28.94
N MET D 165 -35.98 15.11 -27.95
CA MET D 165 -34.71 14.41 -27.84
C MET D 165 -34.64 13.24 -28.83
N ASN D 166 -33.46 13.06 -29.43
CA ASN D 166 -33.24 11.91 -30.30
C ASN D 166 -33.45 10.63 -29.48
N PRO D 167 -34.03 9.59 -30.07
CA PRO D 167 -34.25 8.34 -29.30
C PRO D 167 -32.98 7.50 -29.13
N ASN D 168 -32.07 7.94 -28.26
CA ASN D 168 -30.85 7.22 -27.91
C ASN D 168 -30.31 7.76 -26.59
N MET D 169 -29.36 7.03 -26.01
CA MET D 169 -28.63 7.50 -24.84
C MET D 169 -27.14 7.40 -25.07
N THR D 170 -26.72 7.66 -26.30
CA THR D 170 -25.33 7.51 -26.69
C THR D 170 -24.39 8.29 -25.76
N TYR D 171 -24.75 9.53 -25.41
CA TYR D 171 -23.87 10.40 -24.64
C TYR D 171 -24.29 10.55 -23.18
N ALA D 172 -25.14 9.66 -22.67
CA ALA D 172 -25.48 9.69 -21.25
C ALA D 172 -24.29 9.27 -20.39
N GLN D 173 -24.06 10.02 -19.31
CA GLN D 173 -22.96 9.81 -18.35
C GLN D 173 -21.62 9.59 -19.03
N ALA D 174 -21.32 10.44 -20.02
CA ALA D 174 -19.96 10.48 -20.54
C ALA D 174 -18.96 10.91 -19.44
N VAL D 175 -17.70 10.53 -19.62
CA VAL D 175 -16.61 11.01 -18.77
C VAL D 175 -15.49 11.53 -19.67
N PRO D 176 -15.03 12.77 -19.50
CA PRO D 176 -14.04 13.32 -20.42
C PRO D 176 -12.73 12.53 -20.39
N GLY D 177 -12.13 12.41 -21.57
CA GLY D 177 -10.91 11.67 -21.76
C GLY D 177 -11.00 10.17 -21.55
N MET D 178 -12.21 9.60 -21.49
CA MET D 178 -12.34 8.14 -21.45
C MET D 178 -12.40 7.59 -22.87
N LYS D 179 -11.64 6.52 -23.12
CA LYS D 179 -11.43 5.98 -24.46
C LYS D 179 -12.59 5.11 -24.96
N LYS D 180 -13.22 4.32 -24.10
CA LYS D 180 -14.28 3.42 -24.52
C LYS D 180 -15.63 4.09 -24.35
N MET D 181 -16.59 3.75 -25.23
CA MET D 181 -17.98 4.08 -24.97
C MET D 181 -18.53 3.10 -23.94
N ARG D 182 -19.37 3.58 -23.05
CA ARG D 182 -19.93 2.73 -22.02
C ARG D 182 -21.44 2.79 -22.07
N GLY D 183 -22.09 1.79 -21.49
CA GLY D 183 -23.53 1.79 -21.44
C GLY D 183 -24.12 2.22 -20.13
N SER D 184 -23.28 2.53 -19.13
CA SER D 184 -23.75 2.78 -17.76
C SER D 184 -24.67 3.98 -17.68
N GLY D 185 -24.54 4.94 -18.61
CA GLY D 185 -25.39 6.13 -18.57
C GLY D 185 -26.85 5.87 -18.90
N PHE D 186 -27.17 4.70 -19.46
CA PHE D 186 -28.56 4.41 -19.80
C PHE D 186 -29.48 4.52 -18.58
N ILE D 187 -28.97 4.24 -17.39
CA ILE D 187 -29.76 4.29 -16.16
C ILE D 187 -30.45 5.64 -15.98
N ASP D 188 -29.93 6.69 -16.64
CA ASP D 188 -30.58 8.00 -16.58
C ASP D 188 -32.00 7.97 -17.16
N SER D 189 -32.26 7.03 -18.08
CA SER D 189 -33.53 6.98 -18.78
C SER D 189 -34.72 6.85 -17.86
N ARG D 190 -34.51 6.31 -16.65
CA ARG D 190 -35.62 6.07 -15.74
C ARG D 190 -36.37 7.33 -15.40
N ARG D 191 -35.71 8.48 -15.54
CA ARG D 191 -36.37 9.76 -15.25
C ARG D 191 -37.44 10.04 -16.30
N PHE D 192 -37.12 9.96 -17.57
CA PHE D 192 -38.14 10.28 -18.56
C PHE D 192 -38.95 9.06 -18.99
N SER D 193 -38.51 7.85 -18.70
CA SER D 193 -39.26 6.69 -19.20
C SER D 193 -40.52 6.45 -18.37
N ARG D 194 -40.54 6.83 -17.09
CA ARG D 194 -41.80 6.83 -16.36
C ARG D 194 -42.81 7.75 -17.04
N ALA D 195 -42.36 8.89 -17.55
CA ALA D 195 -43.29 9.79 -18.23
C ALA D 195 -43.78 9.18 -19.53
N LEU D 196 -42.92 8.43 -20.21
CA LEU D 196 -43.35 7.75 -21.42
C LEU D 196 -44.55 6.87 -21.13
N GLY D 197 -44.46 6.08 -20.05
CA GLY D 197 -45.53 5.14 -19.75
C GLY D 197 -46.82 5.84 -19.38
N VAL D 198 -46.72 6.93 -18.62
CA VAL D 198 -47.89 7.69 -18.21
C VAL D 198 -48.64 8.28 -19.40
N ALA D 199 -47.97 8.46 -20.55
CA ALA D 199 -48.68 8.92 -21.75
C ALA D 199 -49.88 8.03 -22.05
N LYS D 200 -49.82 6.74 -21.70
CA LYS D 200 -50.97 5.85 -21.88
C LYS D 200 -52.21 6.41 -21.22
N LEU D 201 -52.06 7.04 -20.06
CA LEU D 201 -53.21 7.48 -19.28
C LEU D 201 -53.98 8.61 -19.96
N ILE D 202 -53.34 9.41 -20.82
CA ILE D 202 -54.01 10.54 -21.45
C ILE D 202 -54.49 10.20 -22.86
N GLU D 203 -54.28 8.97 -23.33
CA GLU D 203 -54.90 8.54 -24.57
C GLU D 203 -56.40 8.59 -24.44
N GLY D 204 -57.07 9.11 -25.46
CA GLY D 204 -58.51 9.28 -25.41
C GLY D 204 -58.96 10.62 -24.91
N SER D 205 -58.06 11.45 -24.40
CA SER D 205 -58.37 12.83 -24.09
C SER D 205 -58.53 13.63 -25.37
N LYS D 206 -59.04 14.85 -25.23
CA LYS D 206 -59.14 15.68 -26.41
C LYS D 206 -57.77 16.21 -26.82
N SER D 207 -56.87 16.41 -25.86
CA SER D 207 -55.58 17.01 -26.13
C SER D 207 -54.61 16.03 -26.80
N TRP D 208 -54.72 14.74 -26.51
CA TRP D 208 -53.80 13.76 -27.06
C TRP D 208 -54.40 13.18 -28.35
N THR D 209 -54.04 13.77 -29.48
CA THR D 209 -54.61 13.36 -30.75
C THR D 209 -53.99 12.06 -31.27
N PRO D 210 -54.65 11.39 -32.21
CA PRO D 210 -54.05 10.18 -32.78
C PRO D 210 -52.71 10.46 -33.44
N SER D 211 -52.50 11.68 -33.98
CA SER D 211 -51.21 12.06 -34.54
C SER D 211 -50.14 12.17 -33.46
N ASP D 212 -50.45 12.82 -32.33
CA ASP D 212 -49.54 12.82 -31.19
C ASP D 212 -49.18 11.40 -30.81
N LYS D 213 -50.19 10.53 -30.67
CA LYS D 213 -49.92 9.16 -30.24
C LYS D 213 -49.04 8.46 -31.27
N LYS D 214 -49.27 8.73 -32.55
CA LYS D 214 -48.48 8.12 -33.59
C LYS D 214 -47.02 8.47 -33.43
N LYS D 215 -46.73 9.77 -33.25
CA LYS D 215 -45.34 10.21 -33.15
C LYS D 215 -44.66 9.59 -31.95
N LEU D 216 -45.36 9.54 -30.81
CA LEU D 216 -44.78 9.00 -29.58
C LEU D 216 -44.60 7.49 -29.68
N ASP D 217 -45.53 6.79 -30.35
CA ASP D 217 -45.33 5.38 -30.65
C ASP D 217 -44.06 5.17 -31.47
N ASP D 218 -43.84 6.01 -32.47
CA ASP D 218 -42.68 5.82 -33.33
C ASP D 218 -41.41 6.11 -32.55
N TRP D 219 -41.45 7.15 -31.71
CA TRP D 219 -40.31 7.47 -30.87
C TRP D 219 -39.99 6.32 -29.94
N ALA D 220 -41.02 5.79 -29.28
CA ALA D 220 -40.79 4.67 -28.36
C ALA D 220 -40.26 3.45 -29.09
N THR D 221 -40.82 3.14 -30.27
CA THR D 221 -40.29 2.06 -31.09
C THR D 221 -38.83 2.30 -31.44
N ALA D 222 -38.49 3.54 -31.79
CA ALA D 222 -37.10 3.84 -32.10
C ALA D 222 -36.19 3.74 -30.86
N PHE D 223 -36.64 4.25 -29.70
CA PHE D 223 -35.82 4.18 -28.49
C PHE D 223 -35.60 2.75 -28.07
N CYS D 224 -36.66 1.94 -28.15
CA CYS D 224 -36.59 0.52 -27.85
C CYS D 224 -35.62 -0.19 -28.77
N TYR D 225 -35.67 0.10 -30.07
CA TYR D 225 -34.70 -0.53 -30.97
C TYR D 225 -33.30 -0.17 -30.55
N TRP D 226 -33.07 1.10 -30.21
CA TRP D 226 -31.74 1.49 -29.73
C TRP D 226 -31.37 0.72 -28.46
N MET D 227 -32.30 0.59 -27.49
CA MET D 227 -32.00 -0.14 -26.24
C MET D 227 -31.50 -1.54 -26.52
N GLU D 228 -32.10 -2.19 -27.51
CA GLU D 228 -31.86 -3.60 -27.73
C GLU D 228 -30.72 -3.85 -28.71
N ASN D 229 -30.40 -2.90 -29.59
CA ASN D 229 -29.48 -3.19 -30.68
C ASN D 229 -28.20 -2.39 -30.67
N SER D 230 -28.18 -1.21 -30.05
CA SER D 230 -26.93 -0.47 -29.93
C SER D 230 -25.93 -1.30 -29.12
N THR D 231 -24.63 -1.10 -29.38
CA THR D 231 -23.62 -1.74 -28.55
C THR D 231 -23.79 -1.33 -27.08
N GLN D 232 -24.02 -0.05 -26.83
CA GLN D 232 -24.19 0.38 -25.43
C GLN D 232 -25.38 -0.29 -24.77
N GLY D 233 -26.49 -0.42 -25.50
CA GLY D 233 -27.67 -1.04 -24.93
C GLY D 233 -27.49 -2.51 -24.63
N GLN D 234 -26.86 -3.24 -25.54
CA GLN D 234 -26.57 -4.65 -25.29
C GLN D 234 -25.71 -4.80 -24.05
N ARG D 235 -24.63 -4.03 -23.96
N ARG D 235 -24.63 -4.02 -23.96
CA ARG D 235 -23.75 -4.07 -22.79
CA ARG D 235 -23.77 -4.09 -22.79
C ARG D 235 -24.55 -3.82 -21.52
C ARG D 235 -24.54 -3.81 -21.51
N GLU D 236 -25.38 -2.78 -21.52
CA GLU D 236 -26.12 -2.44 -20.31
C GLU D 236 -27.09 -3.53 -19.91
N SER D 237 -27.68 -4.21 -20.88
CA SER D 237 -28.60 -5.29 -20.60
C SER D 237 -27.93 -6.49 -19.95
N HIS D 238 -26.61 -6.58 -20.01
CA HIS D 238 -25.89 -7.69 -19.38
C HIS D 238 -25.12 -7.28 -18.13
N ALA D 239 -25.31 -6.04 -17.65
CA ALA D 239 -24.62 -5.60 -16.45
C ALA D 239 -25.00 -6.47 -15.26
N ALA D 240 -24.00 -6.80 -14.43
CA ALA D 240 -24.16 -7.77 -13.35
C ALA D 240 -24.72 -7.15 -12.07
N ASN D 241 -24.96 -5.84 -12.03
CA ASN D 241 -25.42 -5.21 -10.80
C ASN D 241 -26.73 -4.52 -11.09
N ASN D 242 -27.07 -3.54 -10.26
CA ASN D 242 -28.34 -2.81 -10.38
C ASN D 242 -28.51 -2.11 -11.72
N HIS D 243 -27.43 -1.91 -12.50
CA HIS D 243 -27.62 -1.35 -13.83
C HIS D 243 -28.44 -2.29 -14.70
N GLY D 244 -28.19 -3.60 -14.58
CA GLY D 244 -28.95 -4.57 -15.37
C GLY D 244 -30.41 -4.62 -14.98
N LEU D 245 -30.70 -4.50 -13.69
CA LEU D 245 -32.09 -4.47 -13.26
C LEU D 245 -32.79 -3.21 -13.75
N TRP D 246 -32.18 -2.05 -13.54
CA TRP D 246 -32.81 -0.81 -13.97
C TRP D 246 -32.99 -0.79 -15.48
N TYR D 247 -32.07 -1.41 -16.21
CA TYR D 247 -32.23 -1.53 -17.64
C TYR D 247 -33.53 -2.26 -17.97
N GLU D 248 -33.81 -3.36 -17.27
CA GLU D 248 -35.00 -4.12 -17.59
C GLU D 248 -36.25 -3.46 -17.08
N ALA D 249 -36.16 -2.75 -15.95
CA ALA D 249 -37.30 -1.93 -15.51
C ALA D 249 -37.63 -0.85 -16.55
N ILE D 250 -36.61 -0.18 -17.11
CA ILE D 250 -36.85 0.81 -18.16
C ILE D 250 -37.40 0.15 -19.42
N HIS D 251 -36.80 -0.99 -19.81
CA HIS D 251 -37.28 -1.78 -20.93
C HIS D 251 -38.77 -2.09 -20.78
N LEU D 252 -39.16 -2.54 -19.58
CA LEU D 252 -40.56 -2.86 -19.35
C LEU D 252 -41.44 -1.62 -19.53
N MET D 253 -40.99 -0.46 -19.02
CA MET D 253 -41.78 0.76 -19.23
C MET D 253 -41.98 1.04 -20.70
N VAL D 254 -40.93 0.87 -21.51
CA VAL D 254 -41.09 1.09 -22.95
C VAL D 254 -42.03 0.06 -23.53
N LEU D 255 -41.82 -1.21 -23.17
CA LEU D 255 -42.64 -2.29 -23.71
C LEU D 255 -44.10 -2.14 -23.31
N ALA D 256 -44.36 -1.73 -22.07
CA ALA D 256 -45.74 -1.53 -21.63
C ALA D 256 -46.40 -0.37 -22.36
N TYR D 257 -45.64 0.70 -22.63
CA TYR D 257 -46.23 1.78 -23.39
C TYR D 257 -46.57 1.31 -24.79
N LEU D 258 -45.76 0.44 -25.35
CA LEU D 258 -46.03 -0.10 -26.67
C LEU D 258 -46.99 -1.28 -26.64
N ASP D 259 -47.51 -1.63 -25.45
CA ASP D 259 -48.50 -2.69 -25.30
C ASP D 259 -47.98 -4.06 -25.72
N ARG D 260 -46.67 -4.26 -25.66
CA ARG D 260 -46.09 -5.55 -26.05
C ARG D 260 -46.04 -6.49 -24.84
N THR D 261 -47.23 -7.00 -24.50
CA THR D 261 -47.40 -7.85 -23.33
C THR D 261 -46.60 -9.15 -23.44
N ASP D 262 -46.41 -9.66 -24.66
CA ASP D 262 -45.61 -10.87 -24.81
C ASP D 262 -44.16 -10.60 -24.45
N ARG D 263 -43.64 -9.43 -24.80
CA ARG D 263 -42.25 -9.10 -24.51
C ARG D 263 -42.06 -8.87 -23.01
N ILE D 264 -43.02 -8.21 -22.37
CA ILE D 264 -42.98 -8.02 -20.92
C ILE D 264 -42.77 -9.35 -20.20
N ARG D 265 -43.55 -10.35 -20.60
CA ARG D 265 -43.40 -11.69 -20.04
C ARG D 265 -42.03 -12.27 -20.34
N GLU D 266 -41.56 -12.13 -21.58
CA GLU D 266 -40.26 -12.69 -21.91
C GLU D 266 -39.16 -12.06 -21.07
N VAL D 267 -39.19 -10.73 -20.96
CA VAL D 267 -38.19 -10.02 -20.16
C VAL D 267 -38.28 -10.43 -18.70
N ALA D 268 -39.51 -10.51 -18.16
CA ALA D 268 -39.67 -10.88 -16.76
C ALA D 268 -39.07 -12.25 -16.48
N GLU D 269 -39.33 -13.23 -17.34
CA GLU D 269 -38.90 -14.60 -17.05
C GLU D 269 -37.52 -14.96 -17.60
N GLN D 270 -37.12 -14.40 -18.74
CA GLN D 270 -35.84 -14.73 -19.35
C GLN D 270 -34.74 -13.72 -19.05
N SER D 271 -35.10 -12.58 -18.44
CA SER D 271 -34.09 -11.58 -18.15
C SER D 271 -34.11 -11.12 -16.69
N ILE D 272 -35.24 -10.62 -16.18
CA ILE D 272 -35.25 -10.06 -14.84
C ILE D 272 -35.01 -11.14 -13.78
N LEU D 273 -35.79 -12.21 -13.80
CA LEU D 273 -35.63 -13.26 -12.81
C LEU D 273 -34.26 -13.93 -12.86
N PRO D 274 -33.71 -14.31 -14.02
CA PRO D 274 -32.32 -14.82 -14.02
C PRO D 274 -31.32 -13.84 -13.42
N LYS D 275 -31.50 -12.53 -13.65
CA LYS D 275 -30.59 -11.55 -13.07
C LYS D 275 -30.69 -11.54 -11.55
N MET D 276 -31.91 -11.72 -11.02
CA MET D 276 -32.11 -11.88 -9.58
C MET D 276 -31.27 -13.03 -9.04
N GLY D 277 -31.31 -14.17 -9.73
CA GLY D 277 -30.65 -15.36 -9.22
C GLY D 277 -29.15 -15.22 -9.14
N ALA D 278 -28.56 -14.39 -10.00
CA ALA D 278 -27.12 -14.15 -9.98
C ALA D 278 -26.72 -13.13 -8.93
N GLN D 279 -27.62 -12.24 -8.50
CA GLN D 279 -27.27 -11.12 -7.63
C GLN D 279 -27.63 -11.31 -6.17
N ILE D 280 -28.48 -12.28 -5.82
CA ILE D 280 -28.82 -12.56 -4.42
C ILE D 280 -27.92 -13.69 -3.92
N ALA D 281 -27.21 -13.44 -2.83
CA ALA D 281 -26.38 -14.47 -2.18
C ALA D 281 -27.26 -15.29 -1.23
N ASP D 282 -26.68 -16.32 -0.62
CA ASP D 282 -27.47 -17.19 0.24
C ASP D 282 -28.10 -16.46 1.43
N ASP D 283 -27.39 -15.48 1.98
CA ASP D 283 -27.95 -14.77 3.13
C ASP D 283 -28.97 -13.71 2.74
N GLY D 284 -29.17 -13.46 1.45
CA GLY D 284 -30.08 -12.41 1.04
C GLY D 284 -29.40 -11.10 0.68
N SER D 285 -28.09 -11.01 0.87
CA SER D 285 -27.36 -9.79 0.51
C SER D 285 -27.20 -9.70 -1.00
N LEU D 286 -26.79 -8.52 -1.46
CA LEU D 286 -26.53 -8.27 -2.87
C LEU D 286 -25.04 -7.98 -3.02
N PRO D 287 -24.22 -9.01 -3.18
CA PRO D 287 -22.77 -8.79 -3.23
C PRO D 287 -22.35 -7.68 -4.18
N GLN D 288 -23.09 -7.47 -5.27
CA GLN D 288 -22.69 -6.44 -6.21
C GLN D 288 -22.80 -5.06 -5.61
N GLU D 289 -23.78 -4.84 -4.74
CA GLU D 289 -23.96 -3.54 -4.11
C GLU D 289 -23.18 -3.38 -2.81
N LEU D 290 -22.80 -4.48 -2.15
CA LEU D 290 -22.05 -4.35 -0.90
C LEU D 290 -20.66 -3.73 -1.12
N LYS D 291 -20.02 -3.99 -2.27
CA LYS D 291 -18.68 -3.48 -2.52
C LYS D 291 -18.67 -1.98 -2.88
N ARG D 292 -19.81 -1.32 -2.86
CA ARG D 292 -19.88 0.10 -3.19
C ARG D 292 -19.72 0.95 -1.93
N THR D 293 -19.27 2.19 -2.15
CA THR D 293 -19.16 3.14 -1.05
C THR D 293 -20.53 3.55 -0.52
N LEU D 294 -21.59 3.33 -1.28
CA LEU D 294 -22.93 3.63 -0.77
C LEU D 294 -23.75 2.34 -0.76
N SER D 295 -23.33 1.37 0.05
CA SER D 295 -23.78 -0.01 -0.08
C SER D 295 -25.18 -0.26 0.45
N LEU D 296 -25.66 0.51 1.44
CA LEU D 296 -27.07 0.36 1.79
C LEU D 296 -27.95 1.10 0.78
N HIS D 297 -27.48 2.22 0.24
CA HIS D 297 -28.22 2.94 -0.78
C HIS D 297 -28.38 2.11 -2.04
N TYR D 298 -27.30 1.48 -2.49
CA TYR D 298 -27.36 0.73 -3.74
C TYR D 298 -28.03 -0.63 -3.58
N SER D 299 -28.03 -1.20 -2.38
CA SER D 299 -28.90 -2.35 -2.11
C SER D 299 -30.36 -1.96 -2.28
N THR D 300 -30.74 -0.81 -1.72
CA THR D 300 -32.10 -0.34 -1.90
C THR D 300 -32.37 -0.01 -3.36
N PHE D 301 -31.44 0.68 -4.01
CA PHE D 301 -31.63 1.11 -5.39
C PHE D 301 -31.84 -0.10 -6.29
N ALA D 302 -31.12 -1.20 -6.02
CA ALA D 302 -31.30 -2.41 -6.81
C ALA D 302 -32.72 -2.97 -6.65
N LEU D 303 -33.24 -3.01 -5.43
CA LEU D 303 -34.60 -3.53 -5.26
C LEU D 303 -35.65 -2.58 -5.80
N GLU D 304 -35.38 -1.27 -5.82
CA GLU D 304 -36.38 -0.37 -6.38
C GLU D 304 -36.54 -0.56 -7.88
N ALA D 305 -35.45 -0.86 -8.59
CA ALA D 305 -35.60 -1.29 -9.98
C ALA D 305 -36.57 -2.44 -10.04
N LEU D 306 -36.39 -3.41 -9.15
CA LEU D 306 -37.28 -4.56 -9.10
C LEU D 306 -38.69 -4.17 -8.75
N MET D 307 -38.84 -3.30 -7.74
CA MET D 307 -40.16 -2.81 -7.35
C MET D 307 -40.90 -2.19 -8.54
N GLU D 308 -40.19 -1.39 -9.34
CA GLU D 308 -40.85 -0.71 -10.44
C GLU D 308 -41.12 -1.65 -11.60
N ALA D 309 -40.22 -2.60 -11.86
CA ALA D 309 -40.52 -3.65 -12.82
C ALA D 309 -41.73 -4.44 -12.37
N ASN D 310 -41.82 -4.76 -11.07
CA ASN D 310 -42.93 -5.58 -10.60
C ASN D 310 -44.28 -4.89 -10.79
N GLN D 311 -44.34 -3.56 -10.69
CA GLN D 311 -45.62 -2.90 -10.91
C GLN D 311 -46.15 -3.16 -12.31
N ILE D 312 -45.26 -3.37 -13.26
CA ILE D 312 -45.65 -3.67 -14.64
C ILE D 312 -45.85 -5.17 -14.83
N THR D 313 -44.91 -6.02 -14.38
CA THR D 313 -45.09 -7.46 -14.57
C THR D 313 -46.33 -7.95 -13.84
N SER D 314 -46.57 -7.46 -12.62
CA SER D 314 -47.71 -7.97 -11.87
C SER D 314 -49.03 -7.60 -12.52
N GLN D 315 -49.06 -6.53 -13.33
CA GLN D 315 -50.24 -6.20 -14.10
C GLN D 315 -50.57 -7.25 -15.16
N ILE D 316 -49.61 -8.11 -15.53
CA ILE D 316 -49.90 -9.24 -16.39
C ILE D 316 -49.76 -10.56 -15.64
N GLY D 317 -49.79 -10.52 -14.32
CA GLY D 317 -49.88 -11.75 -13.55
C GLY D 317 -48.58 -12.39 -13.18
N ILE D 318 -47.46 -11.66 -13.25
CA ILE D 318 -46.14 -12.16 -12.87
C ILE D 318 -45.66 -11.39 -11.65
N ASN D 319 -45.51 -12.10 -10.54
CA ASN D 319 -45.13 -11.51 -9.25
C ASN D 319 -43.63 -11.70 -9.09
N LEU D 320 -42.84 -10.63 -9.30
CA LEU D 320 -41.39 -10.71 -9.24
C LEU D 320 -40.81 -10.80 -7.82
N TRP D 321 -41.57 -10.41 -6.80
CA TRP D 321 -41.07 -10.52 -5.44
C TRP D 321 -41.05 -11.98 -4.98
N SER D 322 -42.09 -12.74 -5.34
CA SER D 322 -42.34 -14.08 -4.82
C SER D 322 -42.00 -15.20 -5.79
N THR D 323 -41.81 -14.91 -7.06
CA THR D 323 -41.47 -15.96 -8.02
C THR D 323 -39.98 -16.27 -7.93
N PRO D 324 -39.59 -17.51 -7.66
CA PRO D 324 -38.16 -17.83 -7.58
C PRO D 324 -37.54 -17.92 -8.97
N ALA D 325 -36.24 -17.69 -8.99
CA ALA D 325 -35.42 -17.89 -10.18
C ALA D 325 -35.16 -19.37 -10.41
N SER D 326 -34.51 -19.67 -11.54
CA SER D 326 -34.16 -21.04 -11.86
C SER D 326 -33.30 -21.69 -10.78
N ASN D 327 -32.43 -20.92 -10.13
CA ASN D 327 -31.58 -21.45 -9.07
C ASN D 327 -32.22 -21.35 -7.69
N GLY D 328 -33.53 -21.07 -7.62
CA GLY D 328 -34.23 -21.07 -6.35
C GLY D 328 -34.11 -19.80 -5.54
N LYS D 329 -33.23 -18.88 -5.92
CA LYS D 329 -33.17 -17.58 -5.25
C LYS D 329 -34.47 -16.85 -5.54
N VAL D 330 -34.95 -16.10 -4.57
CA VAL D 330 -36.17 -15.33 -4.77
C VAL D 330 -35.98 -13.96 -4.12
N ALA D 331 -36.50 -12.93 -4.79
CA ALA D 331 -36.32 -11.56 -4.35
C ALA D 331 -36.92 -11.33 -2.97
N SER D 332 -37.89 -12.17 -2.56
CA SER D 332 -38.37 -12.05 -1.19
C SER D 332 -37.20 -12.08 -0.23
N GLN D 333 -36.18 -12.89 -0.55
CA GLN D 333 -35.02 -13.06 0.32
C GLN D 333 -34.12 -11.82 0.43
N ALA D 334 -33.99 -11.02 -0.63
CA ALA D 334 -33.11 -9.85 -0.54
C ALA D 334 -33.73 -8.81 0.39
N VAL D 335 -35.05 -8.82 0.51
CA VAL D 335 -35.72 -7.99 1.50
C VAL D 335 -35.50 -8.54 2.91
N ASP D 336 -35.42 -9.88 3.07
CA ASP D 336 -35.12 -10.47 4.38
C ASP D 336 -33.88 -9.82 4.98
N TYR D 337 -32.80 -9.83 4.20
CA TYR D 337 -31.52 -9.35 4.69
C TYR D 337 -31.60 -7.87 5.06
N LEU D 338 -32.32 -7.07 4.27
CA LEU D 338 -32.31 -5.63 4.44
C LEU D 338 -33.29 -5.13 5.48
N TYR D 339 -34.36 -5.88 5.74
CA TYR D 339 -35.39 -5.40 6.66
C TYR D 339 -34.83 -4.95 8.00
N PRO D 340 -33.95 -5.73 8.67
CA PRO D 340 -33.39 -5.23 9.94
C PRO D 340 -32.76 -3.85 9.80
N PHE D 341 -31.91 -3.68 8.81
CA PHE D 341 -31.22 -2.41 8.62
C PHE D 341 -32.15 -1.30 8.17
N TYR D 342 -33.38 -1.61 7.75
CA TYR D 342 -34.30 -0.52 7.49
C TYR D 342 -34.89 0.02 8.77
N LEU D 343 -35.10 -0.84 9.78
CA LEU D 343 -35.53 -0.34 11.08
C LEU D 343 -34.42 0.44 11.79
N ASN D 344 -33.16 -0.02 11.65
CA ASN D 344 -32.02 0.58 12.35
C ASN D 344 -30.89 0.76 11.34
N PRO D 345 -30.89 1.85 10.58
CA PRO D 345 -29.87 2.01 9.51
C PRO D 345 -28.44 2.06 10.02
N GLU D 346 -28.22 2.43 11.27
CA GLU D 346 -26.89 2.52 11.84
C GLU D 346 -26.29 1.17 12.22
N ASP D 347 -27.04 0.06 12.11
CA ASP D 347 -26.48 -1.27 12.29
C ASP D 347 -25.78 -1.81 11.06
N TRP D 348 -25.80 -1.06 9.96
CA TRP D 348 -25.25 -1.51 8.69
C TRP D 348 -23.74 -1.72 8.79
N LYS D 349 -23.29 -2.95 8.50
CA LYS D 349 -21.92 -3.41 8.68
C LYS D 349 -20.99 -3.04 7.53
N PHE D 350 -21.49 -2.38 6.49
CA PHE D 350 -20.71 -2.10 5.29
C PHE D 350 -20.64 -0.59 5.00
N LYS D 351 -19.80 -0.25 4.02
CA LYS D 351 -19.51 1.15 3.73
C LYS D 351 -20.73 1.93 3.28
N GLN D 352 -20.95 3.09 3.91
CA GLN D 352 -22.05 4.00 3.58
C GLN D 352 -21.58 5.42 3.91
N ILE D 353 -20.80 6.00 3.00
CA ILE D 353 -20.05 7.23 3.20
C ILE D 353 -20.93 8.47 3.24
N LYS D 354 -22.25 8.26 3.26
CA LYS D 354 -23.24 9.33 3.38
C LYS D 354 -24.42 8.77 4.14
N PRO D 355 -25.18 9.61 4.84
CA PRO D 355 -26.32 9.07 5.61
C PRO D 355 -27.39 8.55 4.66
N PHE D 356 -28.00 7.42 5.04
CA PHE D 356 -29.02 6.76 4.23
C PHE D 356 -30.40 7.28 4.61
N ASP D 357 -31.20 7.61 3.59
CA ASP D 357 -32.55 8.13 3.79
C ASP D 357 -33.50 6.95 4.01
N GLN D 358 -33.88 6.72 5.27
CA GLN D 358 -34.74 5.60 5.62
C GLN D 358 -36.13 5.72 5.00
N SER D 359 -36.54 6.91 4.59
CA SER D 359 -37.90 7.09 4.11
C SER D 359 -38.20 6.35 2.82
N ARG D 360 -37.20 6.07 1.98
CA ARG D 360 -37.50 5.35 0.75
C ARG D 360 -37.94 3.92 1.01
N ALA D 361 -37.60 3.36 2.16
CA ALA D 361 -38.06 2.03 2.47
C ALA D 361 -39.57 2.01 2.69
N ALA D 362 -40.21 3.17 2.86
CA ALA D 362 -41.65 3.18 3.05
C ALA D 362 -42.34 2.56 1.84
N ILE D 363 -42.15 3.19 0.67
CA ILE D 363 -42.79 2.70 -0.54
C ILE D 363 -42.28 1.31 -0.89
N LEU D 364 -40.97 1.09 -0.77
CA LEU D 364 -40.41 -0.23 -1.07
C LEU D 364 -41.02 -1.31 -0.19
N LEU D 365 -41.08 -1.09 1.12
CA LEU D 365 -41.63 -2.11 2.00
C LEU D 365 -43.14 -2.27 1.84
N TYR D 366 -43.88 -1.22 1.48
CA TYR D 366 -45.29 -1.42 1.19
C TYR D 366 -45.47 -2.30 -0.05
N GLU D 367 -44.73 -1.99 -1.11
CA GLU D 367 -44.83 -2.74 -2.34
C GLU D 367 -44.49 -4.21 -2.11
N ALA D 368 -43.29 -4.47 -1.59
CA ALA D 368 -42.85 -5.84 -1.35
C ALA D 368 -43.74 -6.53 -0.34
N GLY D 369 -44.14 -5.81 0.70
CA GLY D 369 -45.05 -6.36 1.68
C GLY D 369 -46.37 -6.81 1.09
N THR D 370 -47.08 -5.89 0.41
CA THR D 370 -48.37 -6.23 -0.16
C THR D 370 -48.23 -7.35 -1.18
N ALA D 371 -47.14 -7.37 -1.94
CA ALA D 371 -46.96 -8.40 -2.95
C ALA D 371 -46.66 -9.76 -2.33
N LEU D 372 -46.02 -9.81 -1.16
CA LEU D 372 -45.62 -11.06 -0.54
C LEU D 372 -46.55 -11.50 0.57
N GLY D 373 -47.69 -10.82 0.76
CA GLY D 373 -48.53 -11.05 1.91
C GLY D 373 -47.82 -11.06 3.26
N ASN D 374 -46.95 -10.09 3.50
CA ASN D 374 -46.13 -10.03 4.72
C ASN D 374 -46.61 -8.81 5.51
N GLN D 375 -47.42 -9.06 6.54
CA GLN D 375 -48.03 -7.96 7.28
C GLN D 375 -46.98 -7.12 8.02
N LYS D 376 -45.90 -7.75 8.49
CA LYS D 376 -44.84 -6.99 9.15
C LYS D 376 -44.28 -5.92 8.24
N TYR D 377 -44.07 -6.25 6.96
CA TYR D 377 -43.53 -5.27 6.02
C TYR D 377 -44.51 -4.11 5.82
N VAL D 378 -45.80 -4.40 5.64
CA VAL D 378 -46.78 -3.35 5.43
C VAL D 378 -46.92 -2.48 6.68
N ASP D 379 -46.84 -3.10 7.87
CA ASP D 379 -46.97 -2.34 9.13
C ASP D 379 -45.81 -1.37 9.33
N THR D 380 -44.58 -1.87 9.21
CA THR D 380 -43.41 -0.98 9.27
C THR D 380 -43.49 0.09 8.21
N ALA D 381 -44.11 -0.21 7.07
CA ALA D 381 -44.23 0.74 5.97
C ALA D 381 -45.08 1.94 6.38
N LYS D 382 -46.22 1.69 7.04
CA LYS D 382 -47.04 2.83 7.47
C LYS D 382 -46.44 3.52 8.68
N ARG D 383 -45.66 2.79 9.50
CA ARG D 383 -44.99 3.43 10.62
C ARG D 383 -43.97 4.46 10.15
N ILE D 384 -43.13 4.09 9.17
CA ILE D 384 -42.26 5.09 8.55
C ILE D 384 -43.09 6.13 7.82
N GLY D 385 -44.03 5.69 6.99
CA GLY D 385 -44.97 6.60 6.37
C GLY D 385 -44.37 7.56 5.38
N LEU D 386 -45.25 8.29 4.69
CA LEU D 386 -44.87 9.45 3.90
C LEU D 386 -45.64 10.66 4.42
N LYS D 387 -45.10 11.84 4.19
CA LYS D 387 -45.77 13.07 4.63
C LYS D 387 -47.01 13.36 3.79
N TYR D 388 -48.14 13.56 4.47
CA TYR D 388 -49.42 13.71 3.79
C TYR D 388 -49.39 14.82 2.75
N SER D 389 -48.69 15.91 3.04
CA SER D 389 -48.69 17.08 2.17
C SER D 389 -47.45 17.18 1.30
N THR D 390 -46.65 16.12 1.19
CA THR D 390 -45.47 16.19 0.34
C THR D 390 -45.86 16.38 -1.12
N SER D 391 -45.02 17.09 -1.85
CA SER D 391 -45.22 17.31 -3.27
C SER D 391 -44.39 16.34 -4.14
N ASP D 392 -43.75 15.34 -3.51
CA ASP D 392 -43.02 14.31 -4.25
C ASP D 392 -43.98 13.50 -5.13
N VAL D 393 -43.87 13.64 -6.45
CA VAL D 393 -44.90 13.07 -7.32
C VAL D 393 -44.95 11.54 -7.20
N GLU D 394 -43.80 10.89 -6.93
CA GLU D 394 -43.85 9.43 -6.88
C GLU D 394 -44.72 8.91 -5.74
N THR D 395 -45.11 9.77 -4.79
CA THR D 395 -45.96 9.34 -3.69
C THR D 395 -47.44 9.57 -3.93
N ILE D 396 -47.83 10.02 -5.13
CA ILE D 396 -49.25 10.27 -5.42
C ILE D 396 -50.11 9.02 -5.18
N PRO D 397 -49.75 7.83 -5.66
CA PRO D 397 -50.64 6.67 -5.42
C PRO D 397 -50.74 6.26 -3.97
N TYR D 398 -49.79 6.63 -3.12
CA TYR D 398 -49.63 6.03 -1.81
C TYR D 398 -50.26 6.87 -0.71
N LEU D 399 -51.53 7.25 -0.90
CA LEU D 399 -52.36 7.78 0.18
C LEU D 399 -52.37 6.82 1.38
N VAL D 400 -52.42 5.52 1.11
CA VAL D 400 -52.39 4.50 2.14
C VAL D 400 -51.16 4.62 3.04
N LEU D 401 -50.18 5.45 2.69
CA LEU D 401 -49.00 5.63 3.52
C LEU D 401 -48.95 6.99 4.23
N LYS D 402 -50.02 7.77 4.15
CA LYS D 402 -49.98 9.15 4.63
C LYS D 402 -51.01 9.49 5.74
#